data_6V51
# 
_entry.id   6V51 
# 
_audit_conform.dict_name       mmcif_pdbx.dic 
_audit_conform.dict_version    5.380 
_audit_conform.dict_location   http://mmcif.pdb.org/dictionaries/ascii/mmcif_pdbx.dic 
# 
loop_
_database_2.database_id 
_database_2.database_code 
_database_2.pdbx_database_accession 
_database_2.pdbx_DOI 
PDB   6V51         pdb_00006v51 10.2210/pdb6v51/pdb 
WWPDB D_1000245776 ?            ?                   
# 
_pdbx_database_status.status_code                     REL 
_pdbx_database_status.status_code_sf                  REL 
_pdbx_database_status.status_code_mr                  ? 
_pdbx_database_status.entry_id                        6V51 
_pdbx_database_status.recvd_initial_deposition_date   2019-12-02 
_pdbx_database_status.SG_entry                        N 
_pdbx_database_status.deposit_site                    RCSB 
_pdbx_database_status.process_site                    RCSB 
_pdbx_database_status.status_code_cs                  ? 
_pdbx_database_status.methods_development_category    ? 
_pdbx_database_status.pdb_format_compatible           Y 
_pdbx_database_status.status_code_nmr_data            ? 
# 
loop_
_audit_author.name 
_audit_author.pdbx_ordinal 
_audit_author.identifier_ORCID 
'Liu, J.'      1 0000-0003-1766-0411 
'Morizumi, T.' 2 0000-0002-2785-209X 
'Ou, W.L.'     3 0000-0002-8069-5927 
'Wang, L.'     4 0000-0002-5859-2526 
'Ernst, O.P.'  5 0000-0002-8863-9444 
# 
_citation.abstract                  ? 
_citation.abstract_id_CAS           ? 
_citation.book_id_ISBN              ? 
_citation.book_publisher            ? 
_citation.book_publisher_city       ? 
_citation.book_title                ? 
_citation.coordinate_linkage        ? 
_citation.country                   US 
_citation.database_id_Medline       ? 
_citation.details                   ? 
_citation.id                        primary 
_citation.journal_abbrev            J.Am.Chem.Soc. 
_citation.journal_id_ASTM           JACSAT 
_citation.journal_id_CSD            ? 
_citation.journal_id_ISSN           1520-5126 
_citation.journal_full              ? 
_citation.journal_issue             ? 
_citation.journal_volume            142 
_citation.language                  ? 
_citation.page_first                17057 
_citation.page_last                 17068 
_citation.title                     
'Genetically Encoded Quinone Methides Enabling Rapid, Site-Specific, and Photocontrolled Protein Modification with Amine Reagents.' 
_citation.year                      2020 
_citation.database_id_CSD           ? 
_citation.pdbx_database_id_DOI      10.1021/jacs.0c06820 
_citation.pdbx_database_id_PubMed   32915556 
_citation.unpublished_flag          ? 
# 
loop_
_citation_author.citation_id 
_citation_author.name 
_citation_author.ordinal 
_citation_author.identifier_ORCID 
primary 'Liu, J.'       1  ? 
primary 'Cheng, R.'     2  ? 
primary 'Van Eps, N.'   3  ? 
primary 'Wang, N.'      4  ? 
primary 'Morizumi, T.'  5  ? 
primary 'Ou, W.L.'      6  ? 
primary 'Klauser, P.C.' 7  ? 
primary 'Rozovsky, S.'  8  ? 
primary 'Ernst, O.P.'   9  ? 
primary 'Wang, L.'      10 ? 
# 
_cell.angle_alpha                  90.000 
_cell.angle_alpha_esd              ? 
_cell.angle_beta                   90.000 
_cell.angle_beta_esd               ? 
_cell.angle_gamma                  120.000 
_cell.angle_gamma_esd              ? 
_cell.entry_id                     6V51 
_cell.details                      ? 
_cell.formula_units_Z              ? 
_cell.length_a                     59.407 
_cell.length_a_esd                 ? 
_cell.length_b                     59.407 
_cell.length_b_esd                 ? 
_cell.length_c                     95.489 
_cell.length_c_esd                 ? 
_cell.volume                       291849.679 
_cell.volume_esd                   ? 
_cell.Z_PDB                        6 
_cell.reciprocal_angle_alpha       ? 
_cell.reciprocal_angle_beta        ? 
_cell.reciprocal_angle_gamma       ? 
_cell.reciprocal_angle_alpha_esd   ? 
_cell.reciprocal_angle_beta_esd    ? 
_cell.reciprocal_angle_gamma_esd   ? 
_cell.reciprocal_length_a          ? 
_cell.reciprocal_length_b          ? 
_cell.reciprocal_length_c          ? 
_cell.reciprocal_length_a_esd      ? 
_cell.reciprocal_length_b_esd      ? 
_cell.reciprocal_length_c_esd      ? 
_cell.pdbx_unique_axis             ? 
# 
_symmetry.entry_id                         6V51 
_symmetry.cell_setting                     ? 
_symmetry.Int_Tables_number                154 
_symmetry.space_group_name_Hall            
;P 32 2"
;
_symmetry.space_group_name_H-M             'P 32 2 1' 
_symmetry.pdbx_full_space_group_name_H-M   ? 
# 
loop_
_entity.id 
_entity.type 
_entity.src_method 
_entity.pdbx_description 
_entity.formula_weight 
_entity.pdbx_number_of_molecules 
_entity.pdbx_ec 
_entity.pdbx_mutation 
_entity.pdbx_fragment 
_entity.details 
1 polymer     man Endolysin                                 18756.447 1   3.2.1.17 4 ? ? 
2 non-polymer syn 4-amino-2,2,6,6-tetramethylpiperidin-1-ol 171.260   2   ?        ? ? ? 
3 water       nat water                                     18.015    201 ?        ? ? ? 
# 
_entity_name_com.entity_id   1 
_entity_name_com.name        'Lysis protein,Lysozyme,Muramidase' 
# 
_entity_poly.entity_id                      1 
_entity_poly.type                           'polypeptide(L)' 
_entity_poly.nstd_linkage                   no 
_entity_poly.nstd_monomer                   no 
_entity_poly.pdbx_seq_one_letter_code       
;MNIFEMLRYDEGLRLKIYKDTEGYYTIGIGHLLTKSPSLNAAKSELDKAIGRNTNGVITKDEAEKLFNQDVDAAVRGILR
NAKLKPIYDSLDAVRRAALINMVFQMGETGVAGFTNSLRMLQQKRWDEAAYNLAKSRWYNQTPNRAKRVITTFRTGTWDA
YKNL
;
_entity_poly.pdbx_seq_one_letter_code_can   
;MNIFEMLRYDEGLRLKIYKDTEGYYTIGIGHLLTKSPSLNAAKSELDKAIGRNTNGVITKDEAEKLFNQDVDAAVRGILR
NAKLKPIYDSLDAVRRAALINMVFQMGETGVAGFTNSLRMLQQKRWDEAAYNLAKSRWYNQTPNRAKRVITTFRTGTWDA
YKNL
;
_entity_poly.pdbx_strand_id                 A 
_entity_poly.pdbx_target_identifier         ? 
# 
loop_
_entity_poly_seq.entity_id 
_entity_poly_seq.num 
_entity_poly_seq.mon_id 
_entity_poly_seq.hetero 
1 1   MET n 
1 2   ASN n 
1 3   ILE n 
1 4   PHE n 
1 5   GLU n 
1 6   MET n 
1 7   LEU n 
1 8   ARG n 
1 9   TYR n 
1 10  ASP n 
1 11  GLU n 
1 12  GLY n 
1 13  LEU n 
1 14  ARG n 
1 15  LEU n 
1 16  LYS n 
1 17  ILE n 
1 18  TYR n 
1 19  LYS n 
1 20  ASP n 
1 21  THR n 
1 22  GLU n 
1 23  GLY n 
1 24  TYR n 
1 25  TYR n 
1 26  THR n 
1 27  ILE n 
1 28  GLY n 
1 29  ILE n 
1 30  GLY n 
1 31  HIS n 
1 32  LEU n 
1 33  LEU n 
1 34  THR n 
1 35  LYS n 
1 36  SER n 
1 37  PRO n 
1 38  SER n 
1 39  LEU n 
1 40  ASN n 
1 41  ALA n 
1 42  ALA n 
1 43  LYS n 
1 44  SER n 
1 45  GLU n 
1 46  LEU n 
1 47  ASP n 
1 48  LYS n 
1 49  ALA n 
1 50  ILE n 
1 51  GLY n 
1 52  ARG n 
1 53  ASN n 
1 54  THR n 
1 55  ASN n 
1 56  GLY n 
1 57  VAL n 
1 58  ILE n 
1 59  THR n 
1 60  LYS n 
1 61  ASP n 
1 62  GLU n 
1 63  ALA n 
1 64  GLU n 
1 65  LYS n 
1 66  LEU n 
1 67  PHE n 
1 68  ASN n 
1 69  GLN n 
1 70  ASP n 
1 71  VAL n 
1 72  ASP n 
1 73  ALA n 
1 74  ALA n 
1 75  VAL n 
1 76  ARG n 
1 77  GLY n 
1 78  ILE n 
1 79  LEU n 
1 80  ARG n 
1 81  ASN n 
1 82  ALA n 
1 83  LYS n 
1 84  LEU n 
1 85  LYS n 
1 86  PRO n 
1 87  ILE n 
1 88  TYR n 
1 89  ASP n 
1 90  SER n 
1 91  LEU n 
1 92  ASP n 
1 93  ALA n 
1 94  VAL n 
1 95  ARG n 
1 96  ARG n 
1 97  ALA n 
1 98  ALA n 
1 99  LEU n 
1 100 ILE n 
1 101 ASN n 
1 102 MET n 
1 103 VAL n 
1 104 PHE n 
1 105 GLN n 
1 106 MET n 
1 107 GLY n 
1 108 GLU n 
1 109 THR n 
1 110 GLY n 
1 111 VAL n 
1 112 ALA n 
1 113 GLY n 
1 114 PHE n 
1 115 THR n 
1 116 ASN n 
1 117 SER n 
1 118 LEU n 
1 119 ARG n 
1 120 MET n 
1 121 LEU n 
1 122 GLN n 
1 123 GLN n 
1 124 LYS n 
1 125 ARG n 
1 126 TRP n 
1 127 ASP n 
1 128 GLU n 
1 129 ALA n 
1 130 ALA n 
1 131 TYR n 
1 132 ASN n 
1 133 LEU n 
1 134 ALA n 
1 135 LYS n 
1 136 SER n 
1 137 ARG n 
1 138 TRP n 
1 139 TYR n 
1 140 ASN n 
1 141 GLN n 
1 142 THR n 
1 143 PRO n 
1 144 ASN n 
1 145 ARG n 
1 146 ALA n 
1 147 LYS n 
1 148 ARG n 
1 149 VAL n 
1 150 ILE n 
1 151 THR n 
1 152 THR n 
1 153 PHE n 
1 154 ARG n 
1 155 THR n 
1 156 GLY n 
1 157 THR n 
1 158 TRP n 
1 159 ASP n 
1 160 ALA n 
1 161 TYR n 
1 162 LYS n 
1 163 ASN n 
1 164 LEU n 
# 
_entity_src_gen.entity_id                          1 
_entity_src_gen.pdbx_src_id                        1 
_entity_src_gen.pdbx_alt_source_flag               sample 
_entity_src_gen.pdbx_seq_type                      'Biological sequence' 
_entity_src_gen.pdbx_beg_seq_num                   1 
_entity_src_gen.pdbx_end_seq_num                   164 
_entity_src_gen.gene_src_common_name               ? 
_entity_src_gen.gene_src_genus                     ? 
_entity_src_gen.pdbx_gene_src_gene                 'e, T4Tp126' 
_entity_src_gen.gene_src_species                   ? 
_entity_src_gen.gene_src_strain                    ? 
_entity_src_gen.gene_src_tissue                    ? 
_entity_src_gen.gene_src_tissue_fraction           ? 
_entity_src_gen.gene_src_details                   ? 
_entity_src_gen.pdbx_gene_src_fragment             ? 
_entity_src_gen.pdbx_gene_src_scientific_name      'Enterobacteria phage T4' 
_entity_src_gen.pdbx_gene_src_ncbi_taxonomy_id     10665 
_entity_src_gen.pdbx_gene_src_variant              ? 
_entity_src_gen.pdbx_gene_src_cell_line            ? 
_entity_src_gen.pdbx_gene_src_atcc                 ? 
_entity_src_gen.pdbx_gene_src_organ                ? 
_entity_src_gen.pdbx_gene_src_organelle            ? 
_entity_src_gen.pdbx_gene_src_cell                 ? 
_entity_src_gen.pdbx_gene_src_cellular_location    ? 
_entity_src_gen.host_org_common_name               ? 
_entity_src_gen.pdbx_host_org_scientific_name      'Escherichia coli str. K-12 substr. DH10B' 
_entity_src_gen.pdbx_host_org_ncbi_taxonomy_id     316385 
_entity_src_gen.host_org_genus                     ? 
_entity_src_gen.pdbx_host_org_gene                 ? 
_entity_src_gen.pdbx_host_org_organ                ? 
_entity_src_gen.host_org_species                   ? 
_entity_src_gen.pdbx_host_org_tissue               ? 
_entity_src_gen.pdbx_host_org_tissue_fraction      ? 
_entity_src_gen.pdbx_host_org_strain               ? 
_entity_src_gen.pdbx_host_org_variant              ? 
_entity_src_gen.pdbx_host_org_cell_line            ? 
_entity_src_gen.pdbx_host_org_atcc                 ? 
_entity_src_gen.pdbx_host_org_culture_collection   ? 
_entity_src_gen.pdbx_host_org_cell                 ? 
_entity_src_gen.pdbx_host_org_organelle            ? 
_entity_src_gen.pdbx_host_org_cellular_location    ? 
_entity_src_gen.pdbx_host_org_vector_type          ? 
_entity_src_gen.pdbx_host_org_vector               ? 
_entity_src_gen.host_org_details                   ? 
_entity_src_gen.expression_system_id               ? 
_entity_src_gen.plasmid_name                       ? 
_entity_src_gen.plasmid_details                    ? 
_entity_src_gen.pdbx_description                   ? 
# 
_struct_ref.id                         1 
_struct_ref.db_name                    UNP 
_struct_ref.db_code                    D9IEF7_BPT4 
_struct_ref.pdbx_db_accession          D9IEF7 
_struct_ref.pdbx_db_isoform            ? 
_struct_ref.entity_id                  1 
_struct_ref.pdbx_seq_one_letter_code   
;MNIFEMLRIDEGLRLKIYKDTEGYYTIGIGHLLTKSPSLNAAKSELDKAIGRNCNGVITKDEAEKLFNQDVDAAVRGILR
NAKLKPVYDSLDAVRRCALINMVFQMGETGVAGFTNSLRMLQQKRWDEAAVNLAKSRWYNQTPNRAKRVITTFRTGTWDA
YKNL
;
_struct_ref.pdbx_align_begin           1 
# 
_struct_ref_seq.align_id                      1 
_struct_ref_seq.ref_id                        1 
_struct_ref_seq.pdbx_PDB_id_code              6V51 
_struct_ref_seq.pdbx_strand_id                A 
_struct_ref_seq.seq_align_beg                 1 
_struct_ref_seq.pdbx_seq_align_beg_ins_code   ? 
_struct_ref_seq.seq_align_end                 164 
_struct_ref_seq.pdbx_seq_align_end_ins_code   ? 
_struct_ref_seq.pdbx_db_accession             D9IEF7 
_struct_ref_seq.db_align_beg                  1 
_struct_ref_seq.pdbx_db_align_beg_ins_code    ? 
_struct_ref_seq.db_align_end                  164 
_struct_ref_seq.pdbx_db_align_end_ins_code    ? 
_struct_ref_seq.pdbx_auth_seq_align_beg       1 
_struct_ref_seq.pdbx_auth_seq_align_end       164 
# 
loop_
_struct_ref_seq_dif.align_id 
_struct_ref_seq_dif.pdbx_pdb_id_code 
_struct_ref_seq_dif.mon_id 
_struct_ref_seq_dif.pdbx_pdb_strand_id 
_struct_ref_seq_dif.seq_num 
_struct_ref_seq_dif.pdbx_pdb_ins_code 
_struct_ref_seq_dif.pdbx_seq_db_name 
_struct_ref_seq_dif.pdbx_seq_db_accession_code 
_struct_ref_seq_dif.db_mon_id 
_struct_ref_seq_dif.pdbx_seq_db_seq_num 
_struct_ref_seq_dif.details 
_struct_ref_seq_dif.pdbx_auth_seq_num 
_struct_ref_seq_dif.pdbx_ordinal 
1 6V51 TYR A 9   ? UNP D9IEF7 ILE 9   conflict 9   1 
1 6V51 THR A 54  ? UNP D9IEF7 CYS 54  conflict 54  2 
1 6V51 ILE A 87  ? UNP D9IEF7 VAL 87  conflict 87  3 
1 6V51 ALA A 97  ? UNP D9IEF7 CYS 97  conflict 97  4 
1 6V51 TYR A 131 ? UNP D9IEF7 VAL 131 conflict 131 5 
# 
loop_
_chem_comp.id 
_chem_comp.type 
_chem_comp.mon_nstd_flag 
_chem_comp.name 
_chem_comp.pdbx_synonyms 
_chem_comp.formula 
_chem_comp.formula_weight 
ALA 'L-peptide linking' y ALANINE                                   ?             'C3 H7 N O2'     89.093  
ARG 'L-peptide linking' y ARGININE                                  ?             'C6 H15 N4 O2 1' 175.209 
ASN 'L-peptide linking' y ASPARAGINE                                ?             'C4 H8 N2 O3'    132.118 
ASP 'L-peptide linking' y 'ASPARTIC ACID'                           ?             'C4 H7 N O4'     133.103 
CYS 'L-peptide linking' y CYSTEINE                                  ?             'C3 H7 N O2 S'   121.158 
GLN 'L-peptide linking' y GLUTAMINE                                 ?             'C5 H10 N2 O3'   146.144 
GLU 'L-peptide linking' y 'GLUTAMIC ACID'                           ?             'C5 H9 N O4'     147.129 
GLY 'peptide linking'   y GLYCINE                                   ?             'C2 H5 N O2'     75.067  
HIS 'L-peptide linking' y HISTIDINE                                 ?             'C6 H10 N3 O2 1' 156.162 
HOH non-polymer         . WATER                                     ?             'H2 O'           18.015  
ILE 'L-peptide linking' y ISOLEUCINE                                ?             'C6 H13 N O2'    131.173 
LEU 'L-peptide linking' y LEUCINE                                   ?             'C6 H13 N O2'    131.173 
LYS 'L-peptide linking' y LYSINE                                    ?             'C6 H15 N2 O2 1' 147.195 
MET 'L-peptide linking' y METHIONINE                                ?             'C5 H11 N O2 S'  149.211 
PHE 'L-peptide linking' y PHENYLALANINE                             ?             'C9 H11 N O2'    165.189 
PRO 'L-peptide linking' y PROLINE                                   ?             'C5 H9 N O2'     115.130 
QPM non-polymer         . 4-amino-2,2,6,6-tetramethylpiperidin-1-ol 4-Amino-TEMPO 'C9 H19 N2 O -1' 171.260 
SER 'L-peptide linking' y SERINE                                    ?             'C3 H7 N O3'     105.093 
THR 'L-peptide linking' y THREONINE                                 ?             'C4 H9 N O3'     119.119 
TRP 'L-peptide linking' y TRYPTOPHAN                                ?             'C11 H12 N2 O2'  204.225 
TYR 'L-peptide linking' y TYROSINE                                  ?             'C9 H11 N O3'    181.189 
VAL 'L-peptide linking' y VALINE                                    ?             'C5 H11 N O2'    117.146 
# 
_exptl.absorpt_coefficient_mu     ? 
_exptl.absorpt_correction_T_max   ? 
_exptl.absorpt_correction_T_min   ? 
_exptl.absorpt_correction_type    ? 
_exptl.absorpt_process_details    ? 
_exptl.entry_id                   6V51 
_exptl.crystals_number            1 
_exptl.details                    ? 
_exptl.method                     'X-RAY DIFFRACTION' 
_exptl.method_details             ? 
# 
_exptl_crystal.colour                      ? 
_exptl_crystal.density_diffrn              ? 
_exptl_crystal.density_Matthews            2.59 
_exptl_crystal.density_method              ? 
_exptl_crystal.density_percent_sol         52.57 
_exptl_crystal.description                 ? 
_exptl_crystal.F_000                       ? 
_exptl_crystal.id                          1 
_exptl_crystal.preparation                 ? 
_exptl_crystal.size_max                    ? 
_exptl_crystal.size_mid                    ? 
_exptl_crystal.size_min                    ? 
_exptl_crystal.size_rad                    ? 
_exptl_crystal.colour_lustre               ? 
_exptl_crystal.colour_modifier             ? 
_exptl_crystal.colour_primary              ? 
_exptl_crystal.density_meas                ? 
_exptl_crystal.density_meas_esd            ? 
_exptl_crystal.density_meas_gt             ? 
_exptl_crystal.density_meas_lt             ? 
_exptl_crystal.density_meas_temp           ? 
_exptl_crystal.density_meas_temp_esd       ? 
_exptl_crystal.density_meas_temp_gt        ? 
_exptl_crystal.density_meas_temp_lt        ? 
_exptl_crystal.pdbx_crystal_image_url      ? 
_exptl_crystal.pdbx_crystal_image_format   ? 
_exptl_crystal.pdbx_mosaicity              ? 
_exptl_crystal.pdbx_mosaicity_esd          ? 
# 
_exptl_crystal_grow.apparatus       ? 
_exptl_crystal_grow.atmosphere      ? 
_exptl_crystal_grow.crystal_id      1 
_exptl_crystal_grow.details         ? 
_exptl_crystal_grow.method          'VAPOR DIFFUSION, HANGING DROP' 
_exptl_crystal_grow.method_ref      ? 
_exptl_crystal_grow.pH              ? 
_exptl_crystal_grow.pressure        ? 
_exptl_crystal_grow.pressure_esd    ? 
_exptl_crystal_grow.seeding         ? 
_exptl_crystal_grow.seeding_ref     ? 
_exptl_crystal_grow.temp            293 
_exptl_crystal_grow.temp_details    ? 
_exptl_crystal_grow.temp_esd        ? 
_exptl_crystal_grow.time            ? 
_exptl_crystal_grow.pdbx_details    'sodium/potassium phosphate, sodium chloride, hexane-1,6-diol, 2-propanol' 
_exptl_crystal_grow.pdbx_pH_range   ? 
# 
_diffrn.ambient_environment              ? 
_diffrn.ambient_temp                     100 
_diffrn.ambient_temp_details             ? 
_diffrn.ambient_temp_esd                 ? 
_diffrn.crystal_id                       1 
_diffrn.crystal_support                  ? 
_diffrn.crystal_treatment                ? 
_diffrn.details                          ? 
_diffrn.id                               1 
_diffrn.ambient_pressure                 ? 
_diffrn.ambient_pressure_esd             ? 
_diffrn.ambient_pressure_gt              ? 
_diffrn.ambient_pressure_lt              ? 
_diffrn.ambient_temp_gt                  ? 
_diffrn.ambient_temp_lt                  ? 
_diffrn.pdbx_serial_crystal_experiment   N 
# 
_diffrn_detector.details                      ? 
_diffrn_detector.detector                     PIXEL 
_diffrn_detector.diffrn_id                    1 
_diffrn_detector.type                         'DECTRIS PILATUS3 S 6M' 
_diffrn_detector.area_resol_mean              ? 
_diffrn_detector.dtime                        ? 
_diffrn_detector.pdbx_frames_total            ? 
_diffrn_detector.pdbx_collection_time_total   ? 
_diffrn_detector.pdbx_collection_date         2019-07-12 
_diffrn_detector.pdbx_frequency               ? 
# 
_diffrn_radiation.collimation                      ? 
_diffrn_radiation.diffrn_id                        1 
_diffrn_radiation.filter_edge                      ? 
_diffrn_radiation.inhomogeneity                    ? 
_diffrn_radiation.monochromator                    ? 
_diffrn_radiation.polarisn_norm                    ? 
_diffrn_radiation.polarisn_ratio                   ? 
_diffrn_radiation.probe                            ? 
_diffrn_radiation.type                             ? 
_diffrn_radiation.xray_symbol                      ? 
_diffrn_radiation.wavelength_id                    1 
_diffrn_radiation.pdbx_monochromatic_or_laue_m_l   M 
_diffrn_radiation.pdbx_wavelength_list             ? 
_diffrn_radiation.pdbx_wavelength                  ? 
_diffrn_radiation.pdbx_diffrn_protocol             'SINGLE WAVELENGTH' 
_diffrn_radiation.pdbx_analyzer                    ? 
_diffrn_radiation.pdbx_scattering_type             x-ray 
# 
_diffrn_radiation_wavelength.id           1 
_diffrn_radiation_wavelength.wavelength   1.0332 
_diffrn_radiation_wavelength.wt           1.0 
# 
_diffrn_source.current                     ? 
_diffrn_source.details                     ? 
_diffrn_source.diffrn_id                   1 
_diffrn_source.power                       ? 
_diffrn_source.size                        ? 
_diffrn_source.source                      SYNCHROTRON 
_diffrn_source.target                      ? 
_diffrn_source.type                        'APS BEAMLINE 23-ID-D' 
_diffrn_source.voltage                     ? 
_diffrn_source.take-off_angle              ? 
_diffrn_source.pdbx_wavelength_list        1.0332 
_diffrn_source.pdbx_wavelength             ? 
_diffrn_source.pdbx_synchrotron_beamline   23-ID-D 
_diffrn_source.pdbx_synchrotron_site       APS 
# 
_reflns.B_iso_Wilson_estimate            11.7 
_reflns.entry_id                         6V51 
_reflns.data_reduction_details           ? 
_reflns.data_reduction_method            ? 
_reflns.d_resolution_high                1.5 
_reflns.d_resolution_low                 31.83 
_reflns.details                          ? 
_reflns.limit_h_max                      ? 
_reflns.limit_h_min                      ? 
_reflns.limit_k_max                      ? 
_reflns.limit_k_min                      ? 
_reflns.limit_l_max                      ? 
_reflns.limit_l_min                      ? 
_reflns.number_all                       ? 
_reflns.number_obs                       31896 
_reflns.observed_criterion               ? 
_reflns.observed_criterion_F_max         ? 
_reflns.observed_criterion_F_min         ? 
_reflns.observed_criterion_I_max         ? 
_reflns.observed_criterion_I_min         ? 
_reflns.observed_criterion_sigma_F       ? 
_reflns.observed_criterion_sigma_I       ? 
_reflns.percent_possible_obs             99.97 
_reflns.R_free_details                   ? 
_reflns.Rmerge_F_all                     ? 
_reflns.Rmerge_F_obs                     ? 
_reflns.Friedel_coverage                 ? 
_reflns.number_gt                        ? 
_reflns.threshold_expression             ? 
_reflns.pdbx_redundancy                  2 
_reflns.pdbx_Rmerge_I_obs                0.01 
_reflns.pdbx_Rmerge_I_all                ? 
_reflns.pdbx_Rsym_value                  ? 
_reflns.pdbx_netI_over_av_sigmaI         ? 
_reflns.pdbx_netI_over_sigmaI            40.17 
_reflns.pdbx_res_netI_over_av_sigmaI_2   ? 
_reflns.pdbx_res_netI_over_sigmaI_2      ? 
_reflns.pdbx_chi_squared                 ? 
_reflns.pdbx_scaling_rejects             ? 
_reflns.pdbx_d_res_high_opt              ? 
_reflns.pdbx_d_res_low_opt               ? 
_reflns.pdbx_d_res_opt_method            ? 
_reflns.phase_calculation_details        ? 
_reflns.pdbx_Rrim_I_all                  0.01309 
_reflns.pdbx_Rpim_I_all                  0.01 
_reflns.pdbx_d_opt                       ? 
_reflns.pdbx_number_measured_all         ? 
_reflns.pdbx_diffrn_id                   1 
_reflns.pdbx_ordinal                     1 
_reflns.pdbx_CC_half                     1 
_reflns.pdbx_CC_star                     ? 
_reflns.pdbx_R_split                     ? 
# 
_reflns_shell.d_res_high                  1.5 
_reflns_shell.d_res_low                   1.554 
_reflns_shell.meanI_over_sigI_all         ? 
_reflns_shell.meanI_over_sigI_obs         ? 
_reflns_shell.number_measured_all         ? 
_reflns_shell.number_measured_obs         ? 
_reflns_shell.number_possible             ? 
_reflns_shell.number_unique_all           ? 
_reflns_shell.number_unique_obs           3148 
_reflns_shell.percent_possible_all        100 
_reflns_shell.percent_possible_obs        ? 
_reflns_shell.Rmerge_F_all                ? 
_reflns_shell.Rmerge_F_obs                ? 
_reflns_shell.Rmerge_I_all                ? 
_reflns_shell.Rmerge_I_obs                0.043 
_reflns_shell.meanI_over_sigI_gt          ? 
_reflns_shell.meanI_over_uI_all           ? 
_reflns_shell.meanI_over_uI_gt            ? 
_reflns_shell.number_measured_gt          ? 
_reflns_shell.number_unique_gt            ? 
_reflns_shell.percent_possible_gt         ? 
_reflns_shell.Rmerge_F_gt                 ? 
_reflns_shell.Rmerge_I_gt                 ? 
_reflns_shell.pdbx_redundancy             2 
_reflns_shell.pdbx_Rsym_value             ? 
_reflns_shell.pdbx_chi_squared            ? 
_reflns_shell.pdbx_netI_over_sigmaI_all   ? 
_reflns_shell.pdbx_netI_over_sigmaI_obs   ? 
_reflns_shell.pdbx_Rrim_I_all             0.061 
_reflns_shell.pdbx_Rpim_I_all             0.043 
_reflns_shell.pdbx_rejects                ? 
_reflns_shell.pdbx_ordinal                1 
_reflns_shell.pdbx_diffrn_id              1 
_reflns_shell.pdbx_CC_half                0.994 
_reflns_shell.pdbx_CC_star                ? 
_reflns_shell.pdbx_R_split                ? 
# 
_refine.aniso_B[1][1]                            ? 
_refine.aniso_B[1][2]                            ? 
_refine.aniso_B[1][3]                            ? 
_refine.aniso_B[2][2]                            ? 
_refine.aniso_B[2][3]                            ? 
_refine.aniso_B[3][3]                            ? 
_refine.B_iso_max                                ? 
_refine.B_iso_mean                               15.31 
_refine.B_iso_min                                ? 
_refine.correlation_coeff_Fo_to_Fc               ? 
_refine.correlation_coeff_Fo_to_Fc_free          ? 
_refine.details                                  ? 
_refine.diff_density_max                         ? 
_refine.diff_density_max_esd                     ? 
_refine.diff_density_min                         ? 
_refine.diff_density_min_esd                     ? 
_refine.diff_density_rms                         ? 
_refine.diff_density_rms_esd                     ? 
_refine.entry_id                                 6V51 
_refine.pdbx_refine_id                           'X-RAY DIFFRACTION' 
_refine.ls_abs_structure_details                 ? 
_refine.ls_abs_structure_Flack                   ? 
_refine.ls_abs_structure_Flack_esd               ? 
_refine.ls_abs_structure_Rogers                  ? 
_refine.ls_abs_structure_Rogers_esd              ? 
_refine.ls_d_res_high                            1.5 
_refine.ls_d_res_low                             31.83 
_refine.ls_extinction_coef                       ? 
_refine.ls_extinction_coef_esd                   ? 
_refine.ls_extinction_expression                 ? 
_refine.ls_extinction_method                     ? 
_refine.ls_goodness_of_fit_all                   ? 
_refine.ls_goodness_of_fit_all_esd               ? 
_refine.ls_goodness_of_fit_obs                   ? 
_refine.ls_goodness_of_fit_obs_esd               ? 
_refine.ls_hydrogen_treatment                    ? 
_refine.ls_matrix_type                           ? 
_refine.ls_number_constraints                    ? 
_refine.ls_number_parameters                     ? 
_refine.ls_number_reflns_all                     ? 
_refine.ls_number_reflns_obs                     31894 
_refine.ls_number_reflns_R_free                  ? 
_refine.ls_number_reflns_R_work                  ? 
_refine.ls_number_restraints                     ? 
_refine.ls_percent_reflns_obs                    100 
_refine.ls_percent_reflns_R_free                 ? 
_refine.ls_R_factor_all                          ? 
_refine.ls_R_factor_obs                          ? 
_refine.ls_R_factor_R_free                       0.1839 
_refine.ls_R_factor_R_free_error                 ? 
_refine.ls_R_factor_R_free_error_details         ? 
_refine.ls_R_factor_R_work                       0.1684 
_refine.ls_R_Fsqd_factor_obs                     ? 
_refine.ls_R_I_factor_obs                        ? 
_refine.ls_redundancy_reflns_all                 ? 
_refine.ls_redundancy_reflns_obs                 ? 
_refine.ls_restrained_S_all                      ? 
_refine.ls_restrained_S_obs                      ? 
_refine.ls_shift_over_esd_max                    ? 
_refine.ls_shift_over_esd_mean                   ? 
_refine.ls_structure_factor_coef                 ? 
_refine.ls_weighting_details                     ? 
_refine.ls_weighting_scheme                      ? 
_refine.ls_wR_factor_all                         ? 
_refine.ls_wR_factor_obs                         ? 
_refine.ls_wR_factor_R_free                      ? 
_refine.ls_wR_factor_R_work                      ? 
_refine.occupancy_max                            ? 
_refine.occupancy_min                            ? 
_refine.solvent_model_details                    ? 
_refine.solvent_model_param_bsol                 ? 
_refine.solvent_model_param_ksol                 ? 
_refine.pdbx_R_complete                          ? 
_refine.ls_R_factor_gt                           ? 
_refine.ls_goodness_of_fit_gt                    ? 
_refine.ls_goodness_of_fit_ref                   ? 
_refine.ls_shift_over_su_max                     ? 
_refine.ls_shift_over_su_max_lt                  ? 
_refine.ls_shift_over_su_mean                    ? 
_refine.ls_shift_over_su_mean_lt                 ? 
_refine.pdbx_ls_sigma_I                          ? 
_refine.pdbx_ls_sigma_F                          ? 
_refine.pdbx_ls_sigma_Fsqd                       ? 
_refine.pdbx_data_cutoff_high_absF               ? 
_refine.pdbx_data_cutoff_high_rms_absF           ? 
_refine.pdbx_data_cutoff_low_absF                ? 
_refine.pdbx_isotropic_thermal_model             ? 
_refine.pdbx_ls_cross_valid_method               'FREE R-VALUE' 
_refine.pdbx_method_to_determine_struct          'MOLECULAR REPLACEMENT' 
_refine.pdbx_starting_model                      1P2L 
_refine.pdbx_stereochemistry_target_values       ? 
_refine.pdbx_R_Free_selection_details            ? 
_refine.pdbx_stereochem_target_val_spec_case     ? 
_refine.pdbx_overall_ESU_R                       ? 
_refine.pdbx_overall_ESU_R_Free                  ? 
_refine.pdbx_solvent_vdw_probe_radii             ? 
_refine.pdbx_solvent_ion_probe_radii             ? 
_refine.pdbx_solvent_shrinkage_radii             ? 
_refine.pdbx_real_space_R                        ? 
_refine.pdbx_density_correlation                 ? 
_refine.pdbx_pd_number_of_powder_patterns        ? 
_refine.pdbx_pd_number_of_points                 ? 
_refine.pdbx_pd_meas_number_of_points            ? 
_refine.pdbx_pd_proc_ls_prof_R_factor            ? 
_refine.pdbx_pd_proc_ls_prof_wR_factor           ? 
_refine.pdbx_pd_Marquardt_correlation_coeff      ? 
_refine.pdbx_pd_Fsqrd_R_factor                   ? 
_refine.pdbx_pd_ls_matrix_band_width             ? 
_refine.pdbx_overall_phase_error                 ? 
_refine.pdbx_overall_SU_R_free_Cruickshank_DPI   ? 
_refine.pdbx_overall_SU_R_free_Blow_DPI          ? 
_refine.pdbx_overall_SU_R_Blow_DPI               ? 
_refine.pdbx_TLS_residual_ADP_flag               ? 
_refine.pdbx_diffrn_id                           1 
_refine.overall_SU_B                             ? 
_refine.overall_SU_ML                            ? 
_refine.overall_SU_R_Cruickshank_DPI             ? 
_refine.overall_SU_R_free                        ? 
_refine.overall_FOM_free_R_set                   ? 
_refine.overall_FOM_work_R_set                   ? 
_refine.pdbx_average_fsc_overall                 ? 
_refine.pdbx_average_fsc_work                    ? 
_refine.pdbx_average_fsc_free                    ? 
# 
_refine_hist.pdbx_refine_id                   'X-RAY DIFFRACTION' 
_refine_hist.cycle_id                         LAST 
_refine_hist.pdbx_number_atoms_protein        1319 
_refine_hist.pdbx_number_atoms_nucleic_acid   0 
_refine_hist.pdbx_number_atoms_ligand         24 
_refine_hist.number_atoms_solvent             201 
_refine_hist.number_atoms_total               1544 
_refine_hist.d_res_high                       1.5 
_refine_hist.d_res_low                        31.83 
# 
loop_
_refine_ls_restr.pdbx_refine_id 
_refine_ls_restr.criterion 
_refine_ls_restr.dev_ideal 
_refine_ls_restr.dev_ideal_target 
_refine_ls_restr.number 
_refine_ls_restr.rejects 
_refine_ls_restr.type 
_refine_ls_restr.weight 
_refine_ls_restr.pdbx_restraint_function 
'X-RAY DIFFRACTION' ? 0.0064  ? 1377 ? f_bond_d           ? ? 
'X-RAY DIFFRACTION' ? 1.1488  ? 1867 ? f_angle_d          ? ? 
'X-RAY DIFFRACTION' ? 0.0491  ? 201  ? f_chiral_restr     ? ? 
'X-RAY DIFFRACTION' ? 0.0055  ? 235  ? f_plane_restr      ? ? 
'X-RAY DIFFRACTION' ? 14.2657 ? 519  ? f_dihedral_angle_d ? ? 
# 
_struct.entry_id                     6V51 
_struct.title                        'Spin-labeled T4 Lysozyme (9/131FnbY)-(4-Amino-TEMPO)' 
_struct.pdbx_model_details           ? 
_struct.pdbx_formula_weight          ? 
_struct.pdbx_formula_weight_method   ? 
_struct.pdbx_model_type_details      ? 
_struct.pdbx_CASP_flag               N 
# 
_struct_keywords.entry_id        6V51 
_struct_keywords.text            'Lysozyme, HYDROLASE' 
_struct_keywords.pdbx_keywords   HYDROLASE 
# 
loop_
_struct_asym.id 
_struct_asym.pdbx_blank_PDB_chainid_flag 
_struct_asym.pdbx_modified 
_struct_asym.entity_id 
_struct_asym.details 
A N N 1 ? 
B N N 2 ? 
C N N 2 ? 
D N N 3 ? 
# 
loop_
_struct_conf.conf_type_id 
_struct_conf.id 
_struct_conf.pdbx_PDB_helix_id 
_struct_conf.beg_label_comp_id 
_struct_conf.beg_label_asym_id 
_struct_conf.beg_label_seq_id 
_struct_conf.pdbx_beg_PDB_ins_code 
_struct_conf.end_label_comp_id 
_struct_conf.end_label_asym_id 
_struct_conf.end_label_seq_id 
_struct_conf.pdbx_end_PDB_ins_code 
_struct_conf.beg_auth_comp_id 
_struct_conf.beg_auth_asym_id 
_struct_conf.beg_auth_seq_id 
_struct_conf.end_auth_comp_id 
_struct_conf.end_auth_asym_id 
_struct_conf.end_auth_seq_id 
_struct_conf.pdbx_PDB_helix_class 
_struct_conf.details 
_struct_conf.pdbx_PDB_helix_length 
HELX_P HELX_P1  AA1 ASN A 2   ? GLY A 12  ? ASN A 2   GLY A 12  1 ? 11 
HELX_P HELX_P2  AA2 SER A 38  ? GLY A 51  ? SER A 38  GLY A 51  1 ? 14 
HELX_P HELX_P3  AA3 THR A 59  ? ARG A 80  ? THR A 59  ARG A 80  1 ? 22 
HELX_P HELX_P4  AA4 LYS A 83  ? LEU A 91  ? LYS A 83  LEU A 91  1 ? 9  
HELX_P HELX_P5  AA5 ASP A 92  ? GLY A 113 ? ASP A 92  GLY A 113 1 ? 22 
HELX_P HELX_P6  AA6 PHE A 114 ? GLN A 123 ? PHE A 114 GLN A 123 1 ? 10 
HELX_P HELX_P7  AA7 ARG A 125 ? LYS A 135 ? ARG A 125 LYS A 135 1 ? 11 
HELX_P HELX_P8  AA8 SER A 136 ? THR A 142 ? SER A 136 THR A 142 1 ? 7  
HELX_P HELX_P9  AA9 THR A 142 ? GLY A 156 ? THR A 142 GLY A 156 1 ? 15 
HELX_P HELX_P10 AB1 TRP A 158 ? LYS A 162 ? TRP A 158 LYS A 162 5 ? 5  
# 
_struct_conf_type.id          HELX_P 
_struct_conf_type.criteria    ? 
_struct_conf_type.reference   ? 
# 
_struct_sheet.id               AA1 
_struct_sheet.type             ? 
_struct_sheet.number_strands   3 
_struct_sheet.details          ? 
# 
loop_
_struct_sheet_order.sheet_id 
_struct_sheet_order.range_id_1 
_struct_sheet_order.range_id_2 
_struct_sheet_order.offset 
_struct_sheet_order.sense 
AA1 1 2 ? anti-parallel 
AA1 2 3 ? anti-parallel 
# 
loop_
_struct_sheet_range.sheet_id 
_struct_sheet_range.id 
_struct_sheet_range.beg_label_comp_id 
_struct_sheet_range.beg_label_asym_id 
_struct_sheet_range.beg_label_seq_id 
_struct_sheet_range.pdbx_beg_PDB_ins_code 
_struct_sheet_range.end_label_comp_id 
_struct_sheet_range.end_label_asym_id 
_struct_sheet_range.end_label_seq_id 
_struct_sheet_range.pdbx_end_PDB_ins_code 
_struct_sheet_range.beg_auth_comp_id 
_struct_sheet_range.beg_auth_asym_id 
_struct_sheet_range.beg_auth_seq_id 
_struct_sheet_range.end_auth_comp_id 
_struct_sheet_range.end_auth_asym_id 
_struct_sheet_range.end_auth_seq_id 
AA1 1 ARG A 14 ? LYS A 19 ? ARG A 14 LYS A 19 
AA1 2 TYR A 25 ? GLY A 28 ? TYR A 25 GLY A 28 
AA1 3 HIS A 31 ? LEU A 32 ? HIS A 31 LEU A 32 
# 
loop_
_pdbx_struct_sheet_hbond.sheet_id 
_pdbx_struct_sheet_hbond.range_id_1 
_pdbx_struct_sheet_hbond.range_id_2 
_pdbx_struct_sheet_hbond.range_1_label_atom_id 
_pdbx_struct_sheet_hbond.range_1_label_comp_id 
_pdbx_struct_sheet_hbond.range_1_label_asym_id 
_pdbx_struct_sheet_hbond.range_1_label_seq_id 
_pdbx_struct_sheet_hbond.range_1_PDB_ins_code 
_pdbx_struct_sheet_hbond.range_1_auth_atom_id 
_pdbx_struct_sheet_hbond.range_1_auth_comp_id 
_pdbx_struct_sheet_hbond.range_1_auth_asym_id 
_pdbx_struct_sheet_hbond.range_1_auth_seq_id 
_pdbx_struct_sheet_hbond.range_2_label_atom_id 
_pdbx_struct_sheet_hbond.range_2_label_comp_id 
_pdbx_struct_sheet_hbond.range_2_label_asym_id 
_pdbx_struct_sheet_hbond.range_2_label_seq_id 
_pdbx_struct_sheet_hbond.range_2_PDB_ins_code 
_pdbx_struct_sheet_hbond.range_2_auth_atom_id 
_pdbx_struct_sheet_hbond.range_2_auth_comp_id 
_pdbx_struct_sheet_hbond.range_2_auth_asym_id 
_pdbx_struct_sheet_hbond.range_2_auth_seq_id 
AA1 1 2 N TYR A 18 ? N TYR A 18 O THR A 26 ? O THR A 26 
AA1 2 3 N ILE A 27 ? N ILE A 27 O HIS A 31 ? O HIS A 31 
# 
loop_
_struct_site.id 
_struct_site.pdbx_evidence_code 
_struct_site.pdbx_auth_asym_id 
_struct_site.pdbx_auth_comp_id 
_struct_site.pdbx_auth_seq_id 
_struct_site.pdbx_auth_ins_code 
_struct_site.pdbx_num_residues 
_struct_site.details 
AC1 Software A QPM 201 ? 6 'binding site for residue QPM A 201' 
AC2 Software A QPM 202 ? 3 'binding site for residue QPM A 202' 
# 
loop_
_struct_site_gen.id 
_struct_site_gen.site_id 
_struct_site_gen.pdbx_num_res 
_struct_site_gen.label_comp_id 
_struct_site_gen.label_asym_id 
_struct_site_gen.label_seq_id 
_struct_site_gen.pdbx_auth_ins_code 
_struct_site_gen.auth_comp_id 
_struct_site_gen.auth_asym_id 
_struct_site_gen.auth_seq_id 
_struct_site_gen.label_atom_id 
_struct_site_gen.label_alt_id 
_struct_site_gen.symmetry 
_struct_site_gen.details 
1 AC1 6 MET A 1   ? MET A 1   . ? 1_555 ? 
2 AC1 6 GLU A 5   ? GLU A 5   . ? 1_555 ? 
3 AC1 6 ARG A 8   ? ARG A 8   . ? 1_555 ? 
4 AC1 6 TYR A 9   ? TYR A 9   . ? 1_555 ? 
5 AC1 6 TYR A 161 ? TYR A 161 . ? 1_555 ? 
6 AC1 6 LEU A 164 ? LEU A 164 . ? 1_555 ? 
7 AC2 3 ASP A 127 ? ASP A 127 . ? 1_555 ? 
8 AC2 3 TYR A 131 ? TYR A 131 . ? 1_555 ? 
9 AC2 3 HOH D .   ? HOH A 318 . ? 1_555 ? 
# 
_atom_sites.entry_id                    6V51 
_atom_sites.Cartn_transf_matrix[1][1]   ? 
_atom_sites.Cartn_transf_matrix[1][2]   ? 
_atom_sites.Cartn_transf_matrix[1][3]   ? 
_atom_sites.Cartn_transf_matrix[2][1]   ? 
_atom_sites.Cartn_transf_matrix[2][2]   ? 
_atom_sites.Cartn_transf_matrix[2][3]   ? 
_atom_sites.Cartn_transf_matrix[3][1]   ? 
_atom_sites.Cartn_transf_matrix[3][2]   ? 
_atom_sites.Cartn_transf_matrix[3][3]   ? 
_atom_sites.Cartn_transf_vector[1]      ? 
_atom_sites.Cartn_transf_vector[2]      ? 
_atom_sites.Cartn_transf_vector[3]      ? 
_atom_sites.fract_transf_matrix[1][1]   -0.00797217 
_atom_sites.fract_transf_matrix[1][2]   0.01408767 
_atom_sites.fract_transf_matrix[1][3]   0.01076062 
_atom_sites.fract_transf_matrix[2][1]   -0.01739699 
_atom_sites.fract_transf_matrix[2][2]   0.00722411 
_atom_sites.fract_transf_matrix[2][3]   -0.00479103 
_atom_sites.fract_transf_matrix[3][1]   -0.00464832 
_atom_sites.fract_transf_matrix[3][2]   -0.00721419 
_atom_sites.fract_transf_matrix[3][3]   0.00600095 
_atom_sites.fract_transf_vector[1]      0.464918 
_atom_sites.fract_transf_vector[2]      -0.310490 
_atom_sites.fract_transf_vector[3]      -0.064969 
_atom_sites.solution_primary            ? 
_atom_sites.solution_secondary          ? 
_atom_sites.solution_hydrogens          ? 
_atom_sites.special_details             ? 
# 
loop_
_atom_type.symbol 
C 
N 
O 
S 
# 
loop_
_atom_site.group_PDB 
_atom_site.id 
_atom_site.type_symbol 
_atom_site.label_atom_id 
_atom_site.label_alt_id 
_atom_site.label_comp_id 
_atom_site.label_asym_id 
_atom_site.label_entity_id 
_atom_site.label_seq_id 
_atom_site.pdbx_PDB_ins_code 
_atom_site.Cartn_x 
_atom_site.Cartn_y 
_atom_site.Cartn_z 
_atom_site.occupancy 
_atom_site.B_iso_or_equiv 
_atom_site.pdbx_formal_charge 
_atom_site.auth_seq_id 
_atom_site.auth_comp_id 
_atom_site.auth_asym_id 
_atom_site.auth_atom_id 
_atom_site.pdbx_PDB_model_num 
ATOM   1    N N   . MET A 1 1   ? 0.64803   11.47813  12.86813  1.000 28.05000 ? 1   MET A N   1 
ATOM   2    C CA  . MET A 1 1   ? 0.61092   10.59913  11.70588  1.000 20.38000 ? 1   MET A CA  1 
ATOM   3    C C   . MET A 1 1   ? 1.42503   9.31451   11.86362  1.000 15.64000 ? 1   MET A C   1 
ATOM   4    O O   . MET A 1 1   ? 2.48634   9.29883   12.48537  1.000 17.19000 ? 1   MET A O   1 
ATOM   5    C CB  . MET A 1 1   ? 1.09452   11.35263  10.46122  1.000 20.90000 ? 1   MET A CB  1 
ATOM   6    C CG  . MET A 1 1   ? 0.00872   12.11265  9.72413   1.000 28.87000 ? 1   MET A CG  1 
ATOM   7    S SD  . MET A 1 1   ? -1.26870  10.96712  9.20727   1.000 41.40000 ? 1   MET A SD  1 
ATOM   8    C CE  . MET A 1 1   ? -0.42666  9.90841   8.04231   1.000 24.38000 ? 1   MET A CE  1 
ATOM   9    N N   . ASN A 1 2   ? 0.92208   8.22729   11.27163  1.000 12.21000 ? 2   ASN A N   1 
ATOM   10   C CA  . ASN A 1 2   ? 1.62215   6.94883   11.21581  1.000 10.35000 ? 2   ASN A CA  1 
ATOM   11   C C   . ASN A 1 2   ? 1.11477   6.18384   9.99389   1.000 8.61000  ? 2   ASN A C   1 
ATOM   12   O O   . ASN A 1 2   ? 0.18011   6.61222   9.31547   1.000 8.93000  ? 2   ASN A O   1 
ATOM   13   C CB  . ASN A 1 2   ? 1.44688   6.15386   12.52380  1.000 9.74000  ? 2   ASN A CB  1 
ATOM   14   C CG  . ASN A 1 2   ? 0.00150   5.84433   12.83475  1.000 11.56000 ? 2   ASN A CG  1 
ATOM   15   O OD1 . ASN A 1 2   ? -0.69001  5.21373   12.04185  1.000 10.83000 ? 2   ASN A OD1 1 
ATOM   16   N ND2 . ASN A 1 2   ? -0.47246  6.31088   13.98131  1.000 13.49000 ? 2   ASN A ND2 1 
ATOM   17   N N   . ILE A 1 3   ? 1.72697   5.02170   9.74284   1.000 9.75000  ? 3   ILE A N   1 
ATOM   18   C CA  . ILE A 1 3   ? 1.41430   4.23500   8.54791   1.000 8.47000  ? 3   ILE A CA  1 
ATOM   19   C C   . ILE A 1 3   ? -0.05250  3.81000   8.52720   1.000 8.72000  ? 3   ILE A C   1 
ATOM   20   O O   . ILE A 1 3   ? -0.66711  3.73717   7.45227   1.000 9.06000  ? 3   ILE A O   1 
ATOM   21   C CB  . ILE A 1 3   ? 2.36750   3.02502   8.43894   1.000 8.46000  ? 3   ILE A CB  1 
ATOM   22   C CG1 . ILE A 1 3   ? 2.05981   2.17030   7.20450   1.000 8.80000  ? 3   ILE A CG1 1 
ATOM   23   C CG2 . ILE A 1 3   ? 2.28856   2.12044   9.67407   1.000 11.15000 ? 3   ILE A CG2 1 
ATOM   24   C CD1 . ILE A 1 3   ? 2.12534   2.93029   5.89333   1.000 9.22000  ? 3   ILE A CD1 1 
ATOM   25   N N   . PHE A 1 4   ? -0.63939  3.50861   9.69267   1.000 8.13000  ? 4   PHE A N   1 
ATOM   26   C CA  . PHE A 1 4   ? -2.04294  3.09233   9.69478   1.000 7.73000  ? 4   PHE A CA  1 
ATOM   27   C C   . PHE A 1 4   ? -2.94704  4.23796   9.26884   1.000 8.97000  ? 4   PHE A C   1 
ATOM   28   O O   . PHE A 1 4   ? -3.84312  4.05536   8.43376   1.000 9.57000  ? 4   PHE A O   1 
ATOM   29   C CB  . PHE A 1 4   ? -2.44235  2.55847   11.07850  1.000 8.16000  ? 4   PHE A CB  1 
ATOM   30   C CG  . PHE A 1 4   ? -1.79710  1.25023   11.42431  1.000 8.44000  ? 4   PHE A CG  1 
ATOM   31   C CD1 . PHE A 1 4   ? -0.56938  1.21248   12.04547  1.000 12.05000 ? 4   PHE A CD1 1 
ATOM   32   C CD2 . PHE A 1 4   ? -2.41606  0.04606   11.10968  1.000 12.42000 ? 4   PHE A CD2 1 
ATOM   33   C CE1 . PHE A 1 4   ? 0.03601   -0.01168  12.35852  1.000 14.70000 ? 4   PHE A CE1 1 
ATOM   34   C CE2 . PHE A 1 4   ? -1.81297  -1.18279  11.42403  1.000 14.10000 ? 4   PHE A CE2 1 
ATOM   35   C CZ  . PHE A 1 4   ? -0.58747  -1.19971  12.04409  1.000 13.38000 ? 4   PHE A CZ  1 
ATOM   36   N N   . GLU A 1 5   ? -2.70649  5.42104   9.81820   1.000 8.91000  ? 5   GLU A N   1 
ATOM   37   C CA  . GLU A 1 5   ? -3.43254  6.62074   9.42765   1.000 9.96000  ? 5   GLU A CA  1 
ATOM   38   C C   . GLU A 1 5   ? -3.25870  6.92404   7.93930   1.000 10.05000 ? 5   GLU A C   1 
ATOM   39   O O   . GLU A 1 5   ? -4.22670  7.20753   7.22840   1.000 9.59000  ? 5   GLU A O   1 
ATOM   40   C CB  . GLU A 1 5   ? -2.88719  7.75775   10.26938  1.000 13.37000 ? 5   GLU A CB  1 
ATOM   41   C CG  . GLU A 1 5   ? -3.04380  7.51627   11.78432  1.000 18.44000 ? 5   GLU A CG  1 
ATOM   42   C CD  . GLU A 1 5   ? -3.05350  8.81063   12.60691  1.000 25.83000 ? 5   GLU A CD  1 
ATOM   43   O OE1 . GLU A 1 5   ? -2.61528  9.88938   12.12296  1.000 30.85000 ? 5   GLU A OE1 1 
ATOM   44   O OE2 . GLU A 1 5   ? -3.55745  8.75399   13.74693  1.000 30.17000 ? 5   GLU A OE2 1 
ATOM   45   N N   . MET A 1 6   ? -2.01947  6.85577   7.47867   1.000 8.62000  ? 6   MET A N   1 
ATOM   46   C CA  . MET A 1 6   ? -1.67907  7.16860   6.09764   1.000 9.34000  ? 6   MET A CA  1 
ATOM   47   C C   . MET A 1 6   ? -2.44292  6.28248   5.13347   1.000 9.10000  ? 6   MET A C   1 
ATOM   48   O O   . MET A 1 6   ? -3.08083  6.77027   4.18920   1.000 8.89000  ? 6   MET A O   1 
ATOM   49   C CB  . MET A 1 6   ? -0.17631  6.97504   5.94356   1.000 8.43000  ? 6   MET A CB  1 
ATOM   50   C CG  . MET A 1 6   ? 0.39178   7.39992   4.60660   1.000 8.59000  ? 6   MET A CG  1 
ATOM   51   S SD  . MET A 1 6   ? 2.00251   6.63961   4.37835   1.000 8.28000  ? 6   MET A SD  1 
ATOM   52   C CE  . MET A 1 6   ? 2.76976   7.76203   3.21580   1.000 10.03000 ? 6   MET A CE  1 
ATOM   53   N N   . LEU A 1 7   ? -2.40161  4.97087   5.36691   1.000 8.72000  ? 7   LEU A N   1 
ATOM   54   C CA  . LEU A 1 7   ? -3.08973  4.04898   4.47949   1.000 8.64000  ? 7   LEU A CA  1 
ATOM   55   C C   . LEU A 1 7   ? -4.59871  4.12061   4.64272   1.000 9.10000  ? 7   LEU A C   1 
ATOM   56   O O   . LEU A 1 7   ? -5.33000  3.89889   3.67360   1.000 9.99000  ? 7   LEU A O   1 
ATOM   57   C CB  . LEU A 1 7   ? -2.59129  2.62865   4.72690   1.000 8.14000  ? 7   LEU A CB  1 
ATOM   58   C CG  . LEU A 1 7   ? -1.28495  2.33812   3.99173   1.000 8.64000  ? 7   LEU A CG  1 
ATOM   59   C CD1 . LEU A 1 7   ? -0.69375  1.03467   4.52479   1.000 10.72000 ? 7   LEU A CD1 1 
ATOM   60   C CD2 . LEU A 1 7   ? -1.52533  2.24342   2.48235   1.000 9.44000  ? 7   LEU A CD2 1 
ATOM   61   N N   . ARG A 1 8   ? -5.09332  4.41051   5.84535   1.000 8.17000  ? 8   ARG A N   1 
ATOM   62   C CA  . ARG A 1 8   ? -6.53018  4.59411   6.00884   1.000 10.45000 ? 8   ARG A CA  1 
ATOM   63   C C   . ARG A 1 8   ? -7.03317  5.74623   5.14230   1.000 10.65000 ? 8   ARG A C   1 
ATOM   64   O O   . ARG A 1 8   ? -8.11001  5.65742   4.53297   1.000 12.11000 ? 8   ARG A O   1 
ATOM   65   C CB  . ARG A 1 8   ? -6.85182  4.81804   7.48602   1.000 12.66000 ? 8   ARG A CB  1 
ATOM   66   C CG  . ARG A 1 8   ? -8.26212  5.22723   7.77550   1.000 18.33000 ? 8   ARG A CG  1 
ATOM   67   C CD  . ARG A 1 8   ? -9.25423  4.10832   7.53259   1.000 19.65000 ? 8   ARG A CD  1 
ATOM   68   N NE  . ARG A 1 8   ? -10.60172 4.57758   7.83474   1.000 24.05000 ? 8   ARG A NE  1 
ATOM   69   C CZ  . ARG A 1 8   ? -11.31907 5.34434   7.01947   1.000 23.78000 ? 8   ARG A CZ  1 
ATOM   70   N NH1 . ARG A 1 8   ? -10.82150 5.72135   5.84607   1.000 24.37000 ? 8   ARG A NH1 1 
ATOM   71   N NH2 . ARG A 1 8   ? -12.53588 5.73360   7.37554   1.000 30.08000 ? 8   ARG A NH2 1 
ATOM   72   N N   . TYR A 1 9   ? -6.25432  6.82537   5.04482   1.000 10.32000 ? 9   TYR A N   1 
ATOM   73   C CA  . TYR A 1 9   ? -6.63577  7.89909   4.13803   1.000 11.00000 ? 9   TYR A CA  1 
ATOM   74   C C   . TYR A 1 9   ? -6.55514  7.45874   2.69038   1.000 10.65000 ? 9   TYR A C   1 
ATOM   75   O O   . TYR A 1 9   ? -7.46754  7.71414   1.90153   1.000 13.73000 ? 9   TYR A O   1 
ATOM   76   C CB  . TYR A 1 9   ? -5.74770  9.11889   4.28204   1.000 15.69000 ? 9   TYR A CB  1 
ATOM   77   C CG  . TYR A 1 9   ? -6.22541  10.20098  3.33169   1.000 13.68000 ? 9   TYR A CG  1 
ATOM   78   C CD1 . TYR A 1 9   ? -7.40915  10.89382  3.56703   1.000 17.90000 ? 9   TYR A CD1 1 
ATOM   79   C CD2 . TYR A 1 9   ? -5.54716  10.46134  2.15802   1.000 15.22000 ? 9   TYR A CD2 1 
ATOM   80   C CE1 . TYR A 1 9   ? -7.86772  11.86160  2.69128   1.000 20.34000 ? 9   TYR A CE1 1 
ATOM   81   C CE2 . TYR A 1 9   ? -6.00647  11.42029  1.26759   1.000 16.92000 ? 9   TYR A CE2 1 
ATOM   82   C CZ  . TYR A 1 9   ? -7.16906  12.12054  1.55089   1.000 20.32000 ? 9   TYR A CZ  1 
ATOM   83   O OH  . TYR A 1 9   ? -7.66741  13.08644  0.70314   1.000 24.58000 ? 9   TYR A OH  1 
ATOM   84   N N   . ASP A 1 10  ? -5.42060  6.88419   2.30087   1.000 8.31000  ? 10  ASP A N   1 
ATOM   85   C CA  . ASP A 1 10  ? -5.20828  6.56297   0.89951   1.000 8.61000  ? 10  ASP A CA  1 
ATOM   86   C C   . ASP A 1 10  ? -6.17095  5.49461   0.39466   1.000 9.72000  ? 10  ASP A C   1 
ATOM   87   O O   . ASP A 1 10  ? -6.52480  5.50095   -0.78971  1.000 13.16000 ? 10  ASP A O   1 
ATOM   88   C CB  . ASP A 1 10  ? -3.76168  6.11327   0.68891   1.000 8.67000  ? 10  ASP A CB  1 
ATOM   89   C CG  . ASP A 1 10  ? -2.77601  7.27084   0.71331   1.000 10.14000 ? 10  ASP A CG  1 
ATOM   90   O OD1 . ASP A 1 10  ? -3.18699  8.42446   0.45208   1.000 10.02000 ? 10  ASP A OD1 1 
ATOM   91   O OD2 . ASP A 1 10  ? -1.56710  7.04046   0.97838   1.000 9.99000  ? 10  ASP A OD2 1 
ATOM   92   N N   . GLU A 1 11  ? -6.57897  4.55754   1.25033   1.000 8.56000  ? 11  GLU A N   1 
ATOM   93   C CA  . GLU A 1 11  ? -7.42542  3.45972   0.79834   1.000 8.71000  ? 11  GLU A CA  1 
ATOM   94   C C   . GLU A 1 11  ? -8.90130  3.63320   1.11662   1.000 10.21000 ? 11  GLU A C   1 
ATOM   95   O O   . GLU A 1 11  ? -9.73359  2.97716   0.47202   1.000 14.14000 ? 11  GLU A O   1 
ATOM   96   C CB  . GLU A 1 11  ? -6.95677  2.14044   1.41987   1.000 10.85000 ? 11  GLU A CB  1 
ATOM   97   C CG  . GLU A 1 11  ? -5.53057  1.75662   1.08245   1.000 12.04000 ? 11  GLU A CG  1 
ATOM   98   C CD  . GLU A 1 11  ? -5.35689  1.28636   -0.34652  1.000 15.76000 ? 11  GLU A CD  1 
ATOM   99   O OE1 . GLU A 1 11  ? -6.37130  1.14253   -1.06263  1.000 16.87000 ? 11  GLU A OE1 1 
ATOM   100  O OE2 . GLU A 1 11  ? -4.19934  1.06421   -0.77096  1.000 16.14000 ? 11  GLU A OE2 1 
ATOM   101  N N   . GLY A 1 12  ? -9.24953  4.46616   2.08732   1.000 10.32000 ? 12  GLY A N   1 
ATOM   102  C CA  . GLY A 1 12  ? -10.63178 4.59085   2.50325   1.000 11.20000 ? 12  GLY A CA  1 
ATOM   103  C C   . GLY A 1 12  ? -11.08774 3.38741   3.31392   1.000 11.77000 ? 12  GLY A C   1 
ATOM   104  O O   . GLY A 1 12  ? -10.32645 2.48003   3.63994   1.000 12.23000 ? 12  GLY A O   1 
ATOM   105  N N   . LEU A 1 13  ? -12.37686 3.39236   3.63709   1.000 11.78000 ? 13  LEU A N   1 
ATOM   106  C CA  . LEU A 1 13  ? -12.99500 2.28124   4.35635   1.000 12.29000 ? 13  LEU A CA  1 
ATOM   107  C C   . LEU A 1 13  ? -14.33559 1.97567   3.71667   1.000 13.77000 ? 13  LEU A C   1 
ATOM   108  O O   . LEU A 1 13  ? -15.20091 2.85550   3.62944   1.000 14.97000 ? 13  LEU A O   1 
ATOM   109  C CB  . LEU A 1 13  ? -13.17787 2.60844   5.83832   1.000 13.54000 ? 13  LEU A CB  1 
ATOM   110  C CG  . LEU A 1 13  ? -14.04932 1.63009   6.63091   1.000 15.00000 ? 13  LEU A CG  1 
ATOM   111  C CD1 . LEU A 1 13  ? -13.35570 0.29417   6.78370   1.000 14.60000 ? 13  LEU A CD1 1 
ATOM   112  C CD2 . LEU A 1 13  ? -14.36313 2.21990   7.99035   1.000 18.95000 ? 13  LEU A CD2 1 
ATOM   113  N N   . ARG A 1 14  ? -14.50331 0.73813   3.26295   1.000 11.14000 ? 14  ARG A N   1 
ATOM   114  C CA  . ARG A 1 14  ? -15.76673 0.26796   2.71552   1.000 11.74000 ? 14  ARG A CA  1 
ATOM   115  C C   . ARG A 1 14  ? -16.07547 -1.08466  3.33873   1.000 11.07000 ? 14  ARG A C   1 
ATOM   116  O O   . ARG A 1 14  ? -15.19079 -1.94168  3.43871   1.000 11.65000 ? 14  ARG A O   1 
ATOM   117  C CB  . ARG A 1 14  ? -15.71360 0.15023   1.19291   1.000 14.29000 ? 14  ARG A CB  1 
ATOM   118  C CG  . ARG A 1 14  ? -15.78515 1.49015   0.45880   1.000 18.11000 ? 14  ARG A CG  1 
ATOM   119  C CD  . ARG A 1 14  ? -17.21056 2.01071   0.50050   1.000 21.74000 ? 14  ARG A CD  1 
ATOM   120  N NE  . ARG A 1 14  ? -17.44657 3.14802   -0.38819  1.000 26.47000 ? 14  ARG A NE  1 
ATOM   121  C CZ  . ARG A 1 14  ? -17.90292 3.04023   -1.63211  1.000 29.80000 ? 14  ARG A CZ  1 
ATOM   122  N NH1 . ARG A 1 14  ? -18.15889 1.84043   -2.15067  1.000 26.33000 ? 14  ARG A NH1 1 
ATOM   123  N NH2 . ARG A 1 14  ? -18.10147 4.13386   -2.35758  1.000 29.84000 ? 14  ARG A NH2 1 
ATOM   124  N N   . LEU A 1 15  ? -17.31479 -1.27783  3.77467   1.000 10.15000 ? 15  LEU A N   1 
ATOM   125  C CA  . LEU A 1 15  ? -17.66206 -2.50934  4.46478   1.000 9.51000  ? 15  LEU A CA  1 
ATOM   126  C C   . LEU A 1 15  ? -18.27844 -3.56049  3.55606   1.000 9.76000  ? 15  LEU A C   1 
ATOM   127  O O   . LEU A 1 15  ? -18.48379 -4.69000  4.00231   1.000 11.25000 ? 15  LEU A O   1 
ATOM   128  C CB  . LEU A 1 15  ? -18.61414 -2.20778  5.62199   1.000 11.15000 ? 15  LEU A CB  1 
ATOM   129  C CG  . LEU A 1 15  ? -18.01910 -1.30070  6.69523   1.000 12.82000 ? 15  LEU A CG  1 
ATOM   130  C CD1 . LEU A 1 15  ? -19.00144 -1.17815  7.85462   1.000 15.52000 ? 15  LEU A CD1 1 
ATOM   131  C CD2 . LEU A 1 15  ? -16.67288 -1.80507  7.16832   1.000 14.99000 ? 15  LEU A CD2 1 
ATOM   132  N N   . LYS A 1 16  ? -18.56052 -3.22927  2.30480   1.000 9.63000  ? 16  LYS A N   1 
ATOM   133  C CA  . LYS A 1 16  ? -19.06732 -4.16828  1.31737   1.000 9.58000  ? 16  LYS A CA  1 
ATOM   134  C C   . LYS A 1 16  ? -18.04863 -4.30319  0.19396   1.000 10.03000 ? 16  LYS A C   1 
ATOM   135  O O   . LYS A 1 16  ? -17.34301 -3.34317  -0.12962  1.000 9.91000  ? 16  LYS A O   1 
ATOM   136  C CB  . LYS A 1 16  ? -20.41741 -3.68802  0.76518   1.000 13.11000 ? 16  LYS A CB  1 
ATOM   137  C CG  . LYS A 1 16  ? -21.04875 -4.61642  -0.25710  1.000 16.59000 ? 16  LYS A CG  1 
ATOM   138  C CD  . LYS A 1 16  ? -22.40999 -4.09330  -0.71230  1.000 20.31000 ? 16  LYS A CD  1 
ATOM   139  C CE  . LYS A 1 16  ? -23.46493 -4.31140  0.35128   1.000 28.29000 ? 16  LYS A CE  1 
ATOM   140  N NZ  . LYS A 1 16  ? -24.84733 -4.14592  -0.18903  1.000 35.27000 ? 16  LYS A NZ  1 
ATOM   141  N N   . ILE A 1 17  ? -17.96959 -5.50179  -0.39524  1.000 8.67000  ? 17  ILE A N   1 
ATOM   142  C CA  . ILE A 1 17  ? -17.08408 -5.74288  -1.52782  1.000 8.79000  ? 17  ILE A CA  1 
ATOM   143  C C   . ILE A 1 17  ? -17.25739 -4.64771  -2.56170  1.000 9.27000  ? 17  ILE A C   1 
ATOM   144  O O   . ILE A 1 17  ? -18.38394 -4.28061  -2.91972  1.000 10.19000 ? 17  ILE A O   1 
ATOM   145  C CB  . ILE A 1 17  ? -17.34763 -7.12620  -2.14550  1.000 8.71000  ? 17  ILE A CB  1 
ATOM   146  C CG1 . ILE A 1 17  ? -17.00033 -8.23720  -1.15468  1.000 10.34000 ? 17  ILE A CG1 1 
ATOM   147  C CG2 . ILE A 1 17  ? -16.54615 -7.28208  -3.44492  1.000 11.82000 ? 17  ILE A CG2 1 
ATOM   148  C CD1 . ILE A 1 17  ? -17.36983 -9.62073  -1.64351  1.000 10.60000 ? 17  ILE A CD1 1 
ATOM   149  N N   . TYR A 1 18  ? -16.13072 -4.10879  -3.02874  1.000 8.53000  ? 18  TYR A N   1 
ATOM   150  C CA  . TYR A 1 18  ? -16.11041 -3.07341  -4.05258  1.000 9.22000  ? 18  TYR A CA  1 
ATOM   151  C C   . TYR A 1 18  ? -14.95405 -3.36528  -4.99976  1.000 7.85000  ? 18  TYR A C   1 
ATOM   152  O O   . TYR A 1 18  ? -14.17454 -4.29954  -4.79664  1.000 9.89000  ? 18  TYR A O   1 
ATOM   153  C CB  . TYR A 1 18  ? -15.98834 -1.67652  -3.41998  1.000 9.94000  ? 18  TYR A CB  1 
ATOM   154  C CG  . TYR A 1 18  ? -14.66348 -1.39557  -2.72784  1.000 9.66000  ? 18  TYR A CG  1 
ATOM   155  C CD1 . TYR A 1 18  ? -14.43770 -1.80221  -1.42239  1.000 11.81000 ? 18  TYR A CD1 1 
ATOM   156  C CD2 . TYR A 1 18  ? -13.64335 -0.68742  -3.37236  1.000 13.25000 ? 18  TYR A CD2 1 
ATOM   157  C CE1 . TYR A 1 18  ? -13.23608 -1.53726  -0.77340  1.000 11.69000 ? 18  TYR A CE1 1 
ATOM   158  C CE2 . TYR A 1 18  ? -12.42755 -0.42678  -2.72455  1.000 13.19000 ? 18  TYR A CE2 1 
ATOM   159  C CZ  . TYR A 1 18  ? -12.23124 -0.85384  -1.42808  1.000 15.36000 ? 18  TYR A CZ  1 
ATOM   160  O OH  . TYR A 1 18  ? -11.04167 -0.61195  -0.74983  1.000 17.11000 ? 18  TYR A OH  1 
ATOM   161  N N   . LYS A 1 19  ? -14.82601 -2.56888  -6.05294  1.000 9.05000  ? 19  LYS A N   1 
ATOM   162  C CA  . LYS A 1 19  ? -13.69465 -2.70123  -6.95686  1.000 9.95000  ? 19  LYS A CA  1 
ATOM   163  C C   . LYS A 1 19  ? -12.69372 -1.57679  -6.72141  1.000 9.17000  ? 19  LYS A C   1 
ATOM   164  O O   . LYS A 1 19  ? -13.07736 -0.41128  -6.56499  1.000 11.88000 ? 19  LYS A O   1 
ATOM   165  C CB  . LYS A 1 19  ? -14.15397 -2.69856  -8.40884  1.000 10.13000 ? 19  LYS A CB  1 
ATOM   166  C CG  . LYS A 1 19  ? -14.87803 -3.95688  -8.80889  1.000 11.58000 ? 19  LYS A CG  1 
ATOM   167  C CD  . LYS A 1 19  ? -15.24437 -3.87128  -10.27062 1.000 14.27000 ? 19  LYS A CD  1 
ATOM   168  C CE  . LYS A 1 19  ? -15.96668 -5.11657  -10.71824 1.000 17.01000 ? 19  LYS A CE  1 
ATOM   169  N NZ  . LYS A 1 19  ? -16.34408 -4.96165  -12.14883 1.000 18.77000 ? 19  LYS A NZ  1 
ATOM   170  N N   . ASP A 1 20  ? -11.41168 -1.94724  -6.68151  1.000 8.86000  ? 20  ASP A N   1 
ATOM   171  C CA  . ASP A 1 20  ? -10.33407 -1.00092  -6.42105  1.000 9.69000  ? 20  ASP A CA  1 
ATOM   172  C C   . ASP A 1 20  ? -10.00413 -0.23559  -7.70246  1.000 10.66000 ? 20  ASP A C   1 
ATOM   173  O O   . ASP A 1 20  ? -10.70281 -0.33697  -8.71803  1.000 9.61000  ? 20  ASP A O   1 
ATOM   174  C CB  . ASP A 1 20  ? -9.12697  -1.72776  -5.80664  1.000 9.91000  ? 20  ASP A CB  1 
ATOM   175  C CG  . ASP A 1 20  ? -8.33066  -2.59647  -6.80305  1.000 11.82000 ? 20  ASP A CG  1 
ATOM   176  O OD1 . ASP A 1 20  ? -8.61292  -2.62626  -8.01378  1.000 10.65000 ? 20  ASP A OD1 1 
ATOM   177  O OD2 . ASP A 1 20  ? -7.38428  -3.30241  -6.35849  1.000 17.31000 ? 20  ASP A OD2 1 
ATOM   178  N N   . THR A 1 21  ? -8.92852  0.55249   -7.66520  1.000 9.78000  ? 21  THR A N   1 
ATOM   179  C CA  . THR A 1 21  ? -8.60236  1.40989   -8.80220  1.000 9.22000  ? 21  THR A CA  1 
ATOM   180  C C   . THR A 1 21  ? -8.21763  0.61361   -10.04082 1.000 11.12000 ? 21  THR A C   1 
ATOM   181  O O   . THR A 1 21  ? -8.26842  1.16347   -11.14500 1.000 10.27000 ? 21  THR A O   1 
ATOM   182  C CB  . THR A 1 21  ? -7.47242  2.38814   -8.45235  1.000 12.48000 ? 21  THR A CB  1 
ATOM   183  O OG1 . THR A 1 21  ? -6.23886  1.68249   -8.26314  1.000 14.83000 ? 21  THR A OG1 1 
ATOM   184  C CG2 . THR A 1 21  ? -7.81288  3.18502   -7.21538  1.000 16.04000 ? 21  THR A CG2 1 
ATOM   185  N N   . GLU A 1 22  ? -7.83332  -0.65664  -9.89509  1.000 10.53000 ? 22  GLU A N   1 
ATOM   186  C CA  . GLU A 1 22  ? -7.52520  -1.50791  -11.03579 1.000 9.88000  ? 22  GLU A CA  1 
ATOM   187  C C   . GLU A 1 22  ? -8.69833  -2.37869  -11.45219 1.000 11.58000 ? 22  GLU A C   1 
ATOM   188  O O   . GLU A 1 22  ? -8.55681  -3.19108  -12.37155 1.000 13.29000 ? 22  GLU A O   1 
ATOM   189  C CB  . GLU A 1 22  ? -6.31810  -2.40103  -10.73296 1.000 13.15000 ? 22  GLU A CB  1 
ATOM   190  C CG  . GLU A 1 22  ? -5.01392  -1.64611  -10.56549 1.000 15.84000 ? 22  GLU A CG  1 
ATOM   191  C CD  . GLU A 1 22  ? -4.47960  -1.05167  -11.87309 1.000 22.05000 ? 22  GLU A CD  1 
ATOM   192  O OE1 . GLU A 1 22  ? -4.85583  -1.51361  -12.97636 1.000 24.24000 ? 22  GLU A OE1 1 
ATOM   193  O OE2 . GLU A 1 22  ? -3.67034  -0.10323  -11.79526 1.000 30.00000 ? 22  GLU A OE2 1 
ATOM   194  N N   . GLY A 1 23  ? -9.84873  -2.22997  -10.80335 1.000 8.85000  ? 23  GLY A N   1 
ATOM   195  C CA  . GLY A 1 23  ? -11.00880 -3.03191  -11.12687 1.000 9.59000  ? 23  GLY A CA  1 
ATOM   196  C C   . GLY A 1 23  ? -11.09950 -4.35249  -10.39920 1.000 11.09000 ? 23  GLY A C   1 
ATOM   197  O O   . GLY A 1 23  ? -11.90956 -5.20010  -10.79269 1.000 13.13000 ? 23  GLY A O   1 
ATOM   198  N N   . TYR A 1 24  ? -10.30624 -4.55070  -9.35118  1.000 9.65000  ? 24  TYR A N   1 
ATOM   199  C CA  . TYR A 1 24  ? -10.23270 -5.82917  -8.65332  1.000 9.22000  ? 24  TYR A CA  1 
ATOM   200  C C   . TYR A 1 24  ? -11.06086 -5.79090  -7.38160  1.000 8.35000  ? 24  TYR A C   1 
ATOM   201  O O   . TYR A 1 24  ? -11.04807 -4.79681  -6.65127  1.000 9.06000  ? 24  TYR A O   1 
ATOM   202  C CB  . TYR A 1 24  ? -8.78728  -6.17301  -8.29433  1.000 9.81000  ? 24  TYR A CB  1 
ATOM   203  C CG  . TYR A 1 24  ? -7.84577  -6.33897  -9.46424  1.000 11.00000 ? 24  TYR A CG  1 
ATOM   204  C CD1 . TYR A 1 24  ? -8.24034  -7.02071  -10.60515 1.000 13.87000 ? 24  TYR A CD1 1 
ATOM   205  C CD2 . TYR A 1 24  ? -6.56056  -5.82303  -9.41379  1.000 13.37000 ? 24  TYR A CD2 1 
ATOM   206  C CE1 . TYR A 1 24  ? -7.36735  -7.18268  -11.67849 1.000 17.76000 ? 24  TYR A CE1 1 
ATOM   207  C CE2 . TYR A 1 24  ? -5.68746  -5.97410  -10.47918 1.000 13.84000 ? 24  TYR A CE2 1 
ATOM   208  C CZ  . TYR A 1 24  ? -6.10057  -6.65339  -11.60183 1.000 19.20000 ? 24  TYR A CZ  1 
ATOM   209  O OH  . TYR A 1 24  ? -5.23098  -6.80934  -12.66185 1.000 24.18000 ? 24  TYR A OH  1 
ATOM   210  N N   . TYR A 1 25  ? -11.74325 -6.90178  -7.09400  1.000 9.43000  ? 25  TYR A N   1 
ATOM   211  C CA  . TYR A 1 25  ? -12.57785 -6.97441  -5.90124  1.000 8.08000  ? 25  TYR A CA  1 
ATOM   212  C C   . TYR A 1 25  ? -11.75117 -6.84692  -4.62949  1.000 8.79000  ? 25  TYR A C   1 
ATOM   213  O O   . TYR A 1 25  ? -10.72528 -7.51845  -4.46238  1.000 8.86000  ? 25  TYR A O   1 
ATOM   214  C CB  . TYR A 1 25  ? -13.36827 -8.27867  -5.88616  1.000 9.02000  ? 25  TYR A CB  1 
ATOM   215  C CG  . TYR A 1 25  ? -14.42564 -8.34869  -6.95167  1.000 8.86000  ? 25  TYR A CG  1 
ATOM   216  C CD1 . TYR A 1 25  ? -15.47856 -7.44971  -6.96573  1.000 10.93000 ? 25  TYR A CD1 1 
ATOM   217  C CD2 . TYR A 1 25  ? -14.37450 -9.32757  -7.93179  1.000 12.40000 ? 25  TYR A CD2 1 
ATOM   218  C CE1 . TYR A 1 25  ? -16.46058 -7.51610  -7.94233  1.000 13.35000 ? 25  TYR A CE1 1 
ATOM   219  C CE2 . TYR A 1 25  ? -15.34785 -9.39616  -8.91479  1.000 14.08000 ? 25  TYR A CE2 1 
ATOM   220  C CZ  . TYR A 1 25  ? -16.38133 -8.49186  -8.90217  1.000 12.61000 ? 25  TYR A CZ  1 
ATOM   221  O OH  . TYR A 1 25  ? -17.36619 -8.55172  -9.87485  1.000 19.04000 ? 25  TYR A OH  1 
ATOM   222  N N   . THR A 1 26  ? -12.24532 -6.00454  -3.72733  1.000 7.36000  ? 26  THR A N   1 
ATOM   223  C CA  . THR A 1 26  ? -11.54380 -5.49088  -2.56294  1.000 7.95000  ? 26  THR A CA  1 
ATOM   224  C C   . THR A 1 26  ? -12.58021 -5.27352  -1.46583  1.000 8.75000  ? 26  THR A C   1 
ATOM   225  O O   . THR A 1 26  ? -13.78033 -5.17241  -1.73465  1.000 8.56000  ? 26  THR A O   1 
ATOM   226  C CB  . THR A 1 26  ? -10.81637 -4.18651  -2.94951  1.000 8.89000  ? 26  THR A CB  1 
ATOM   227  O OG1 . THR A 1 26  ? -9.90662  -4.46951  -4.01424  1.000 9.84000  ? 26  THR A OG1 1 
ATOM   228  C CG2 . THR A 1 26  ? -10.04582 -3.55809  -1.78564  1.000 9.39000  ? 26  THR A CG2 1 
ATOM   229  N N   . ILE A 1 27  ? -12.13225 -5.20625  -0.21605  1.000 8.26000  ? 27  ILE A N   1 
ATOM   230  C CA  . ILE A 1 27  ? -13.03466 -4.84481  0.87538   1.000 8.72000  ? 27  ILE A CA  1 
ATOM   231  C C   . ILE A 1 27  ? -12.23528 -4.13707  1.95276   1.000 8.93000  ? 27  ILE A C   1 
ATOM   232  O O   . ILE A 1 27  ? -11.00705 -4.19879  1.98011   1.000 8.35000  ? 27  ILE A O   1 
ATOM   233  C CB  . ILE A 1 27  ? -13.76863 -6.08478  1.44774   1.000 9.98000  ? 27  ILE A CB  1 
ATOM   234  C CG1 . ILE A 1 27  ? -15.04181 -5.66149  2.20589   1.000 11.01000 ? 27  ILE A CG1 1 
ATOM   235  C CG2 . ILE A 1 27  ? -12.80093 -6.93209  2.27109   1.000 11.55000 ? 27  ILE A CG2 1 
ATOM   236  C CD1 . ILE A 1 27  ? -16.03923 -6.78482  2.42996   1.000 12.97000 ? 27  ILE A CD1 1 
ATOM   237  N N   . GLY A 1 28  ? -12.94790 -3.46056  2.85448   1.000 8.28000  ? 28  GLY A N   1 
ATOM   238  C CA  . GLY A 1 28  ? -12.29689 -2.92006  4.03995   1.000 7.70000  ? 28  GLY A CA  1 
ATOM   239  C C   . GLY A 1 28  ? -11.44004 -1.71554  3.71037   1.000 8.80000  ? 28  GLY A C   1 
ATOM   240  O O   . GLY A 1 28  ? -11.86665 -0.78701  3.01637   1.000 10.26000 ? 28  GLY A O   1 
ATOM   241  N N   . ILE A 1 29  ? -10.22364 -1.72058  4.24342   1.000 8.05000  ? 29  ILE A N   1 
ATOM   242  C CA  . ILE A 1 29  ? -9.25236  -0.66586  3.99865   1.000 7.83000  ? 29  ILE A CA  1 
ATOM   243  C C   . ILE A 1 29  ? -8.27906  -1.19394  2.95027   1.000 7.89000  ? 29  ILE A C   1 
ATOM   244  O O   . ILE A 1 29  ? -7.15411  -1.59926  3.26459   1.000 10.38000 ? 29  ILE A O   1 
ATOM   245  C CB  . ILE A 1 29  ? -8.56629  -0.25768  5.31569   1.000 8.69000  ? 29  ILE A CB  1 
ATOM   246  C CG1 . ILE A 1 29  ? -9.63345  0.13731   6.34601   1.000 10.32000 ? 29  ILE A CG1 1 
ATOM   247  C CG2 . ILE A 1 29  ? -7.58507  0.88599   5.08783   1.000 8.71000  ? 29  ILE A CG2 1 
ATOM   248  C CD1 . ILE A 1 29  ? -9.10080  0.26905   7.77903   1.000 14.01000 ? 29  ILE A CD1 1 
ATOM   249  N N   . GLY A 1 30  ? -8.73361  -1.25568  1.70029   1.000 8.83000  ? 30  GLY A N   1 
ATOM   250  C CA  . GLY A 1 30  ? -7.87250  -1.69137  0.60629   1.000 9.88000  ? 30  GLY A CA  1 
ATOM   251  C C   . GLY A 1 30  ? -7.40925  -3.12966  0.64605   1.000 9.22000  ? 30  GLY A C   1 
ATOM   252  O O   . GLY A 1 30  ? -6.33091  -3.44220  0.12139   1.000 11.61000 ? 30  GLY A O   1 
ATOM   253  N N   . HIS A 1 31  ? -8.21049  -4.02759  1.21975   1.000 8.05000  ? 31  HIS A N   1 
ATOM   254  C CA  . HIS A 1 31  ? -7.84475  -5.44321  1.25835   1.000 6.99000  ? 31  HIS A CA  1 
ATOM   255  C C   . HIS A 1 31  ? -8.22638  -6.09096  -0.06900  1.000 8.20000  ? 31  HIS A C   1 
ATOM   256  O O   . HIS A 1 31  ? -9.39655  -6.38507  -0.32034  1.000 9.13000  ? 31  HIS A O   1 
ATOM   257  C CB  . HIS A 1 31  ? -8.52092  -6.16570  2.41730   1.000 9.35000  ? 31  HIS A CB  1 
ATOM   258  C CG  . HIS A 1 31  ? -8.16489  -7.61222  2.48104   1.000 9.64000  ? 31  HIS A CG  1 
ATOM   259  N ND1 . HIS A 1 31  ? -7.00730  -8.05923  3.07242   1.000 12.32000 ? 31  HIS A ND1 1 
ATOM   260  C CD2 . HIS A 1 31  ? -8.77577  -8.70953  1.96957   1.000 13.05000 ? 31  HIS A CD2 1 
ATOM   261  C CE1 . HIS A 1 31  ? -6.92568  -9.37101  2.94423   1.000 11.08000 ? 31  HIS A CE1 1 
ATOM   262  N NE2 . HIS A 1 31  ? -7.98916  -9.79227  2.28412   1.000 13.70000 ? 31  HIS A NE2 1 
ATOM   263  N N   . LEU A 1 32  ? -7.22861  -6.33462  -0.91530  1.000 8.50000  ? 32  LEU A N   1 
ATOM   264  C CA  . LEU A 1 32  ? -7.45264  -7.01119  -2.18489  1.000 7.55000  ? 32  LEU A CA  1 
ATOM   265  C C   . LEU A 1 32  ? -7.90222  -8.44274  -1.94015  1.000 9.56000  ? 32  LEU A C   1 
ATOM   266  O O   . LEU A 1 32  ? -7.24436  -9.19929  -1.21801  1.000 12.46000 ? 32  LEU A O   1 
ATOM   267  C CB  . LEU A 1 32  ? -6.17132  -6.99265  -3.01636  1.000 9.90000  ? 32  LEU A CB  1 
ATOM   268  C CG  . LEU A 1 32  ? -6.20097  -7.73585  -4.34985  1.000 11.09000 ? 32  LEU A CG  1 
ATOM   269  C CD1 . LEU A 1 32  ? -7.21848  -7.14509  -5.28988  1.000 11.44000 ? 32  LEU A CD1 1 
ATOM   270  C CD2 . LEU A 1 32  ? -4.81643  -7.67374  -4.99141  1.000 13.57000 ? 32  LEU A CD2 1 
ATOM   271  N N   . LEU A 1 33  ? -9.03353  -8.81699  -2.52647  1.000 8.24000  ? 33  LEU A N   1 
ATOM   272  C CA  . LEU A 1 33  ? -9.53086  -10.18399 -2.38422  1.000 9.05000  ? 33  LEU A CA  1 
ATOM   273  C C   . LEU A 1 33  ? -9.04118  -11.11286 -3.48980  1.000 9.88000  ? 33  LEU A C   1 
ATOM   274  O O   . LEU A 1 33  ? -8.61920  -12.24090 -3.21372  1.000 11.83000 ? 33  LEU A O   1 
ATOM   275  C CB  . LEU A 1 33  ? -11.05998 -10.17372 -2.35399  1.000 9.49000  ? 33  LEU A CB  1 
ATOM   276  C CG  . LEU A 1 33  ? -11.64866 -9.54061  -1.09957  1.000 9.32000  ? 33  LEU A CG  1 
ATOM   277  C CD1 . LEU A 1 33  ? -13.12849 -9.23494  -1.30599  1.000 9.78000  ? 33  LEU A CD1 1 
ATOM   278  C CD2 . LEU A 1 33  ? -11.43903 -10.46560 0.10771   1.000 9.65000  ? 33  LEU A CD2 1 
ATOM   279  N N   . THR A 1 34  ? -9.11742  -10.67000 -4.74407  1.000 10.61000 ? 34  THR A N   1 
ATOM   280  C CA  . THR A 1 34  ? -8.74556  -11.50391 -5.87909  1.000 9.75000  ? 34  THR A CA  1 
ATOM   281  C C   . THR A 1 34  ? -8.64230  -10.62968 -7.11442  1.000 11.75000 ? 34  THR A C   1 
ATOM   282  O O   . THR A 1 34  ? -9.26760  -9.57150  -7.19570  1.000 12.26000 ? 34  THR A O   1 
ATOM   283  C CB  . THR A 1 34  ? -9.77193  -12.62123 -6.10474  1.000 11.75000 ? 34  THR A CB  1 
ATOM   284  O OG1 . THR A 1 34  ? -9.33725  -13.45415 -7.18643  1.000 13.71000 ? 34  THR A OG1 1 
ATOM   285  C CG2 . THR A 1 34  ? -11.13409 -12.03679 -6.43982  1.000 13.41000 ? 34  THR A CG2 1 
ATOM   286  N N   . LYS A 1 35  ? -7.85319  -11.08997 -8.07738  1.000 13.34000 ? 35  LYS A N   1 
ATOM   287  C CA  . LYS A 1 35  ? -7.87242  -10.48508 -9.39984  1.000 13.87000 ? 35  LYS A CA  1 
ATOM   288  C C   . LYS A 1 35  ? -8.85339  -11.17715 -10.33380 1.000 13.23000 ? 35  LYS A C   1 
ATOM   289  O O   . LYS A 1 35  ? -9.01490  -10.73825 -11.47913 1.000 16.31000 ? 35  LYS A O   1 
ATOM   290  C CB  . LYS A 1 35  ? -6.46405  -10.48218 -9.99813  1.000 16.82000 ? 35  LYS A CB  1 
ATOM   291  C CG  . LYS A 1 35  ? -5.51384  -9.60042  -9.20199  1.000 15.29000 ? 35  LYS A CG  1 
ATOM   292  C CD  . LYS A 1 35  ? -4.17067  -9.41961  -9.87949  1.000 22.36000 ? 35  LYS A CD  1 
ATOM   293  C CE  . LYS A 1 35  ? -3.27868  -8.58023  -8.99265  1.000 21.94000 ? 35  LYS A CE  1 
ATOM   294  N NZ  . LYS A 1 35  ? -2.01094  -8.20325  -9.67248  1.000 34.17000 ? 35  LYS A NZ  1 
ATOM   295  N N   . SER A 1 36  ? -9.54417  -12.20686 -9.86087  1.000 13.79000 ? 36  SER A N   1 
ATOM   296  C CA  . SER A 1 36  ? -10.52976 -12.87921 -10.68745 1.000 15.01000 ? 36  SER A CA  1 
ATOM   297  C C   . SER A 1 36  ? -11.72251 -11.96312 -10.94283 1.000 14.57000 ? 36  SER A C   1 
ATOM   298  O O   . SER A 1 36  ? -12.16037 -11.23922 -10.05051 1.000 13.42000 ? 36  SER A O   1 
ATOM   299  C CB  . SER A 1 36  ? -11.01021 -14.14965 -10.00247 1.000 15.10000 ? 36  SER A CB  1 
ATOM   300  O OG  . SER A 1 36  ? -12.14060 -14.66887 -10.67685 1.000 17.22000 ? 36  SER A OG  1 
ATOM   301  N N   . PRO A 1 37  ? -12.29320 -11.99690 -12.15492 1.000 14.48000 ? 37  PRO A N   1 
ATOM   302  C CA  . PRO A 1 37  ? -13.52237 -11.23141 -12.39969 1.000 16.52000 ? 37  PRO A CA  1 
ATOM   303  C C   . PRO A 1 37  ? -14.76409 -11.84155 -11.77235 1.000 15.49000 ? 37  PRO A C   1 
ATOM   304  O O   . PRO A 1 37  ? -15.84897 -11.25544 -11.87842 1.000 17.50000 ? 37  PRO A O   1 
ATOM   305  C CB  . PRO A 1 37  ? -13.62022 -11.23144 -13.93090 1.000 17.53000 ? 37  PRO A CB  1 
ATOM   306  C CG  . PRO A 1 37  ? -12.93057 -12.47521 -14.33874 1.000 17.45000 ? 37  PRO A CG  1 
ATOM   307  C CD  . PRO A 1 37  ? -11.79917 -12.67266 -13.36119 1.000 17.19000 ? 37  PRO A CD  1 
ATOM   308  N N   . SER A 1 38  ? -14.64220 -12.98886 -11.10098 1.000 13.54000 ? 38  SER A N   1 
ATOM   309  C CA  . SER A 1 38  ? -15.78972 -13.67106 -10.51871 1.000 13.48000 ? 38  SER A CA  1 
ATOM   310  C C   . SER A 1 38  ? -16.08174 -13.10806 -9.13274  1.000 13.38000 ? 38  SER A C   1 
ATOM   311  O O   . SER A 1 38  ? -15.27108 -13.25318 -8.20984  1.000 13.46000 ? 38  SER A O   1 
ATOM   312  C CB  . SER A 1 38  ? -15.53365 -15.17252 -10.44664 1.000 16.75000 ? 38  SER A CB  1 
ATOM   313  O OG  . SER A 1 38  ? -16.51030 -15.79007 -9.62462  1.000 16.71000 ? 38  SER A OG  1 
ATOM   314  N N   . LEU A 1 39  ? -17.24862 -12.48135 -8.98129  1.000 13.56000 ? 39  LEU A N   1 
ATOM   315  C CA  . LEU A 1 39  ? -17.67586 -12.01867 -7.66534  1.000 12.60000 ? 39  LEU A CA  1 
ATOM   316  C C   . LEU A 1 39  ? -17.83585 -13.17999 -6.69344  1.000 14.32000 ? 39  LEU A C   1 
ATOM   317  O O   . LEU A 1 39  ? -17.57836 -13.03107 -5.49303  1.000 13.92000 ? 39  LEU A O   1 
ATOM   318  C CB  . LEU A 1 39  ? -18.98257 -11.22949 -7.79162  1.000 13.76000 ? 39  LEU A CB  1 
ATOM   319  C CG  . LEU A 1 39  ? -19.59334 -10.69829 -6.49706  1.000 14.11000 ? 39  LEU A CG  1 
ATOM   320  C CD1 . LEU A 1 39  ? -18.61558 -9.77225  -5.79911  1.000 15.42000 ? 39  LEU A CD1 1 
ATOM   321  C CD2 . LEU A 1 39  ? -20.90059 -9.96907  -6.77261  1.000 17.50000 ? 39  LEU A CD2 1 
ATOM   322  N N   . ASN A 1 40  ? -18.24506 -14.34631 -7.18925  1.000 14.45000 ? 40  ASN A N   1 
ATOM   323  C CA  . ASN A 1 40  ? -18.34291 -15.50298 -6.31021  1.000 12.90000 ? 40  ASN A CA  1 
ATOM   324  C C   . ASN A 1 40  ? -16.97539 -15.89867 -5.77897  1.000 12.13000 ? 40  ASN A C   1 
ATOM   325  O O   . ASN A 1 40  ? -16.83478 -16.23960 -4.59662  1.000 13.15000 ? 40  ASN A O   1 
ATOM   326  C CB  . ASN A 1 40  ? -18.99974 -16.67229 -7.04329  1.000 18.01000 ? 40  ASN A CB  1 
ATOM   327  C CG  . ASN A 1 40  ? -20.48297 -16.46527 -7.24007  1.000 26.00000 ? 40  ASN A CG  1 
ATOM   328  O OD1 . ASN A 1 40  ? -21.01693 -16.70884 -8.32168  1.000 36.90000 ? 40  ASN A OD1 1 
ATOM   329  N ND2 . ASN A 1 40  ? -21.15624 -15.99476 -6.19952  1.000 28.09000 ? 40  ASN A ND2 1 
ATOM   330  N N   . ALA A 1 41  ? -15.94629 -15.85445 -6.63359  1.000 11.87000 ? 41  ALA A N   1 
ATOM   331  C CA  . ALA A 1 41  ? -14.59680 -16.14043 -6.15545  1.000 11.21000 ? 41  ALA A CA  1 
ATOM   332  C C   . ALA A 1 41  ? -14.16920 -15.13646 -5.09892  1.000 10.39000 ? 41  ALA A C   1 
ATOM   333  O O   . ALA A 1 41  ? -13.52673 -15.50269 -4.10967  1.000 10.73000 ? 41  ALA A O   1 
ATOM   334  C CB  . ALA A 1 41  ? -13.60660 -16.13812 -7.31744  1.000 13.58000 ? 41  ALA A CB  1 
ATOM   335  N N   . ALA A 1 42  ? -14.51061 -13.85772 -5.30241  1.000 10.66000 ? 42  ALA A N   1 
ATOM   336  C CA  . ALA A 1 42  ? -14.13903 -12.82786 -4.34017  1.000 9.78000  ? 42  ALA A CA  1 
ATOM   337  C C   . ALA A 1 42  ? -14.83651 -13.04533 -3.00767  1.000 10.24000 ? 42  ALA A C   1 
ATOM   338  O O   . ALA A 1 42  ? -14.22723 -12.88018 -1.94454  1.000 9.35000  ? 42  ALA A O   1 
ATOM   339  C CB  . ALA A 1 42  ? -14.48894 -11.45160 -4.89720  1.000 9.03000  ? 42  ALA A CB  1 
ATOM   340  N N   . LYS A 1 43  ? -16.10812 -13.43542 -3.05161  1.000 10.83000 ? 43  LYS A N   1 
ATOM   341  C CA  . LYS A 1 43  ? -16.83965 -13.70213 -1.82388  1.000 10.29000 ? 43  LYS A CA  1 
ATOM   342  C C   . LYS A 1 43  ? -16.25259 -14.90865 -1.08500  1.000 9.76000  ? 43  LYS A C   1 
ATOM   343  O O   . LYS A 1 43  ? -16.14847 -14.89420 0.14906   1.000 10.32000 ? 43  LYS A O   1 
ATOM   344  C CB  . LYS A 1 43  ? -18.31977 -13.89566 -2.16123  1.000 13.83000 ? 43  LYS A CB  1 
ATOM   345  C CG  . LYS A 1 43  ? -19.24241 -13.87282 -0.97948  1.000 20.97000 ? 43  LYS A CG  1 
ATOM   346  C CD  . LYS A 1 43  ? -19.46381 -15.28189 -0.47864  1.000 23.31000 ? 43  LYS A CD  1 
ATOM   347  C CE  . LYS A 1 43  ? -20.69360 -15.35158 0.37664   1.000 26.50000 ? 43  LYS A CE  1 
ATOM   348  N NZ  . LYS A 1 43  ? -20.50559 -16.32904 1.46569   1.000 20.26000 ? 43  LYS A NZ  1 
ATOM   349  N N   . SER A 1 44  ? -15.82545 -15.94170 -1.81630  1.000 10.00000 ? 44  SER A N   1 
ATOM   350  C CA  . SER A 1 44  ? -15.15319 -17.06658 -1.16632  1.000 10.34000 ? 44  SER A CA  1 
ATOM   351  C C   . SER A 1 44  ? -13.85530 -16.62692 -0.49798  1.000 10.80000 ? 44  SER A C   1 
ATOM   352  O O   . SER A 1 44  ? -13.54286 -17.06132 0.62135   1.000 11.25000 ? 44  SER A O   1 
ATOM   353  C CB  . SER A 1 44  ? -14.87137 -18.17215 -2.18113  1.000 13.47000 ? 44  SER A CB  1 
ATOM   354  O OG  . SER A 1 44  ? -16.07247 -18.74178 -2.67073  1.000 22.20000 ? 44  SER A OG  1 
ATOM   355  N N   . GLU A 1 45  ? -13.07543 -15.77745 -1.17266  1.000 9.72000  ? 45  GLU A N   1 
ATOM   356  C CA  . GLU A 1 45  ? -11.86913 -15.24632 -0.54906  1.000 8.40000  ? 45  GLU A CA  1 
ATOM   357  C C   . GLU A 1 45  ? -12.19485 -14.48839 0.72579   1.000 8.92000  ? 45  GLU A C   1 
ATOM   358  O O   . GLU A 1 45  ? -11.47280 -14.59743 1.72465   1.000 9.73000  ? 45  GLU A O   1 
ATOM   359  C CB  . GLU A 1 45  ? -11.12619 -14.32856 -1.51405  1.000 9.59000  ? 45  GLU A CB  1 
ATOM   360  C CG  . GLU A 1 45  ? -10.42694 -15.08164 -2.63683  1.000 10.88000 ? 45  GLU A CG  1 
ATOM   361  C CD  . GLU A 1 45  ? -9.45883  -16.13406 -2.11207  1.000 14.91000 ? 45  GLU A CD  1 
ATOM   362  O OE1 . GLU A 1 45  ? -8.52001  -15.78106 -1.37409  1.000 15.40000 ? 45  GLU A OE1 1 
ATOM   363  O OE2 . GLU A 1 45  ? -9.65061  -17.32833 -2.41723  1.000 16.93000 ? 45  GLU A OE2 1 
ATOM   364  N N   . LEU A 1 46  ? -13.27081 -13.69970 0.70614   1.000 9.63000  ? 46  LEU A N   1 
ATOM   365  C CA  . LEU A 1 46  ? -13.64487 -12.93945 1.89225   1.000 9.08000  ? 46  LEU A CA  1 
ATOM   366  C C   . LEU A 1 46  ? -14.00027 -13.86039 3.05587   1.000 9.68000  ? 46  LEU A C   1 
ATOM   367  O O   . LEU A 1 46  ? -13.52146 -13.66487 4.18008   1.000 8.83000  ? 46  LEU A O   1 
ATOM   368  C CB  . LEU A 1 46  ? -14.80820 -12.01398 1.55229   1.000 8.74000  ? 46  LEU A CB  1 
ATOM   369  C CG  . LEU A 1 46  ? -15.33669 -11.21103 2.73468   1.000 8.08000  ? 46  LEU A CG  1 
ATOM   370  C CD1 . LEU A 1 46  ? -14.25111 -10.28283 3.29189   1.000 10.76000 ? 46  LEU A CD1 1 
ATOM   371  C CD2 . LEU A 1 46  ? -16.55733 -10.41991 2.32317   1.000 11.10000 ? 46  LEU A CD2 1 
ATOM   372  N N   . ASP A 1 47  ? -14.82704 -14.88007 2.80031   1.000 9.29000  ? 47  ASP A N   1 
ATOM   373  C CA  . ASP A 1 47  ? -15.17833 -15.82791 3.85974   1.000 9.01000  ? 47  ASP A CA  1 
ATOM   374  C C   . ASP A 1 47  ? -13.93640 -16.45821 4.48108   1.000 9.37000  ? 47  ASP A C   1 
ATOM   375  O O   . ASP A 1 47  ? -13.84233 -16.58662 5.70662   1.000 10.26000 ? 47  ASP A O   1 
ATOM   376  C CB  . ASP A 1 47  ? -16.07504 -16.93593 3.31117   1.000 9.83000  ? 47  ASP A CB  1 
ATOM   377  C CG  . ASP A 1 47  ? -17.40653 -16.43238 2.77523   1.000 14.85000 ? 47  ASP A CG  1 
ATOM   378  O OD1 . ASP A 1 47  ? -17.79563 -15.29034 3.08242   1.000 15.12000 ? 47  ASP A OD1 1 
ATOM   379  O OD2 . ASP A 1 47  ? -18.06845 -17.20479 2.04242   1.000 19.25000 ? 47  ASP A OD2 1 
ATOM   380  N N   . LYS A 1 48  ? -12.98236 -16.87039 3.64087   1.000 10.45000 ? 48  LYS A N   1 
ATOM   381  C CA  . LYS A 1 48  ? -11.74030 -17.46883 4.11913   1.000 10.98000 ? 48  LYS A CA  1 
ATOM   382  C C   . LYS A 1 48  ? -10.91558 -16.46977 4.93116   1.000 9.21000  ? 48  LYS A C   1 
ATOM   383  O O   . LYS A 1 48  ? -10.32354 -16.82839 5.95680   1.000 9.70000  ? 48  LYS A O   1 
ATOM   384  C CB  . LYS A 1 48  ? -10.96127 -17.99482 2.90708   1.000 11.64000 ? 48  LYS A CB  1 
ATOM   385  C CG  . LYS A 1 48  ? -9.55316  -18.47707 3.16850   1.000 13.45000 ? 48  LYS A CG  1 
ATOM   386  C CD  . LYS A 1 48  ? -9.00059  -19.26348 1.96009   1.000 12.42000 ? 48  LYS A CD  1 
ATOM   387  C CE  . LYS A 1 48  ? -8.96349  -18.46980 0.65693   1.000 14.62000 ? 48  LYS A CE  1 
ATOM   388  N NZ  . LYS A 1 48  ? -7.82265  -17.51932 0.58047   1.000 13.41000 ? 48  LYS A NZ  1 
ATOM   389  N N   . ALA A 1 49  ? -10.86739 -15.21492 4.48592   1.000 8.16000  ? 49  ALA A N   1 
ATOM   390  C CA  . ALA A 1 49  ? -10.09794 -14.19075 5.18760   1.000 9.44000  ? 49  ALA A CA  1 
ATOM   391  C C   . ALA A 1 49  ? -10.68612 -13.86871 6.55533   1.000 9.51000  ? 49  ALA A C   1 
ATOM   392  O O   . ALA A 1 49  ? -9.93852  -13.64910 7.51884   1.000 10.76000 ? 49  ALA A O   1 
ATOM   393  C CB  . ALA A 1 49  ? -10.03435 -12.93132 4.33227   1.000 10.37000 ? 49  ALA A CB  1 
ATOM   394  N N   . ILE A 1 50  ? -12.01384 -13.80348 6.64711   1.000 9.29000  ? 50  ILE A N   1 
ATOM   395  C CA  . ILE A 1 50  ? -12.70788 -13.40697 7.87055   1.000 9.64000  ? 50  ILE A CA  1 
ATOM   396  C C   . ILE A 1 50  ? -12.94179 -14.58299 8.80067   1.000 10.87000 ? 50  ILE A C   1 
ATOM   397  O O   . ILE A 1 50  ? -13.00144 -14.39704 10.01981  1.000 11.95000 ? 50  ILE A O   1 
ATOM   398  C CB  . ILE A 1 50  ? -14.04839 -12.73244 7.50348   1.000 13.44000 ? 50  ILE A CB  1 
ATOM   399  C CG1 . ILE A 1 50  ? -13.80427 -11.50030 6.63303   1.000 19.16000 ? 50  ILE A CG1 1 
ATOM   400  C CG2 . ILE A 1 50  ? -14.89276 -12.40862 8.75344   1.000 17.23000 ? 50  ILE A CG2 1 
ATOM   401  C CD1 . ILE A 1 50  ? -13.00373 -10.41446 7.31077   1.000 20.13000 ? 50  ILE A CD1 1 
ATOM   402  N N   . GLY A 1 51  ? -13.10933 -15.77992 8.24934   1.000 8.95000  ? 51  GLY A N   1 
ATOM   403  C CA  . GLY A 1 51  ? -13.38061 -16.95724 9.04949   1.000 10.68000 ? 51  GLY A CA  1 
ATOM   404  C C   . GLY A 1 51  ? -14.83901 -17.23709 9.31450   1.000 12.20000 ? 51  GLY A C   1 
ATOM   405  O O   . GLY A 1 51  ? -15.15507 -17.96071 10.26765  1.000 13.68000 ? 51  GLY A O   1 
ATOM   406  N N   . ARG A 1 52  ? -15.74082 -16.68775 8.50853   1.000 9.78000  ? 52  ARG A N   1 
ATOM   407  C CA  . ARG A 1 52  ? -17.15754 -16.98495 8.63662   1.000 11.43000 ? 52  ARG A CA  1 
ATOM   408  C C   . ARG A 1 52  ? -17.80418 -16.81114 7.27496   1.000 10.67000 ? 52  ARG A C   1 
ATOM   409  O O   . ARG A 1 52  ? -17.24375 -16.18894 6.36474   1.000 11.64000 ? 52  ARG A O   1 
ATOM   410  C CB  . ARG A 1 52  ? -17.83962 -16.08986 9.67993   1.000 12.14000 ? 52  ARG A CB  1 
ATOM   411  C CG  . ARG A 1 52  ? -17.80675 -14.61020 9.32906   1.000 11.63000 ? 52  ARG A CG  1 
ATOM   412  C CD  . ARG A 1 52  ? -18.53471 -13.71830 10.35568  1.000 10.99000 ? 52  ARG A CD  1 
ATOM   413  N NE  . ARG A 1 52  ? -18.43498 -12.32193 9.94077   1.000 11.47000 ? 52  ARG A NE  1 
ATOM   414  C CZ  . ARG A 1 52  ? -19.25707 -11.74585 9.06816   1.000 12.02000 ? 52  ARG A CZ  1 
ATOM   415  N NH1 . ARG A 1 52  ? -20.26921 -12.42909 8.54472   1.000 12.34000 ? 52  ARG A NH1 1 
ATOM   416  N NH2 . ARG A 1 52  ? -19.07185 -10.48265 8.70594   1.000 12.20000 ? 52  ARG A NH2 1 
ATOM   417  N N   . ASN A 1 53  ? -18.99574 -17.37766 7.13678   1.000 13.18000 ? 53  ASN A N   1 
ATOM   418  C CA  . ASN A 1 53  ? -19.79509 -17.17242 5.93892   1.000 10.96000 ? 53  ASN A CA  1 
ATOM   419  C C   . ASN A 1 53  ? -20.35266 -15.75690 5.95578   1.000 12.64000 ? 53  ASN A C   1 
ATOM   420  O O   . ASN A 1 53  ? -21.16204 -15.41369 6.81988   1.000 16.24000 ? 53  ASN A O   1 
ATOM   421  C CB  . ASN A 1 53  ? -20.91852 -18.20428 5.88217   1.000 13.32000 ? 53  ASN A CB  1 
ATOM   422  C CG  . ASN A 1 53  ? -21.76639 -18.04344 4.65966   1.000 18.43000 ? 53  ASN A CG  1 
ATOM   423  O OD1 . ASN A 1 53  ? -21.25754 -18.05700 3.54201   1.000 19.68000 ? 53  ASN A OD1 1 
ATOM   424  N ND2 . ASN A 1 53  ? -23.06687 -17.86106 4.85753   1.000 22.72000 ? 53  ASN A ND2 1 
ATOM   425  N N   . THR A 1 54  ? -19.90674 -14.91985 5.02668   1.000 12.94000 ? 54  THR A N   1 
ATOM   426  C CA  . THR A 1 54  ? -20.38262 -13.54744 4.94156   1.000 13.53000 ? 54  THR A CA  1 
ATOM   427  C C   . THR A 1 54  ? -21.44265 -13.42187 3.85609   1.000 16.78000 ? 54  THR A C   1 
ATOM   428  O O   . THR A 1 54  ? -21.69314 -14.34689 3.07878   1.000 18.56000 ? 54  THR A O   1 
ATOM   429  C CB  . THR A 1 54  ? -19.23738 -12.58398 4.62934   1.000 12.95000 ? 54  THR A CB  1 
ATOM   430  O OG1 . THR A 1 54  ? -18.85952 -12.74679 3.25521   1.000 15.35000 ? 54  THR A OG1 1 
ATOM   431  C CG2 . THR A 1 54  ? -18.03993 -12.82945 5.53401   1.000 11.96000 ? 54  THR A CG2 1 
ATOM   432  N N   . ASN A 1 55  ? -22.07694 -12.25157 3.81015   1.000 14.68000 ? 55  ASN A N   1 
ATOM   433  C CA  . ASN A 1 55  ? -22.88407 -11.86825 2.66157   1.000 15.48000 ? 55  ASN A CA  1 
ATOM   434  C C   . ASN A 1 55  ? -22.15884 -10.86083 1.77843   1.000 14.42000 ? 55  ASN A C   1 
ATOM   435  O O   . ASN A 1 55  ? -22.80286 -10.08523 1.06722   1.000 16.41000 ? 55  ASN A O   1 
ATOM   436  C CB  . ASN A 1 55  ? -24.23043 -11.30080 3.11578   1.000 16.99000 ? 55  ASN A CB  1 
ATOM   437  C CG  . ASN A 1 55  ? -24.08299 -9.99456  3.85625   1.000 16.99000 ? 55  ASN A CG  1 
ATOM   438  O OD1 . ASN A 1 55  ? -22.98609 -9.63971  4.29487   1.000 15.41000 ? 55  ASN A OD1 1 
ATOM   439  N ND2 . ASN A 1 55  ? -25.17999 -9.26548  4.00166   1.000 16.95000 ? 55  ASN A ND2 1 
ATOM   440  N N   . GLY A 1 56  ? -20.82966 -10.84775 1.82382   1.000 13.51000 ? 56  GLY A N   1 
ATOM   441  C CA  . GLY A 1 56  ? -20.07788 -9.80843  1.14794   1.000 11.51000 ? 56  GLY A CA  1 
ATOM   442  C C   . GLY A 1 56  ? -19.91804 -8.53301  1.94298   1.000 9.31000  ? 56  GLY A C   1 
ATOM   443  O O   . GLY A 1 56  ? -19.38351 -7.55455  1.40434   1.000 11.21000 ? 56  GLY A O   1 
ATOM   444  N N   . VAL A 1 57  ? -20.37099 -8.50338  3.19829   1.000 10.70000 ? 57  VAL A N   1 
ATOM   445  C CA  . VAL A 1 57  ? -20.31687 -7.32465  4.05697   1.000 9.66000  ? 57  VAL A CA  1 
ATOM   446  C C   . VAL A 1 57  ? -19.64505 -7.72474  5.36328   1.000 12.67000 ? 57  VAL A C   1 
ATOM   447  O O   . VAL A 1 57  ? -19.93448 -8.79252  5.91984   1.000 13.16000 ? 57  VAL A O   1 
ATOM   448  C CB  . VAL A 1 57  ? -21.72705 -6.74577  4.33415   1.000 12.82000 ? 57  VAL A CB  1 
ATOM   449  C CG1 . VAL A 1 57  ? -21.64063 -5.45132  5.12834   1.000 15.62000 ? 57  VAL A CG1 1 
ATOM   450  C CG2 . VAL A 1 57  ? -22.49182 -6.52536  3.04171   1.000 14.73000 ? 57  VAL A CG2 1 
ATOM   451  N N   . ILE A 1 58  ? -18.73506 -6.87935  5.84897   1.000 10.01000 ? 58  ILE A N   1 
ATOM   452  C CA  . ILE A 1 58  ? -18.04631 -7.12365  7.10963   1.000 9.32000  ? 58  ILE A CA  1 
ATOM   453  C C   . ILE A 1 58  ? -18.28208 -5.94272  8.04654   1.000 9.20000  ? 58  ILE A C   1 
ATOM   454  O O   . ILE A 1 58  ? -18.82691 -4.91181  7.65627   1.000 11.10000 ? 58  ILE A O   1 
ATOM   455  C CB  . ILE A 1 58  ? -16.54339 -7.38835  6.90855   1.000 9.08000  ? 58  ILE A CB  1 
ATOM   456  C CG1 . ILE A 1 58  ? -15.84877 -6.17523  6.28041   1.000 8.93000  ? 58  ILE A CG1 1 
ATOM   457  C CG2 . ILE A 1 58  ? -16.35955 -8.64203  6.07081   1.000 10.97000 ? 58  ILE A CG2 1 
ATOM   458  C CD1 . ILE A 1 58  ? -14.33581 -6.35649  6.14029   1.000 11.00000 ? 58  ILE A CD1 1 
ATOM   459  N N   . THR A 1 59  ? -17.87685 -6.11209  9.30158   1.000 10.86000 ? 59  THR A N   1 
ATOM   460  C CA  . THR A 1 59  ? -17.97742 -5.02962  10.26848  1.000 10.89000 ? 59  THR A CA  1 
ATOM   461  C C   . THR A 1 59  ? -16.72083 -4.16981  10.22328  1.000 10.30000 ? 59  THR A C   1 
ATOM   462  O O   . THR A 1 59  ? -15.69378 -4.55494  9.66586   1.000 10.32000 ? 59  THR A O   1 
ATOM   463  C CB  . THR A 1 59  ? -18.16304 -5.57402  11.67948  1.000 11.67000 ? 59  THR A CB  1 
ATOM   464  O OG1 . THR A 1 59  ? -16.96228 -6.25158  12.07076  1.000 12.59000 ? 59  THR A OG1 1 
ATOM   465  C CG2 . THR A 1 59  ? -19.34071 -6.54122  11.72650  1.000 16.01000 ? 59  THR A CG2 1 
ATOM   466  N N   . LYS A 1 60  ? -16.80202 -2.99011  10.84044  1.000 11.03000 ? 60  LYS A N   1 
ATOM   467  C CA  . LYS A 1 60  ? -15.63052 -2.12769  10.92966  1.000 12.20000 ? 60  LYS A CA  1 
ATOM   468  C C   . LYS A 1 60  ? -14.49900 -2.81013  11.69073  1.000 11.78000 ? 60  LYS A C   1 
ATOM   469  O O   . LYS A 1 60  ? -13.33671 -2.72544  11.27761  1.000 12.28000 ? 60  LYS A O   1 
ATOM   470  C CB  . LYS A 1 60  ? -16.00426 -0.79695  11.58730  1.000 14.12000 ? 60  LYS A CB  1 
ATOM   471  C CG  . LYS A 1 60  ? -14.86907 0.21472   11.62365  1.000 17.77000 ? 60  LYS A CG  1 
ATOM   472  C CD  . LYS A 1 60  ? -15.40312 1.59640   11.99497  1.000 22.11000 ? 60  LYS A CD  1 
ATOM   473  C CE  . LYS A 1 60  ? -14.32465 2.47288   12.60142  1.000 32.62000 ? 60  LYS A CE  1 
ATOM   474  N NZ  . LYS A 1 60  ? -13.24137 2.78805   11.63810  1.000 34.73000 ? 60  LYS A NZ  1 
ATOM   475  N N   . ASP A 1 61  ? -14.81728 -3.49995  12.79623  1.000 12.05000 ? 61  ASP A N   1 
ATOM   476  C CA  . ASP A 1 61  ? -13.78475 -4.21626  13.54112  1.000 12.67000 ? 61  ASP A CA  1 
ATOM   477  C C   . ASP A 1 61  ? -13.11971 -5.28200  12.67558  1.000 11.06000 ? 61  ASP A C   1 
ATOM   478  O O   . ASP A 1 61  ? -11.90340 -5.48627  12.75440  1.000 11.23000 ? 61  ASP A O   1 
ATOM   479  C CB  . ASP A 1 61  ? -14.36931 -4.86858  14.79780  1.000 15.12000 ? 61  ASP A CB  1 
ATOM   480  C CG  . ASP A 1 61  ? -14.61292 -3.88081  15.92221  1.000 24.41000 ? 61  ASP A CG  1 
ATOM   481  O OD1 . ASP A 1 61  ? -14.31871 -2.67884  15.75754  1.000 26.01000 ? 61  ASP A OD1 1 
ATOM   482  O OD2 . ASP A 1 61  ? -15.09613 -4.32996  16.98337  1.000 26.38000 ? 61  ASP A OD2 1 
ATOM   483  N N   . GLU A 1 62  ? -13.90889 -5.98212  11.85258  1.000 10.93000 ? 62  GLU A N   1 
ATOM   484  C CA  . GLU A 1 62  ? -13.33423 -6.97668  10.95199  1.000 7.94000  ? 62  GLU A CA  1 
ATOM   485  C C   . GLU A 1 62  ? -12.46088 -6.31646  9.89186   1.000 8.56000  ? 62  GLU A C   1 
ATOM   486  O O   . GLU A 1 62  ? -11.39769 -6.84212  9.53901   1.000 9.30000  ? 62  GLU A O   1 
ATOM   487  C CB  . GLU A 1 62  ? -14.44794 -7.79155  10.29459  1.000 8.29000  ? 62  GLU A CB  1 
ATOM   488  C CG  . GLU A 1 62  ? -15.09599 -8.78055  11.27011  1.000 10.48000 ? 62  GLU A CG  1 
ATOM   489  C CD  . GLU A 1 62  ? -16.34423 -9.45005  10.73214  1.000 13.30000 ? 62  GLU A CD  1 
ATOM   490  O OE1 . GLU A 1 62  ? -16.98700 -8.91896  9.80996   1.000 11.42000 ? 62  GLU A OE1 1 
ATOM   491  O OE2 . GLU A 1 62  ? -16.68840 -10.53299 11.25773  1.000 14.63000 ? 62  GLU A OE2 1 
ATOM   492  N N   . ALA A 1 63  ? -12.89644 -5.17683  9.35396   1.000 9.10000  ? 63  ALA A N   1 
ATOM   493  C CA  . ALA A 1 63  ? -12.05904 -4.46722  8.39340   1.000 7.45000  ? 63  ALA A CA  1 
ATOM   494  C C   . ALA A 1 63  ? -10.73553 -4.03244  9.01814   1.000 9.43000  ? 63  ALA A C   1 
ATOM   495  O O   . ALA A 1 63  ? -9.67091  -4.15037  8.39047   1.000 8.68000  ? 63  ALA A O   1 
ATOM   496  C CB  . ALA A 1 63  ? -12.82016 -3.25708  7.84166   1.000 9.45000  ? 63  ALA A CB  1 
ATOM   497  N N   . GLU A 1 64  ? -10.77624 -3.53431  10.25381  1.000 10.06000 ? 64  GLU A N   1 
ATOM   498  C CA  . GLU A 1 64  ? -9.54086  -3.11322  10.90201  1.000 10.64000 ? 64  GLU A CA  1 
ATOM   499  C C   . GLU A 1 64  ? -8.64135  -4.29733  11.22578  1.000 10.53000 ? 64  GLU A C   1 
ATOM   500  O O   . GLU A 1 64  ? -7.41207  -4.16563  11.17584  1.000 10.52000 ? 64  GLU A O   1 
ATOM   501  C CB  . GLU A 1 64  ? -9.86703  -2.28724  12.14316  1.000 12.44000 ? 64  GLU A CB  1 
ATOM   502  C CG  . GLU A 1 64  ? -10.37493 -0.90005  11.76656  1.000 15.68000 ? 64  GLU A CG  1 
ATOM   503  C CD  . GLU A 1 64  ? -10.92582 -0.10887  12.93142  1.000 24.75000 ? 64  GLU A CD  1 
ATOM   504  O OE1 . GLU A 1 64  ? -11.09082 -0.68567  14.02802  1.000 26.93000 ? 64  GLU A OE1 1 
ATOM   505  O OE2 . GLU A 1 64  ? -11.20477 1.09604   12.73465  1.000 26.47000 ? 64  GLU A OE2 1 
ATOM   506  N N   . LYS A 1 65  ? -9.22235  -5.46953  11.49902  1.000 9.12000  ? 65  LYS A N   1 
ATOM   507  C CA  . LYS A 1 65  ? -8.41126  -6.65959  11.74541  1.000 10.20000 ? 65  LYS A CA  1 
ATOM   508  C C   . LYS A 1 65  ? -7.65803  -7.07578  10.48831  1.000 10.44000 ? 65  LYS A C   1 
ATOM   509  O O   . LYS A 1 65  ? -6.44955  -7.34869  10.53266  1.000 10.35000 ? 65  LYS A O   1 
ATOM   510  C CB  . LYS A 1 65  ? -9.30220  -7.79473  12.25065  1.000 11.81000 ? 65  LYS A CB  1 
ATOM   511  C CG  . LYS A 1 65  ? -8.54226  -9.07112  12.56477  1.000 14.91000 ? 65  LYS A CG  1 
ATOM   512  C CD  . LYS A 1 65  ? -9.48077  -10.11836 13.13187  1.000 16.79000 ? 65  LYS A CD  1 
ATOM   513  C CE  . LYS A 1 65  ? -8.75203  -11.43732 13.31656  1.000 16.92000 ? 65  LYS A CE  1 
ATOM   514  N NZ  . LYS A 1 65  ? -7.83432  -11.36596 14.49362  1.000 21.58000 ? 65  LYS A NZ  1 
ATOM   515  N N   . LEU A 1 66  ? -8.34692  -7.10513  9.34703   1.000 8.44000  ? 66  LEU A N   1 
ATOM   516  C CA  . LEU A 1 66  ? -7.66829  -7.41037  8.09400   1.000 9.27000  ? 66  LEU A CA  1 
ATOM   517  C C   . LEU A 1 66  ? -6.59130  -6.38033  7.80546   1.000 8.47000  ? 66  LEU A C   1 
ATOM   518  O O   . LEU A 1 66  ? -5.50190  -6.72401  7.33570   1.000 9.24000  ? 66  LEU A O   1 
ATOM   519  C CB  . LEU A 1 66  ? -8.66235  -7.43874  6.93041   1.000 9.66000  ? 66  LEU A CB  1 
ATOM   520  C CG  . LEU A 1 66  ? -9.72344  -8.52827  6.96604   1.000 9.97000  ? 66  LEU A CG  1 
ATOM   521  C CD1 . LEU A 1 66  ? -10.59193 -8.34986  5.74347   1.000 13.64000 ? 66  LEU A CD1 1 
ATOM   522  C CD2 . LEU A 1 66  ? -9.06210  -9.90917  6.97347   1.000 14.06000 ? 66  LEU A CD2 1 
ATOM   523  N N   . PHE A 1 67  ? -6.89003  -5.11236  8.08800   1.000 8.25000  ? 67  PHE A N   1 
ATOM   524  C CA  . PHE A 1 67  ? -5.95726  -4.02936  7.79853   1.000 8.00000  ? 67  PHE A CA  1 
ATOM   525  C C   . PHE A 1 67  ? -4.66437  -4.20333  8.58213   1.000 8.83000  ? 67  PHE A C   1 
ATOM   526  O O   . PHE A 1 67  ? -3.57136  -4.05365  8.02769   1.000 8.58000  ? 67  PHE A O   1 
ATOM   527  C CB  . PHE A 1 67  ? -6.63714  -2.69842  8.11979   1.000 8.34000  ? 67  PHE A CB  1 
ATOM   528  C CG  . PHE A 1 67  ? -5.79323  -1.46927  7.86216   1.000 7.55000  ? 67  PHE A CG  1 
ATOM   529  C CD1 . PHE A 1 67  ? -5.08646  -1.31621  6.68279   1.000 9.43000  ? 67  PHE A CD1 1 
ATOM   530  C CD2 . PHE A 1 67  ? -5.77686  -0.43715  8.79105   1.000 9.52000  ? 67  PHE A CD2 1 
ATOM   531  C CE1 . PHE A 1 67  ? -4.34068  -0.14945  6.45212   1.000 8.63000  ? 67  PHE A CE1 1 
ATOM   532  C CE2 . PHE A 1 67  ? -5.04211  0.72446   8.55612   1.000 9.31000  ? 67  PHE A CE2 1 
ATOM   533  C CZ  . PHE A 1 67  ? -4.33782  0.85922   7.38250   1.000 9.45000  ? 67  PHE A CZ  1 
ATOM   534  N N   . ASN A 1 68  ? -4.76319  -4.55965  9.86417   1.000 9.10000  ? 68  ASN A N   1 
ATOM   535  C CA  . ASN A 1 68  ? -3.55127  -4.74121  10.65445  1.000 9.22000  ? 68  ASN A CA  1 
ATOM   536  C C   . ASN A 1 68  ? -2.74923  -5.92849  10.14680  1.000 9.30000  ? 68  ASN A C   1 
ATOM   537  O O   . ASN A 1 68  ? -1.51028  -5.88905  10.11733  1.000 11.34000 ? 68  ASN A O   1 
ATOM   538  C CB  . ASN A 1 68  ? -3.92235  -4.92041  12.12525  1.000 11.12000 ? 68  ASN A CB  1 
ATOM   539  C CG  . ASN A 1 68  ? -2.73932  -4.76273  13.06540  1.000 18.74000 ? 68  ASN A CG  1 
ATOM   540  O OD1 . ASN A 1 68  ? -1.56281  -4.89258  12.68285  1.000 22.44000 ? 68  ASN A OD1 1 
ATOM   541  N ND2 . ASN A 1 68  ? -3.05274  -4.47886  14.31911  1.000 17.69000 ? 68  ASN A ND2 1 
ATOM   542  N N   . GLN A 1 69  ? -3.43674  -6.99865  9.73949   1.000 8.50000  ? 69  GLN A N   1 
ATOM   543  C CA  . GLN A 1 69  ? -2.74831  -8.12570  9.11851   1.000 9.74000  ? 69  GLN A CA  1 
ATOM   544  C C   . GLN A 1 69  ? -2.03650  -7.69671  7.84199   1.000 10.49000 ? 69  GLN A C   1 
ATOM   545  O O   . GLN A 1 69  ? -0.91278  -8.13749  7.57175   1.000 11.07000 ? 69  GLN A O   1 
ATOM   546  C CB  . GLN A 1 69  ? -3.73787  -9.24840  8.81195   1.000 10.97000 ? 69  GLN A CB  1 
ATOM   547  C CG  . GLN A 1 69  ? -4.34578  -9.86244  10.04072  1.000 11.74000 ? 69  GLN A CG  1 
ATOM   548  C CD  . GLN A 1 69  ? -5.45648  -10.80660 9.70488   1.000 14.03000 ? 69  GLN A CD  1 
ATOM   549  O OE1 . GLN A 1 69  ? -5.87657  -10.92748 8.54487   1.000 14.02000 ? 69  GLN A OE1 1 
ATOM   550  N NE2 . GLN A 1 69  ? -5.95100  -11.49530 10.72582  1.000 18.72000 ? 69  GLN A NE2 1 
ATOM   551  N N   . ASP A 1 70  ? -2.67859  -6.83098  7.04868   1.000 9.28000  ? 70  ASP A N   1 
ATOM   552  C CA  . ASP A 1 70  ? -2.12349  -6.43849  5.75870   1.000 10.11000 ? 70  ASP A CA  1 
ATOM   553  C C   . ASP A 1 70  ? -0.92840  -5.50747  5.92249   1.000 8.95000  ? 70  ASP A C   1 
ATOM   554  O O   . ASP A 1 70  ? 0.04924   -5.61716  5.17279   1.000 9.61000  ? 70  ASP A O   1 
ATOM   555  C CB  . ASP A 1 70  ? -3.20756  -5.77883  4.90054   1.000 9.69000  ? 70  ASP A CB  1 
ATOM   556  C CG  . ASP A 1 70  ? -4.27783  -6.75578  4.44144   1.000 14.41000 ? 70  ASP A CG  1 
ATOM   557  O OD1 . ASP A 1 70  ? -4.04910  -7.98598  4.47816   1.000 14.49000 ? 70  ASP A OD1 1 
ATOM   558  O OD2 . ASP A 1 70  ? -5.35939  -6.27568  4.02552   1.000 13.54000 ? 70  ASP A OD2 1 
ATOM   559  N N   . VAL A 1 71  ? -0.97807  -4.60127  6.90537   1.000 9.83000  ? 71  VAL A N   1 
ATOM   560  C CA  . VAL A 1 71  ? 0.18592   -3.76096  7.17510   1.000 8.70000  ? 71  VAL A CA  1 
ATOM   561  C C   . VAL A 1 71  ? 1.35749   -4.63008  7.60664   1.000 10.52000 ? 71  VAL A C   1 
ATOM   562  O O   . VAL A 1 71  ? 2.48771   -4.47275  7.12338   1.000 10.39000 ? 71  VAL A O   1 
ATOM   563  C CB  . VAL A 1 71  ? -0.15491  -2.68555  8.22486   1.000 8.34000  ? 71  VAL A CB  1 
ATOM   564  C CG1 . VAL A 1 71  ? 1.10851   -1.92897  8.64021   1.000 12.29000 ? 71  VAL A CG1 1 
ATOM   565  C CG2 . VAL A 1 71  ? -1.17759  -1.70017  7.65926   1.000 9.72000  ? 71  VAL A CG2 1 
ATOM   566  N N   . ASP A 1 72  ? 1.09071   -5.59122  8.48519   1.000 10.44000 ? 72  ASP A N   1 
ATOM   567  C CA  . ASP A 1 72  ? 2.12935   -6.52186  8.90908   1.000 11.06000 ? 72  ASP A CA  1 
ATOM   568  C C   . ASP A 1 72  ? 2.69063   -7.28912  7.71821   1.000 10.55000 ? 72  ASP A C   1 
ATOM   569  O O   . ASP A 1 72  ? 3.90995   -7.45859  7.59515   1.000 11.42000 ? 72  ASP A O   1 
ATOM   570  C CB  . ASP A 1 72  ? 1.54941   -7.47360  9.96122   1.000 12.35000 ? 72  ASP A CB  1 
ATOM   571  C CG  . ASP A 1 72  ? 2.60771   -8.30107  10.66397  1.000 23.06000 ? 72  ASP A CG  1 
ATOM   572  O OD1 . ASP A 1 72  ? 3.08481   -9.29032  10.07289  1.000 26.35000 ? 72  ASP A OD1 1 
ATOM   573  O OD2 . ASP A 1 72  ? 2.95488   -7.96335  11.81529  1.000 31.21000 ? 72  ASP A OD2 1 
ATOM   574  N N   . ALA A 1 73  ? 1.81547   -7.74741  6.81745   1.000 10.01000 ? 73  ALA A N   1 
ATOM   575  C CA  . ALA A 1 73  ? 2.27649   -8.50442  5.65722   1.000 9.57000  ? 73  ALA A CA  1 
ATOM   576  C C   . ALA A 1 73  ? 3.14294   -7.64529  4.74360   1.000 10.46000 ? 73  ALA A C   1 
ATOM   577  O O   . ALA A 1 73  ? 4.09168   -8.14872  4.12988   1.000 10.26000 ? 73  ALA A O   1 
ATOM   578  C CB  . ALA A 1 73  ? 1.07801   -9.07021  4.88806   1.000 11.27000 ? 73  ALA A CB  1 
ATOM   579  N N   . ALA A 1 74  ? 2.82114   -6.35618  4.63058   1.000 9.63000  ? 74  ALA A N   1 
ATOM   580  C CA  . ALA A 1 74  ? 3.64480   -5.46224  3.82339   1.000 9.56000  ? 74  ALA A CA  1 
ATOM   581  C C   . ALA A 1 74  ? 5.03989   -5.33111  4.41599   1.000 10.00000 ? 74  ALA A C   1 
ATOM   582  O O   . ALA A 1 74  ? 6.04186   -5.39398  3.68908   1.000 9.23000  ? 74  ALA A O   1 
ATOM   583  C CB  . ALA A 1 74  ? 2.96189   -4.09926  3.70093   1.000 8.50000  ? 74  ALA A CB  1 
ATOM   584  N N   . VAL A 1 75  ? 5.12679   -5.16195  5.73893   1.000 7.85000  ? 75  VAL A N   1 
ATOM   585  C CA  . VAL A 1 75  ? 6.43750   -5.08828  6.37683   1.000 9.32000  ? 75  VAL A CA  1 
ATOM   586  C C   . VAL A 1 75  ? 7.19322   -6.40031  6.21033   1.000 9.71000  ? 75  VAL A C   1 
ATOM   587  O O   . VAL A 1 75  ? 8.39590   -6.40051  5.92015   1.000 10.23000 ? 75  VAL A O   1 
ATOM   588  C CB  . VAL A 1 75  ? 6.29542   -4.69955  7.85618   1.000 9.29000  ? 75  VAL A CB  1 
ATOM   589  C CG1 . VAL A 1 75  ? 7.66931   -4.65934  8.51851   1.000 12.24000 ? 75  VAL A CG1 1 
ATOM   590  C CG2 . VAL A 1 75  ? 5.60938   -3.36482  7.99052   1.000 10.61000 ? 75  VAL A CG2 1 
ATOM   591  N N   . ARG A 1 76  ? 6.50265   -7.53882  6.38860   1.000 10.64000 ? 76  ARG A N   1 
ATOM   592  C CA  . ARG A 1 76  ? 7.16117   -8.83313  6.20824   1.000 11.98000 ? 76  ARG A CA  1 
ATOM   593  C C   . ARG A 1 76  ? 7.70092   -8.97783  4.79282   1.000 12.88000 ? 76  ARG A C   1 
ATOM   594  O O   . ARG A 1 76  ? 8.81248   -9.48773  4.59237   1.000 13.05000 ? 76  ARG A O   1 
ATOM   595  C CB  . ARG A 1 76  ? 6.19229   -9.98374  6.52283   1.000 13.60000 ? 76  ARG A CB  1 
ATOM   596  C CG  . ARG A 1 76  ? 5.60503   -9.99045  7.92708   1.000 21.33000 ? 76  ARG A CG  1 
ATOM   597  C CD  . ARG A 1 76  ? 4.96068   -11.34527 8.29293   1.000 25.63000 ? 76  ARG A CD  1 
ATOM   598  N NE  . ARG A 1 76  ? 4.03356   -11.86614 7.28366   1.000 27.11000 ? 76  ARG A NE  1 
ATOM   599  C CZ  . ARG A 1 76  ? 2.71396   -11.69006 7.30208   1.000 25.31000 ? 76  ARG A CZ  1 
ATOM   600  N NH1 . ARG A 1 76  ? 2.14591   -10.98412 8.27090   1.000 27.92000 ? 76  ARG A NH1 1 
ATOM   601  N NH2 . ARG A 1 76  ? 1.95736   -12.21887 6.34728   1.000 28.92000 ? 76  ARG A NH2 1 
ATOM   602  N N   . GLY A 1 77  ? 6.93004   -8.53226  3.80123   1.000 11.70000 ? 77  GLY A N   1 
ATOM   603  C CA  . GLY A 1 77  ? 7.37926   -8.62558  2.42284   1.000 12.76000 ? 77  GLY A CA  1 
ATOM   604  C C   . GLY A 1 77  ? 8.62813   -7.80865  2.16655   1.000 13.26000 ? 77  GLY A C   1 
ATOM   605  O O   . GLY A 1 77  ? 9.52265   -8.24043  1.43992   1.000 14.03000 ? 77  GLY A O   1 
ATOM   606  N N   . ILE A 1 78  ? 8.69780   -6.61428  2.76114   1.000 9.65000  ? 78  ILE A N   1 
ATOM   607  C CA  . ILE A 1 78  ? 9.90351   -5.79132  2.68284   1.000 9.59000  ? 78  ILE A CA  1 
ATOM   608  C C   . ILE A 1 78  ? 11.08897  -6.51145  3.30078   1.000 11.27000 ? 78  ILE A C   1 
ATOM   609  O O   . ILE A 1 78  ? 12.16868  -6.59782  2.69832   1.000 11.19000 ? 78  ILE A O   1 
ATOM   610  C CB  . ILE A 1 78  ? 9.65442   -4.43981  3.36952   1.000 8.02000  ? 78  ILE A CB  1 
ATOM   611  C CG1 . ILE A 1 78  ? 8.71160   -3.59484  2.51723   1.000 9.58000  ? 78  ILE A CG1 1 
ATOM   612  C CG2 . ILE A 1 78  ? 10.96617  -3.69607  3.61840   1.000 10.34000 ? 78  ILE A CG2 1 
ATOM   613  C CD1 . ILE A 1 78  ? 8.15135   -2.39395  3.24250   1.000 9.81000  ? 78  ILE A CD1 1 
ATOM   614  N N   . LEU A 1 79  ? 10.90893  -7.03690  4.51726   1.000 9.67000  ? 79  LEU A N   1 
ATOM   615  C CA  . LEU A 1 79  ? 12.04976  -7.57622  5.25342   1.000 10.97000 ? 79  LEU A CA  1 
ATOM   616  C C   . LEU A 1 79  ? 12.56188  -8.88305  4.66890   1.000 13.28000 ? 79  LEU A C   1 
ATOM   617  O O   . LEU A 1 79  ? 13.73761  -9.20786  4.87153   1.000 16.37000 ? 79  LEU A O   1 
ATOM   618  C CB  . LEU A 1 79  ? 11.68978  -7.76218  6.72643   1.000 13.63000 ? 79  LEU A CB  1 
ATOM   619  C CG  . LEU A 1 79  ? 11.35545  -6.47272  7.47490   1.000 13.15000 ? 79  LEU A CG  1 
ATOM   620  C CD1 . LEU A 1 79  ? 10.91414  -6.78056  8.89719   1.000 14.65000 ? 79  LEU A CD1 1 
ATOM   621  C CD2 . LEU A 1 79  ? 12.52463  -5.48156  7.47453   1.000 15.95000 ? 79  LEU A CD2 1 
ATOM   622  N N   . ARG A 1 80  ? 11.73319  -9.62172  3.93124   1.000 12.14000 ? 80  ARG A N   1 
ATOM   623  C CA  . ARG A 1 80  ? 12.18499  -10.86770 3.32079   1.000 13.08000 ? 80  ARG A CA  1 
ATOM   624  C C   . ARG A 1 80  ? 12.74898  -10.66803 1.92283   1.000 14.79000 ? 80  ARG A C   1 
ATOM   625  O O   . ARG A 1 80  ? 13.19449  -11.64066 1.30107   1.000 18.78000 ? 80  ARG A O   1 
ATOM   626  C CB  . ARG A 1 80  ? 11.03870  -11.88018 3.26266   1.000 15.27000 ? 80  ARG A CB  1 
ATOM   627  C CG  . ARG A 1 80  ? 9.95542   -11.53424 2.26530   1.000 20.53000 ? 80  ARG A CG  1 
ATOM   628  C CD  . ARG A 1 80  ? 9.03221   -12.73060 2.03675   1.000 25.71000 ? 80  ARG A CD  1 
ATOM   629  N NE  . ARG A 1 80  ? 7.77923   -12.34520 1.39863   1.000 27.39000 ? 80  ARG A NE  1 
ATOM   630  C CZ  . ARG A 1 80  ? 6.62945   -12.19330 2.05003   1.000 29.22000 ? 80  ARG A CZ  1 
ATOM   631  N NH1 . ARG A 1 80  ? 6.57285   -12.40032 3.35927   1.000 31.30000 ? 80  ARG A NH1 1 
ATOM   632  N NH2 . ARG A 1 80  ? 5.53582   -11.83332 1.39135   1.000 33.36000 ? 80  ARG A NH2 1 
ATOM   633  N N   . ASN A 1 81  ? 12.75030  -9.44203  1.41358   1.000 13.00000 ? 81  ASN A N   1 
ATOM   634  C CA  . ASN A 1 81  ? 13.17100  -9.16639  0.05005   1.000 13.16000 ? 81  ASN A CA  1 
ATOM   635  C C   . ASN A 1 81  ? 14.56727  -8.55808  0.05153   1.000 13.23000 ? 81  ASN A C   1 
ATOM   636  O O   . ASN A 1 81  ? 14.82204  -7.58063  0.76256   1.000 14.59000 ? 81  ASN A O   1 
ATOM   637  C CB  . ASN A 1 81  ? 12.17627  -8.22846  -0.62773  1.000 12.23000 ? 81  ASN A CB  1 
ATOM   638  C CG  . ASN A 1 81  ? 12.49248  -8.01693  -2.07773  1.000 14.28000 ? 81  ASN A CG  1 
ATOM   639  O OD1 . ASN A 1 81  ? 13.36504  -7.22146  -2.42794  1.000 14.50000 ? 81  ASN A OD1 1 
ATOM   640  N ND2 . ASN A 1 81  ? 11.77796  -8.72849  -2.94565  1.000 17.53000 ? 81  ASN A ND2 1 
ATOM   641  N N   . ALA A 1 82  ? 15.47539  -9.14137  -0.74201  1.000 13.19000 ? 82  ALA A N   1 
ATOM   642  C CA  . ALA A 1 82  ? 16.86931  -8.72116  -0.70323  1.000 15.60000 ? 82  ALA A CA  1 
ATOM   643  C C   . ALA A 1 82  ? 17.07971  -7.31746  -1.24525  1.000 16.26000 ? 82  ALA A C   1 
ATOM   644  O O   . ALA A 1 82  ? 18.08884  -6.68871  -0.91879  1.000 16.48000 ? 82  ALA A O   1 
ATOM   645  C CB  . ALA A 1 82  ? 17.73574  -9.70946  -1.48546  1.000 17.16000 ? 82  ALA A CB  1 
ATOM   646  N N   . LYS A 1 83  ? 16.17522  -6.81579  -2.08093  1.000 13.86000 ? 83  LYS A N   1 
ATOM   647  C CA  . LYS A 1 83  ? 16.31924  -5.45875  -2.58212  1.000 13.37000 ? 83  LYS A CA  1 
ATOM   648  C C   . LYS A 1 83  ? 15.62283  -4.43825  -1.69929  1.000 13.25000 ? 83  LYS A C   1 
ATOM   649  O O   . LYS A 1 83  ? 16.12516  -3.32006  -1.54519  1.000 15.84000 ? 83  LYS A O   1 
ATOM   650  C CB  . LYS A 1 83  ? 15.78630  -5.36300  -4.01586  1.000 16.55000 ? 83  LYS A CB  1 
ATOM   651  C CG  . LYS A 1 83  ? 16.59010  -6.22214  -4.98448  1.000 19.74000 ? 83  LYS A CG  1 
ATOM   652  C CD  . LYS A 1 83  ? 15.89608  -6.37891  -6.31957  1.000 21.44000 ? 83  LYS A CD  1 
ATOM   653  C CE  . LYS A 1 83  ? 15.92983  -5.09208  -7.11447  1.000 22.42000 ? 83  LYS A CE  1 
ATOM   654  N NZ  . LYS A 1 83  ? 15.26009  -5.31319  -8.42782  1.000 23.33000 ? 83  LYS A NZ  1 
ATOM   655  N N   . LEU A 1 84  ? 14.49418  -4.81099  -1.08811  1.000 10.91000 ? 84  LEU A N   1 
ATOM   656  C CA  . LEU A 1 84  ? 13.74280  -3.85608  -0.28308  1.000 10.07000 ? 84  LEU A CA  1 
ATOM   657  C C   . LEU A 1 84  ? 14.31559  -3.70223  1.11861   1.000 8.57000  ? 84  LEU A C   1 
ATOM   658  O O   . LEU A 1 84  ? 14.29764  -2.59558  1.66378   1.000 10.09000 ? 84  LEU A O   1 
ATOM   659  C CB  . LEU A 1 84  ? 12.27003  -4.27308  -0.20108  1.000 9.44000  ? 84  LEU A CB  1 
ATOM   660  C CG  . LEU A 1 84  ? 11.52640  -4.33609  -1.53516  1.000 9.52000  ? 84  LEU A CG  1 
ATOM   661  C CD1 . LEU A 1 84  ? 10.11926  -4.89794  -1.30946  1.000 11.85000 ? 84  LEU A CD1 1 
ATOM   662  C CD2 . LEU A 1 84  ? 11.46201  -2.96648  -2.18966  1.000 13.10000 ? 84  LEU A CD2 1 
ATOM   663  N N   . LYS A 1 85  ? 14.78318  -4.79178  1.74152   1.000 9.36000  ? 85  LYS A N   1 
ATOM   664  C CA  . LYS A 1 85  ? 15.22980  -4.69137  3.13132   1.000 9.57000  ? 85  LYS A CA  1 
ATOM   665  C C   . LYS A 1 85  ? 16.35893  -3.68530  3.32728   1.000 9.67000  ? 85  LYS A C   1 
ATOM   666  O O   . LYS A 1 85  ? 16.26503  -2.86759  4.26024   1.000 9.62000  ? 85  LYS A O   1 
ATOM   667  C CB  . LYS A 1 85  ? 15.62884  -6.06534  3.68381   1.000 11.60000 ? 85  LYS A CB  1 
ATOM   668  C CG  . LYS A 1 85  ? 16.05076  -5.95782  5.15375   1.000 13.64000 ? 85  LYS A CG  1 
ATOM   669  C CD  . LYS A 1 85  ? 16.25104  -7.31003  5.80354   1.000 17.56000 ? 85  LYS A CD  1 
ATOM   670  C CE  . LYS A 1 85  ? 16.59683  -7.16369  7.28388   1.000 20.17000 ? 85  LYS A CE  1 
ATOM   671  N NZ  . LYS A 1 85  ? 17.84660  -6.38834  7.49311   1.000 23.87000 ? 85  LYS A NZ  1 
ATOM   672  N N   . PRO A 1 86  ? 17.42350  -3.66390  2.52853   1.000 9.44000  ? 86  PRO A N   1 
ATOM   673  C CA  . PRO A 1 86  ? 18.46997  -2.66262  2.79429   1.000 11.80000 ? 86  PRO A CA  1 
ATOM   674  C C   . PRO A 1 86  ? 17.97453  -1.23999  2.61653   1.000 10.25000 ? 86  PRO A C   1 
ATOM   675  O O   . PRO A 1 86  ? 18.42378  -0.33824  3.33485   1.000 11.37000 ? 86  PRO A O   1 
ATOM   676  C CB  . PRO A 1 86  ? 19.58174  -3.01816  1.79535   1.000 13.69000 ? 86  PRO A CB  1 
ATOM   677  C CG  . PRO A 1 86  ? 18.95276  -3.92227  0.79711   1.000 17.40000 ? 86  PRO A CG  1 
ATOM   678  C CD  . PRO A 1 86  ? 17.79943  -4.59834  1.45031   1.000 13.06000 ? 86  PRO A CD  1 
ATOM   679  N N   . ILE A 1 87  ? 17.05349  -0.99886  1.68342   1.000 10.01000 ? 87  ILE A N   1 
ATOM   680  C CA  . ILE A 1 87  ? 16.49310  0.34124   1.54809   1.000 10.05000 ? 87  ILE A CA  1 
ATOM   681  C C   . ILE A 1 87  ? 15.70386  0.70574   2.79716   1.000 8.76000  ? 87  ILE A C   1 
ATOM   682  O O   . ILE A 1 87  ? 15.89397  1.77128   3.39300   1.000 8.69000  ? 87  ILE A O   1 
ATOM   683  C CB  . ILE A 1 87  ? 15.60147  0.43561   0.29904   1.000 10.77000 ? 87  ILE A CB  1 
ATOM   684  C CG1 . ILE A 1 87  ? 16.32852  -0.07939  -0.94704  1.000 16.37000 ? 87  ILE A CG1 1 
ATOM   685  C CG2 . ILE A 1 87  ? 15.07939  1.86895   0.14493   1.000 12.83000 ? 87  ILE A CG2 1 
ATOM   686  C CD1 . ILE A 1 87  ? 17.65276  0.45879   -1.14675  1.000 25.96000 ? 87  ILE A CD1 1 
ATOM   687  N N   . TYR A 1 88  ? 14.79650  -0.17757  3.21026   1.000 9.08000  ? 88  TYR A N   1 
ATOM   688  C CA  . TYR A 1 88  ? 14.01409  0.05918   4.41226   1.000 8.58000  ? 88  TYR A CA  1 
ATOM   689  C C   . TYR A 1 88  ? 14.90697  0.35017   5.60902   1.000 8.84000  ? 88  TYR A C   1 
ATOM   690  O O   . TYR A 1 88  ? 14.66551  1.30786   6.35168   1.000 10.04000 ? 88  TYR A O   1 
ATOM   691  C CB  . TYR A 1 88  ? 13.13561  -1.15987  4.67271   1.000 9.46000  ? 88  TYR A CB  1 
ATOM   692  C CG  . TYR A 1 88  ? 12.09873  -1.00547  5.74961   1.000 9.13000  ? 88  TYR A CG  1 
ATOM   693  C CD1 . TYR A 1 88  ? 10.87963  -0.39441  5.47883   1.000 9.87000  ? 88  TYR A CD1 1 
ATOM   694  C CD2 . TYR A 1 88  ? 12.32059  -1.48487  7.03261   1.000 12.00000 ? 88  TYR A CD2 1 
ATOM   695  C CE1 . TYR A 1 88  ? 9.91033   -0.27609  6.44255   1.000 11.02000 ? 88  TYR A CE1 1 
ATOM   696  C CE2 . TYR A 1 88  ? 11.34937  -1.36536  8.01723   1.000 14.08000 ? 88  TYR A CE2 1 
ATOM   697  C CZ  . TYR A 1 88  ? 10.15143  -0.75527  7.71279   1.000 11.60000 ? 88  TYR A CZ  1 
ATOM   698  O OH  . TYR A 1 88  ? 9.17372   -0.64417  8.68400   1.000 14.99000 ? 88  TYR A OH  1 
ATOM   699  N N   . ASP A 1 89  ? 15.94828  -0.46670  5.80528   1.000 9.50000  ? 89  ASP A N   1 
ATOM   700  C CA  . ASP A 1 89  ? 16.84375  -0.27975  6.94528   1.000 10.65000 ? 89  ASP A CA  1 
ATOM   701  C C   . ASP A 1 89  ? 17.51262  1.07958   6.91098   1.000 10.55000 ? 89  ASP A C   1 
ATOM   702  O O   . ASP A 1 89  ? 17.84324  1.62983   7.96820   1.000 12.91000 ? 89  ASP A O   1 
ATOM   703  C CB  . ASP A 1 89  ? 17.91432  -1.37089  6.97063   1.000 12.04000 ? 89  ASP A CB  1 
ATOM   704  C CG  . ASP A 1 89  ? 17.37236  -2.71984  7.39141   1.000 15.86000 ? 89  ASP A CG  1 
ATOM   705  O OD1 . ASP A 1 89  ? 16.27637  -2.77486  7.98580   1.000 20.12000 ? 89  ASP A OD1 1 
ATOM   706  O OD2 . ASP A 1 89  ? 18.06572  -3.72569  7.13810   1.000 19.82000 ? 89  ASP A OD2 1 
ATOM   707  N N   . SER A 1 90  ? 17.72986  1.62881   5.71701   1.000 9.76000  ? 90  SER A N   1 
ATOM   708  C CA  . SER A 1 90  ? 18.42410  2.89659   5.56613   1.000 8.98000  ? 90  SER A CA  1 
ATOM   709  C C   . SER A 1 90  ? 17.53136  4.10327   5.82792   1.000 8.86000  ? 90  SER A C   1 
ATOM   710  O O   . SER A 1 90  ? 18.05397  5.21410   5.99060   1.000 9.82000  ? 90  SER A O   1 
ATOM   711  C CB  . SER A 1 90  ? 19.02462  3.00926   4.15993   1.000 10.11000 ? 90  SER A CB  1 
ATOM   712  O OG  . SER A 1 90  ? 18.04157  3.35450   3.18702   1.000 10.41000 ? 90  SER A OG  1 
ATOM   713  N N   . LEU A 1 91  ? 16.21302  3.92345   5.86096   1.000 9.13000  ? 91  LEU A N   1 
ATOM   714  C CA  . LEU A 1 91  ? 15.27218  5.03341   5.90814   1.000 8.94000  ? 91  LEU A CA  1 
ATOM   715  C C   . LEU A 1 91  ? 14.89556  5.40690   7.33581   1.000 9.21000  ? 91  LEU A C   1 
ATOM   716  O O   . LEU A 1 91  ? 14.86616  4.56444   8.23726   1.000 11.18000 ? 91  LEU A O   1 
ATOM   717  C CB  . LEU A 1 91  ? 13.99491  4.67980   5.14456   1.000 10.07000 ? 91  LEU A CB  1 
ATOM   718  C CG  . LEU A 1 91  ? 14.15063  4.46026   3.64361   1.000 9.93000  ? 91  LEU A CG  1 
ATOM   719  C CD1 . LEU A 1 91  ? 12.80989  3.96295   3.09264   1.000 10.77000 ? 91  LEU A CD1 1 
ATOM   720  C CD2 . LEU A 1 91  ? 14.60164  5.72350   2.92890   1.000 11.93000 ? 91  LEU A CD2 1 
ATOM   721  N N   . ASP A 1 92  ? 14.57704  6.68804   7.51938   1.000 9.64000  ? 92  ASP A N   1 
ATOM   722  C CA  . ASP A 1 92  ? 13.89639  7.15851   8.71646   1.000 10.37000 ? 92  ASP A CA  1 
ATOM   723  C C   . ASP A 1 92  ? 12.46076  6.62732   8.76324   1.000 12.46000 ? 92  ASP A C   1 
ATOM   724  O O   . ASP A 1 92  ? 11.92470  6.13441   7.76766   1.000 10.48000 ? 92  ASP A O   1 
ATOM   725  C CB  . ASP A 1 92  ? 13.86461  8.68123   8.73023   1.000 11.55000 ? 92  ASP A CB  1 
ATOM   726  C CG  . ASP A 1 92  ? 13.18860  9.23772   7.50050   1.000 12.93000 ? 92  ASP A CG  1 
ATOM   727  O OD1 . ASP A 1 92  ? 13.86538  9.39077   6.45842   1.000 13.35000 ? 92  ASP A OD1 1 
ATOM   728  O OD2 . ASP A 1 92  ? 11.96016  9.47514   7.57253   1.000 13.78000 ? 92  ASP A OD2 1 
ATOM   729  N N   . ALA A 1 93  ? 11.81302  6.77398   9.92460   1.000 10.55000 ? 93  ALA A N   1 
ATOM   730  C CA  . ALA A 1 93  ? 10.50541  6.14100   10.11571  1.000 9.29000  ? 93  ALA A CA  1 
ATOM   731  C C   . ALA A 1 93  ? 9.41738   6.73286   9.21837   1.000 9.53000  ? 93  ALA A C   1 
ATOM   732  O O   . ALA A 1 93  ? 8.49820   6.00664   8.81997   1.000 10.87000 ? 93  ALA A O   1 
ATOM   733  C CB  . ALA A 1 93  ? 10.07536  6.22909   11.58294  1.000 11.24000 ? 93  ALA A CB  1 
ATOM   734  N N   . VAL A 1 94  ? 9.47131   8.02774   8.90598   1.000 9.34000  ? 94  VAL A N   1 
ATOM   735  C CA  . VAL A 1 94  ? 8.46221   8.59847   8.01470   1.000 9.01000  ? 94  VAL A CA  1 
ATOM   736  C C   . VAL A 1 94  ? 8.60368   8.00764   6.61825   1.000 9.49000  ? 94  VAL A C   1 
ATOM   737  O O   . VAL A 1 94  ? 7.61675   7.60080   5.98593   1.000 9.70000  ? 94  VAL A O   1 
ATOM   738  C CB  . VAL A 1 94  ? 8.55941   10.13364  7.98456   1.000 9.78000  ? 94  VAL A CB  1 
ATOM   739  C CG1 . VAL A 1 94  ? 7.52154   10.70828  7.04952   1.000 10.73000 ? 94  VAL A CG1 1 
ATOM   740  C CG2 . VAL A 1 94  ? 8.39507   10.70259  9.39457   1.000 13.00000 ? 94  VAL A CG2 1 
ATOM   741  N N   . ARG A 1 95  ? 9.83051   7.93480   6.11460   1.000 8.74000  ? 95  ARG A N   1 
ATOM   742  C CA  . ARG A 1 95  ? 10.02749  7.37790   4.78276   1.000 8.48000  ? 95  ARG A CA  1 
ATOM   743  C C   . ARG A 1 95  ? 9.80059   5.86777   4.76174   1.000 8.76000  ? 95  ARG A C   1 
ATOM   744  O O   . ARG A 1 95  ? 9.37177   5.32523   3.73196   1.000 7.99000  ? 95  ARG A O   1 
ATOM   745  C CB  . ARG A 1 95  ? 11.41519  7.75756   4.27585   1.000 9.19000  ? 95  ARG A CB  1 
ATOM   746  C CG  . ARG A 1 95  ? 11.55351  9.26298   4.03938   1.000 8.73000  ? 95  ARG A CG  1 
ATOM   747  C CD  . ARG A 1 95  ? 12.91162  9.56343   3.44749   1.000 11.03000 ? 95  ARG A CD  1 
ATOM   748  N NE  . ARG A 1 95  ? 13.04328  10.92816  2.94597   1.000 9.84000  ? 95  ARG A NE  1 
ATOM   749  C CZ  . ARG A 1 95  ? 13.59138  11.91927  3.63887   1.000 10.08000 ? 95  ARG A CZ  1 
ATOM   750  N NH1 . ARG A 1 95  ? 14.03613  11.70915  4.87555   1.000 11.21000 ? 95  ARG A NH1 1 
ATOM   751  N NH2 . ARG A 1 95  ? 13.68551  13.11872  3.08934   1.000 11.12000 ? 95  ARG A NH2 1 
ATOM   752  N N   . ARG A 1 96  ? 10.04560  5.16742   5.87905   1.000 7.98000  ? 96  ARG A N   1 
ATOM   753  C CA  . ARG A 1 96  ? 9.64249   3.76578   5.97586   1.000 7.45000  ? 96  ARG A CA  1 
ATOM   754  C C   . ARG A 1 96  ? 8.15287   3.61019   5.70991   1.000 8.56000  ? 96  ARG A C   1 
ATOM   755  O O   . ARG A 1 96  ? 7.73427   2.66555   5.02659   1.000 8.27000  ? 96  ARG A O   1 
ATOM   756  C CB  . ARG A 1 96  ? 9.99874   3.19209   7.35082   1.000 8.60000  ? 96  ARG A CB  1 
ATOM   757  C CG  . ARG A 1 96  ? 11.47263  2.86660   7.47995   1.000 9.85000  ? 96  ARG A CG  1 
ATOM   758  C CD  . ARG A 1 96  ? 11.82179  2.30441   8.86150   1.000 12.02000 ? 96  ARG A CD  1 
ATOM   759  N NE  . ARG A 1 96  ? 13.26692  2.23778   8.97418   1.000 12.37000 ? 96  ARG A NE  1 
ATOM   760  C CZ  . ARG A 1 96  ? 13.95691  1.36544   9.69718   1.000 15.08000 ? 96  ARG A CZ  1 
ATOM   761  N NH1 . ARG A 1 96  ? 13.34624  0.43522   10.42680  1.000 19.37000 ? 96  ARG A NH1 1 
ATOM   762  N NH2 . ARG A 1 96  ? 15.28440  1.43412   9.67024   1.000 16.70000 ? 96  ARG A NH2 1 
ATOM   763  N N   . ALA A 1 97  ? 7.33968   4.52728   6.24011   1.000 8.02000  ? 97  ALA A N   1 
ATOM   764  C CA  . ALA A 1 97  ? 5.90268   4.45922   5.99624   1.000 7.63000  ? 97  ALA A CA  1 
ATOM   765  C C   . ALA A 1 97  ? 5.59771   4.61038   4.51602   1.000 7.48000  ? 97  ALA A C   1 
ATOM   766  O O   . ALA A 1 97  ? 4.72290   3.91453   3.98608   1.000 7.74000  ? 97  ALA A O   1 
ATOM   767  C CB  . ALA A 1 97  ? 5.18166   5.53505   6.80438   1.000 8.36000  ? 97  ALA A CB  1 
ATOM   768  N N   . ALA A 1 98  ? 6.30972   5.50724   3.82655   1.000 6.50000  ? 98  ALA A N   1 
ATOM   769  C CA  . ALA A 1 98  ? 6.10259   5.64443   2.38788   1.000 7.07000  ? 98  ALA A CA  1 
ATOM   770  C C   . ALA A 1 98  ? 6.38849   4.33457   1.65065   1.000 7.28000  ? 98  ALA A C   1 
ATOM   771  O O   . ALA A 1 98  ? 5.66026   3.96232   0.71933   1.000 7.55000  ? 98  ALA A O   1 
ATOM   772  C CB  . ALA A 1 98  ? 6.97291   6.77790   1.84545   1.000 7.45000  ? 98  ALA A CB  1 
ATOM   773  N N   . LEU A 1 99  ? 7.44720   3.61954   2.03867   1.000 6.56000  ? 99  LEU A N   1 
ATOM   774  C CA  . LEU A 1 99  ? 7.75307   2.36424   1.37205   1.000 6.31000  ? 99  LEU A CA  1 
ATOM   775  C C   . LEU A 1 99  ? 6.71145   1.29669   1.69873   1.000 7.14000  ? 99  LEU A C   1 
ATOM   776  O O   . LEU A 1 99  ? 6.31006   0.53050   0.81224   1.000 7.92000  ? 99  LEU A O   1 
ATOM   777  C CB  . LEU A 1 99  ? 9.16285   1.90526   1.75174   1.000 7.94000  ? 99  LEU A CB  1 
ATOM   778  C CG  . LEU A 1 99  ? 9.70437   0.74190   0.91574   1.000 8.31000  ? 99  LEU A CG  1 
ATOM   779  C CD1 . LEU A 1 99  ? 9.89375   1.11663   -0.54974  1.000 10.21000 ? 99  LEU A CD1 1 
ATOM   780  C CD2 . LEU A 1 99  ? 11.02158  0.23432   1.50558   1.000 10.07000 ? 99  LEU A CD2 1 
ATOM   781  N N   . ILE A 1 100 ? 6.26112   1.22895   2.95593   1.000 5.96000  ? 100 ILE A N   1 
ATOM   782  C CA  . ILE A 1 100 ? 5.19179   0.29543   3.30537   1.000 6.71000  ? 100 ILE A CA  1 
ATOM   783  C C   . ILE A 1 100 ? 3.94693   0.59004   2.48063   1.000 7.50000  ? 100 ILE A C   1 
ATOM   784  O O   . ILE A 1 100 ? 3.27127   -0.33322  2.00433   1.000 7.86000  ? 100 ILE A O   1 
ATOM   785  C CB  . ILE A 1 100 ? 4.87937   0.35708   4.81274   1.000 7.05000  ? 100 ILE A CB  1 
ATOM   786  C CG1 . ILE A 1 100 ? 6.07992   -0.09400  5.63144   1.000 8.75000  ? 100 ILE A CG1 1 
ATOM   787  C CG2 . ILE A 1 100 ? 3.67119   -0.51838  5.14537   1.000 8.22000  ? 100 ILE A CG2 1 
ATOM   788  C CD1 . ILE A 1 100 ? 5.96883   0.28408   7.09581   1.000 9.92000  ? 100 ILE A CD1 1 
ATOM   789  N N   . ASN A 1 101 ? 3.62914   1.87929   2.30458   1.000 6.41000  ? 101 ASN A N   1 
ATOM   790  C CA  . ASN A 1 101 ? 2.47273   2.28637   1.51080   1.000 6.36000  ? 101 ASN A CA  1 
ATOM   791  C C   . ASN A 1 101 ? 2.56502   1.72423   0.09679   1.000 7.36000  ? 101 ASN A C   1 
ATOM   792  O O   . ASN A 1 101 ? 1.61674   1.09585   -0.39326  1.000 7.67000  ? 101 ASN A O   1 
ATOM   793  C CB  . ASN A 1 101 ? 2.38831   3.82238   1.52073   1.000 7.17000  ? 101 ASN A CB  1 
ATOM   794  C CG  . ASN A 1 101 ? 1.07945   4.35752   0.98269   1.000 7.79000  ? 101 ASN A CG  1 
ATOM   795  O OD1 . ASN A 1 101 ? 0.65842   3.99772   -0.11626  1.000 9.23000  ? 101 ASN A OD1 1 
ATOM   796  N ND2 . ASN A 1 101 ? 0.41507   5.21111   1.76122   1.000 7.94000  ? 101 ASN A ND2 1 
ATOM   797  N N   . MET A 1 102 ? 3.72734   1.87558   -0.54854  1.000 6.93000  ? 102 MET A N   1 
ATOM   798  C CA  . MET A 1 102 ? 3.91241   1.33265   -1.89725  1.000 7.41000  ? 102 MET A CA  1 
ATOM   799  C C   . MET A 1 102 ? 3.72580   -0.17575  -1.93211  1.000 7.42000  ? 102 MET A C   1 
ATOM   800  O O   . MET A 1 102 ? 3.09820   -0.70592  -2.85841  1.000 7.41000  ? 102 MET A O   1 
ATOM   801  C CB  . MET A 1 102 ? 5.30480   1.67206   -2.42099  1.000 8.14000  ? 102 MET A CB  1 
ATOM   802  C CG  . MET A 1 102 ? 5.52167   3.14290   -2.69055  1.000 8.04000  ? 102 MET A CG  1 
ATOM   803  S SD  . MET A 1 102 ? 7.14010   3.42776   -3.45203  1.000 9.88000  ? 102 MET A SD  1 
ATOM   804  C CE  . MET A 1 102 ? 6.83329   2.83281   -5.11342  1.000 10.59000 ? 102 MET A CE  1 
ATOM   805  N N   . VAL A 1 103 ? 4.28602   -0.88957  -0.95327  1.000 7.56000  ? 103 VAL A N   1 
ATOM   806  C CA  . VAL A 1 103 ? 4.17950   -2.34793  -0.94795  1.000 8.39000  ? 103 VAL A CA  1 
ATOM   807  C C   . VAL A 1 103 ? 2.73956   -2.78237  -0.67475  1.000 8.49000  ? 103 VAL A C   1 
ATOM   808  O O   . VAL A 1 103 ? 2.24676   -3.76466  -1.25490  1.000 9.80000  ? 103 VAL A O   1 
ATOM   809  C CB  . VAL A 1 103 ? 5.17304   -2.93619  0.07074   1.000 7.84000  ? 103 VAL A CB  1 
ATOM   810  C CG1 . VAL A 1 103 ? 4.93530   -4.43695  0.26549   1.000 9.80000  ? 103 VAL A CG1 1 
ATOM   811  C CG2 . VAL A 1 103 ? 6.58609   -2.69332  -0.39774  1.000 9.88000  ? 103 VAL A CG2 1 
ATOM   812  N N   . PHE A 1 104 ? 2.03027   -2.04611  0.17922   1.000 7.40000  ? 104 PHE A N   1 
ATOM   813  C CA  . PHE A 1 104 ? 0.61546   -2.34289  0.41051   1.000 7.67000  ? 104 PHE A CA  1 
ATOM   814  C C   . PHE A 1 104 ? -0.18713  -2.22023  -0.88390  1.000 8.95000  ? 104 PHE A C   1 
ATOM   815  O O   . PHE A 1 104 ? -1.05670  -3.05380  -1.17398  1.000 12.20000 ? 104 PHE A O   1 
ATOM   816  C CB  . PHE A 1 104 ? 0.10002   -1.38579  1.48992   1.000 7.80000  ? 104 PHE A CB  1 
ATOM   817  C CG  . PHE A 1 104 ? -1.26499  -1.69350  2.01888   1.000 8.75000  ? 104 PHE A CG  1 
ATOM   818  C CD1 . PHE A 1 104 ? -2.40052  -1.33660  1.30484   1.000 11.29000 ? 104 PHE A CD1 1 
ATOM   819  C CD2 . PHE A 1 104 ? -1.41584  -2.28067  3.26754   1.000 9.85000  ? 104 PHE A CD2 1 
ATOM   820  C CE1 . PHE A 1 104 ? -3.66019  -1.59537  1.81717   1.000 12.07000 ? 104 PHE A CE1 1 
ATOM   821  C CE2 . PHE A 1 104 ? -2.66601  -2.53739  3.76875   1.000 9.75000  ? 104 PHE A CE2 1 
ATOM   822  C CZ  . PHE A 1 104 ? -3.78652  -2.18609  3.04043   1.000 11.11000 ? 104 PHE A CZ  1 
ATOM   823  N N   . GLN A 1 105 ? 0.13656   -1.21660  -1.70218  1.000 8.75000  ? 105 GLN A N   1 
ATOM   824  C CA  . GLN A 1 105 ? -0.62243  -0.97124  -2.92525  1.000 9.70000  ? 105 GLN A CA  1 
ATOM   825  C C   . GLN A 1 105 ? -0.25295  -1.93974  -4.04766  1.000 10.71000 ? 105 GLN A C   1 
ATOM   826  O O   . GLN A 1 105 ? -1.14186  -2.41928  -4.76824  1.000 13.61000 ? 105 GLN A O   1 
ATOM   827  C CB  . GLN A 1 105 ? -0.40495  0.47054   -3.38283  1.000 9.99000  ? 105 GLN A CB  1 
ATOM   828  C CG  . GLN A 1 105 ? -1.23737  0.83405   -4.61148  1.000 10.48000 ? 105 GLN A CG  1 
ATOM   829  C CD  . GLN A 1 105 ? -0.98729  2.24851   -5.10284  1.000 10.31000 ? 105 GLN A CD  1 
ATOM   830  O OE1 . GLN A 1 105 ? -0.16233  2.98234   -4.56584  1.000 9.21000  ? 105 GLN A OE1 1 
ATOM   831  N NE2 . GLN A 1 105 ? -1.70697  2.63923   -6.15211  1.000 13.45000 ? 105 GLN A NE2 1 
ATOM   832  N N   . MET A 1 106 ? 1.03850   -2.25185  -4.20954  1.000 10.66000 ? 106 MET A N   1 
ATOM   833  C CA  . MET A 1 106 ? 1.54293   -2.94585  -5.38779  1.000 10.32000 ? 106 MET A CA  1 
ATOM   834  C C   . MET A 1 106 ? 2.16704   -4.30649  -5.10913  1.000 11.45000 ? 106 MET A C   1 
ATOM   835  O O   . MET A 1 106 ? 2.46756   -5.03552  -6.07037  1.000 13.73000 ? 106 MET A O   1 
ATOM   836  C CB  . MET A 1 106 ? 2.58749   -2.07665  -6.10944  1.000 12.29000 ? 106 MET A CB  1 
ATOM   837  C CG  . MET A 1 106 ? 1.98634   -0.85415  -6.75278  1.000 12.21000 ? 106 MET A CG  1 
ATOM   838  S SD  . MET A 1 106 ? 3.19832   0.27483   -7.45126  1.000 15.86000 ? 106 MET A SD  1 
ATOM   839  C CE  . MET A 1 106 ? 3.72765   1.14886   -5.97830  1.000 13.81000 ? 106 MET A CE  1 
ATOM   840  N N   . GLY A 1 107 ? 2.40590   -4.65871  -3.85028  1.000 10.31000 ? 107 GLY A N   1 
ATOM   841  C CA  . GLY A 1 107 ? 3.05988   -5.90858  -3.51305  1.000 12.25000 ? 107 GLY A CA  1 
ATOM   842  C C   . GLY A 1 107 ? 4.57673   -5.81258  -3.52102  1.000 10.36000 ? 107 GLY A C   1 
ATOM   843  O O   . GLY A 1 107 ? 5.17425   -4.94828  -4.16032  1.000 10.81000 ? 107 GLY A O   1 
ATOM   844  N N   . GLU A 1 108 ? 5.20186   -6.76114  -2.81947  1.000 12.08000 ? 108 GLU A N   1 
ATOM   845  C CA  . GLU A 1 108 ? 6.65852   -6.79675  -2.69374  1.000 12.35000 ? 108 GLU A CA  1 
ATOM   846  C C   . GLU A 1 108 ? 7.34071   -6.91451  -4.05019  1.000 13.76000 ? 108 GLU A C   1 
ATOM   847  O O   . GLU A 1 108 ? 8.32802   -6.22496  -4.32367  1.000 12.16000 ? 108 GLU A O   1 
ATOM   848  C CB  . GLU A 1 108 ? 7.06100   -7.96809  -1.78331  1.000 17.43000 ? 108 GLU A CB  1 
ATOM   849  C CG  . GLU A 1 108 ? 8.48345   -8.50480  -2.00903  1.000 26.59000 ? 108 GLU A CG  1 
ATOM   850  C CD  . GLU A 1 108 ? 8.68761   -9.94022  -1.50688  1.000 26.98000 ? 108 GLU A CD  1 
ATOM   851  O OE1 . GLU A 1 108 ? 9.74669   -10.53683 -1.82604  1.000 26.20000 ? 108 GLU A OE1 1 
ATOM   852  O OE2 . GLU A 1 108 ? 7.79403   -10.47682 -0.80763  1.000 28.26000 ? 108 GLU A OE2 1 
ATOM   853  N N   . THR A 1 109 ? 6.85212   -7.81581  -4.90489  1.000 14.72000 ? 109 THR A N   1 
ATOM   854  C CA  . THR A 1 109 ? 7.51462   -8.02342  -6.18743  1.000 15.31000 ? 109 THR A CA  1 
ATOM   855  C C   . THR A 1 109 ? 7.47857   -6.75638  -7.03053  1.000 12.82000 ? 109 THR A C   1 
ATOM   856  O O   . THR A 1 109 ? 8.48997   -6.36600  -7.62754  1.000 13.95000 ? 109 THR A O   1 
ATOM   857  C CB  . THR A 1 109 ? 6.86301   -9.19158  -6.92557  1.000 18.19000 ? 109 THR A CB  1 
ATOM   858  O OG1 . THR A 1 109 ? 6.89859   -10.34940 -6.08241  1.000 20.94000 ? 109 THR A OG1 1 
ATOM   859  C CG2 . THR A 1 109 ? 7.60577   -9.48578  -8.22036  1.000 19.93000 ? 109 THR A CG2 1 
ATOM   860  N N   . GLY A 1 110 ? 6.32881   -6.08496  -7.05637  1.000 11.86000 ? 110 GLY A N   1 
ATOM   861  C CA  . GLY A 1 110 ? 6.20596   -4.86850  -7.83904  1.000 12.96000 ? 110 GLY A CA  1 
ATOM   862  C C   . GLY A 1 110 ? 7.13996   -3.77391  -7.36500  1.000 12.43000 ? 110 GLY A C   1 
ATOM   863  O O   . GLY A 1 110 ? 7.81455   -3.12752  -8.16644  1.000 13.37000 ? 110 GLY A O   1 
ATOM   864  N N   . VAL A 1 111 ? 7.19793   -3.54838  -6.05080  1.000 10.57000 ? 111 VAL A N   1 
ATOM   865  C CA  . VAL A 1 111 ? 8.04284   -2.46076  -5.55990  1.000 9.60000  ? 111 VAL A CA  1 
ATOM   866  C C   . VAL A 1 111 ? 9.52179   -2.80364  -5.70253  1.000 11.02000 ? 111 VAL A C   1 
ATOM   867  O O   . VAL A 1 111 ? 10.33900  -1.92220  -5.99401  1.000 10.75000 ? 111 VAL A O   1 
ATOM   868  C CB  . VAL A 1 111 ? 7.67350   -2.09396  -4.11195  1.000 8.84000  ? 111 VAL A CB  1 
ATOM   869  C CG1 . VAL A 1 111 ? 8.54974   -0.94449  -3.61317  1.000 9.57000  ? 111 VAL A CG1 1 
ATOM   870  C CG2 . VAL A 1 111 ? 6.22192   -1.67163  -4.03409  1.000 9.67000  ? 111 VAL A CG2 1 
ATOM   871  N N   . ALA A 1 112 ? 9.89107   -4.07562  -5.52516  1.000 10.23000 ? 112 ALA A N   1 
ATOM   872  C CA  . ALA A 1 112 ? 11.27798  -4.47563  -5.73621  1.000 11.73000 ? 112 ALA A CA  1 
ATOM   873  C C   . ALA A 1 112 ? 11.71431  -4.26869  -7.17896  1.000 13.17000 ? 112 ALA A C   1 
ATOM   874  O O   . ALA A 1 112 ? 12.91909  -4.17145  -7.43937  1.000 16.25000 ? 112 ALA A O   1 
ATOM   875  C CB  . ALA A 1 112 ? 11.47000  -5.93668  -5.31790  1.000 14.15000 ? 112 ALA A CB  1 
ATOM   876  N N   . GLY A 1 113 ? 10.76460  -4.15809  -8.11146  1.000 12.91000 ? 113 GLY A N   1 
ATOM   877  C CA  . GLY A 1 113 ? 11.08781  -3.83516  -9.49191  1.000 16.01000 ? 113 GLY A CA  1 
ATOM   878  C C   . GLY A 1 113 ? 11.50161  -2.39371  -9.72976  1.000 17.10000 ? 113 GLY A C   1 
ATOM   879  O O   . GLY A 1 113 ? 11.96969  -2.08519  -10.83036 1.000 17.24000 ? 113 GLY A O   1 
ATOM   880  N N   . PHE A 1 114 ? 11.33568  -1.51019  -8.74031  1.000 13.79000 ? 114 PHE A N   1 
ATOM   881  C CA  . PHE A 1 114 ? 11.74057  -0.10783  -8.85058  1.000 11.71000 ? 114 PHE A CA  1 
ATOM   882  C C   . PHE A 1 114 ? 13.24214  0.02888   -8.57538  1.000 11.30000 ? 114 PHE A C   1 
ATOM   883  O O   . PHE A 1 114 ? 13.65732  0.88878   -7.79241  1.000 13.06000 ? 114 PHE A O   1 
ATOM   884  C CB  . PHE A 1 114 ? 10.94938  0.76254   -7.86217  1.000 14.02000 ? 114 PHE A CB  1 
ATOM   885  C CG  . PHE A 1 114 ? 9.53074   1.12129   -8.29592  1.000 11.48000 ? 114 PHE A CG  1 
ATOM   886  C CD1 . PHE A 1 114 ? 8.54084   0.15885   -8.39613  1.000 15.94000 ? 114 PHE A CD1 1 
ATOM   887  C CD2 . PHE A 1 114 ? 9.18537   2.44651   -8.50421  1.000 13.22000 ? 114 PHE A CD2 1 
ATOM   888  C CE1 . PHE A 1 114 ? 7.23852   0.51424   -8.75430  1.000 15.41000 ? 114 PHE A CE1 1 
ATOM   889  C CE2 . PHE A 1 114 ? 7.89672   2.80530   -8.85816  1.000 13.44000 ? 114 PHE A CE2 1 
ATOM   890  C CZ  . PHE A 1 114 ? 6.92103   1.83510   -8.98113  1.000 13.95000 ? 114 PHE A CZ  1 
ATOM   891  N N   . THR A 1 115 ? 14.05808  -0.78910  -9.24606  1.000 13.55000 ? 115 THR A N   1 
ATOM   892  C CA  . THR A 1 115 ? 15.47410  -0.93196  -8.90730  1.000 12.46000 ? 115 THR A CA  1 
ATOM   893  C C   . THR A 1 115 ? 16.19834  0.40407   -8.80456  1.000 12.13000 ? 115 THR A C   1 
ATOM   894  O O   . THR A 1 115 ? 16.91717  0.66205   -7.83291  1.000 12.93000 ? 115 THR A O   1 
ATOM   895  C CB  . THR A 1 115 ? 16.13972  -1.81218  -9.95770  1.000 14.29000 ? 115 THR A CB  1 
ATOM   896  O OG1 . THR A 1 115 ? 15.43032  -3.05286  -10.02330 1.000 17.40000 ? 115 THR A OG1 1 
ATOM   897  C CG2 . THR A 1 115 ? 17.60817  -2.05156  -9.61407  1.000 17.67000 ? 115 THR A CG2 1 
ATOM   898  N N   . ASN A 1 116 ? 16.05677  1.25852   -9.81357  1.000 12.60000 ? 116 ASN A N   1 
ATOM   899  C CA  . ASN A 1 116 ? 16.82472  2.49445   -9.79732  1.000 10.20000 ? 116 ASN A CA  1 
ATOM   900  C C   . ASN A 1 116 ? 16.30125  3.47718   -8.75963  1.000 11.33000 ? 116 ASN A C   1 
ATOM   901  O O   . ASN A 1 116 ? 17.09292  4.21575   -8.15547  1.000 12.41000 ? 116 ASN A O   1 
ATOM   902  C CB  . ASN A 1 116 ? 16.82660  3.14046   -11.18311 1.000 12.62000 ? 116 ASN A CB  1 
ATOM   903  C CG  . ASN A 1 116 ? 17.38415  2.22088   -12.23715 1.000 14.09000 ? 116 ASN A CG  1 
ATOM   904  O OD1 . ASN A 1 116 ? 18.35473  1.50666   -11.99844 1.000 16.79000 ? 116 ASN A OD1 1 
ATOM   905  N ND2 . ASN A 1 116 ? 16.75895  2.21533   -13.40344 1.000 12.78000 ? 116 ASN A ND2 1 
ATOM   906  N N   . SER A 1 117 ? 14.98636  3.50575   -8.53446  1.000 10.84000 ? 117 SER A N   1 
ATOM   907  C CA  . SER A 1 117 ? 14.45046  4.36628   -7.48578  1.000 10.79000 ? 117 SER A CA  1 
ATOM   908  C C   . SER A 1 117 ? 14.96570  3.93409   -6.12992  1.000 9.92000  ? 117 SER A C   1 
ATOM   909  O O   . SER A 1 117 ? 15.30325  4.77470   -5.28892  1.000 9.09000  ? 117 SER A O   1 
ATOM   910  C CB  . SER A 1 117 ? 12.92130  4.33121   -7.46295  1.000 12.34000 ? 117 SER A CB  1 
ATOM   911  O OG  . SER A 1 117 ? 12.35157  4.46708   -8.75131  1.000 16.99000 ? 117 SER A OG  1 
ATOM   912  N N   . LEU A 1 118 ? 15.00246  2.61960   -5.89649  1.000 10.56000 ? 118 LEU A N   1 
ATOM   913  C CA  . LEU A 1 118 ? 15.45697  2.09797   -4.61319  1.000 9.53000  ? 118 LEU A CA  1 
ATOM   914  C C   . LEU A 1 118 ? 16.89638  2.50702   -4.34668  1.000 9.53000  ? 118 LEU A C   1 
ATOM   915  O O   . LEU A 1 118 ? 17.23284  2.91095   -3.22702  1.000 10.05000 ? 118 LEU A O   1 
ATOM   916  C CB  . LEU A 1 118 ? 15.29195  0.57542   -4.58551  1.000 10.56000 ? 118 LEU A CB  1 
ATOM   917  C CG  . LEU A 1 118 ? 13.83512  0.09057   -4.57447  1.000 12.15000 ? 118 LEU A CG  1 
ATOM   918  C CD1 . LEU A 1 118 ? 13.75142  -1.41497  -4.82457  1.000 13.62000 ? 118 LEU A CD1 1 
ATOM   919  C CD2 . LEU A 1 118 ? 13.15073  0.44587   -3.25350  1.000 14.81000 ? 118 LEU A CD2 1 
ATOM   920  N N   . ARG A 1 119 ? 17.75127  2.45106   -5.37292  1.000 8.69000  ? 119 ARG A N   1 
ATOM   921  C CA  . ARG A 1 119 ? 19.13918  2.87160   -5.20229  1.000 10.31000 ? 119 ARG A CA  1 
ATOM   922  C C   . ARG A 1 119 ? 19.22158  4.35071   -4.84535  1.000 11.18000 ? 119 ARG A C   1 
ATOM   923  O O   . ARG A 1 119 ? 19.98451  4.74052   -3.95679  1.000 11.04000 ? 119 ARG A O   1 
ATOM   924  C CB  . ARG A 1 119 ? 19.92808  2.58606   -6.47710  1.000 12.18000 ? 119 ARG A CB  1 
ATOM   925  C CG  . ARG A 1 119 ? 21.38131  3.01297   -6.43669  1.000 18.76000 ? 119 ARG A CG  1 
ATOM   926  C CD  . ARG A 1 119 ? 22.05628  2.80018   -7.79257  1.000 23.94000 ? 119 ARG A CD  1 
ATOM   927  N NE  . ARG A 1 119 ? 21.96369  1.41799   -8.27473  1.000 29.34000 ? 119 ARG A NE  1 
ATOM   928  C CZ  . ARG A 1 119 ? 21.20600  1.01694   -9.29665  1.000 27.29000 ? 119 ARG A CZ  1 
ATOM   929  N NH1 . ARG A 1 119 ? 20.45563  1.88478   -9.96539  1.000 19.98000 ? 119 ARG A NH1 1 
ATOM   930  N NH2 . ARG A 1 119 ? 21.20085  -0.26053  -9.65846  1.000 28.11000 ? 119 ARG A NH2 1 
ATOM   931  N N   . MET A 1 120 ? 18.42391  5.19185   -5.50430  1.000 8.78000  ? 120 MET A N   1 
ATOM   932  C CA  . MET A 1 120 ? 18.45808  6.61718   -5.19528  1.000 9.24000  ? 120 MET A CA  1 
ATOM   933  C C   . MET A 1 120 ? 17.96080  6.89216   -3.78230  1.000 9.00000  ? 120 MET A C   1 
ATOM   934  O O   . MET A 1 120 ? 18.49532  7.76707   -3.08953  1.000 9.99000  ? 120 MET A O   1 
ATOM   935  C CB  . MET A 1 120 ? 17.62680  7.40130   -6.20360  1.000 10.13000 ? 120 MET A CB  1 
ATOM   936  C CG  . MET A 1 120 ? 18.17400  7.30269   -7.60494  1.000 11.21000 ? 120 MET A CG  1 
ATOM   937  S SD  . MET A 1 120 ? 17.14839  8.24725   -8.73668  1.000 14.09000 ? 120 MET A SD  1 
ATOM   938  C CE  . MET A 1 120 ? 17.67944  7.63101   -10.33656 1.000 17.51000 ? 120 MET A CE  1 
ATOM   939  N N   . LEU A 1 121 ? 16.93743  6.15621   -3.33427  1.000 8.85000  ? 121 LEU A N   1 
ATOM   940  C CA  . LEU A 1 121 ? 16.48239  6.30341   -1.95494  1.000 8.24000  ? 121 LEU A CA  1 
ATOM   941  C C   . LEU A 1 121 ? 17.56993  5.89813   -0.97327  1.000 9.28000  ? 121 LEU A C   1 
ATOM   942  O O   . LEU A 1 121 ? 17.77890  6.57650   0.03728   1.000 9.84000  ? 121 LEU A O   1 
ATOM   943  C CB  . LEU A 1 121 ? 15.21926  5.46882   -1.72219  1.000 8.14000  ? 121 LEU A CB  1 
ATOM   944  C CG  . LEU A 1 121 ? 13.97710  5.95609   -2.46506  1.000 8.29000  ? 121 LEU A CG  1 
ATOM   945  C CD1 . LEU A 1 121 ? 12.88275  4.90958   -2.32494  1.000 11.44000 ? 121 LEU A CD1 1 
ATOM   946  C CD2 . LEU A 1 121 ? 13.50923  7.28722   -1.91128  1.000 9.47000  ? 121 LEU A CD2 1 
ATOM   947  N N   . GLN A 1 122 ? 18.26819  4.79141   -1.24633  1.000 9.24000  ? 122 GLN A N   1 
ATOM   948  C CA  . GLN A 1 122 ? 19.31419  4.37313   -0.31597  1.000 11.04000 ? 122 GLN A CA  1 
ATOM   949  C C   . GLN A 1 122 ? 20.44794  5.38702   -0.27108  1.000 11.44000 ? 122 GLN A C   1 
ATOM   950  O O   . GLN A 1 122 ? 21.06826  5.57431   0.78534   1.000 13.87000 ? 122 GLN A O   1 
ATOM   951  C CB  . GLN A 1 122 ? 19.85053  2.99055   -0.67264  1.000 15.09000 ? 122 GLN A CB  1 
ATOM   952  C CG  . GLN A 1 122 ? 20.77889  2.48704   0.43060   1.000 17.70000 ? 122 GLN A CG  1 
ATOM   953  C CD  . GLN A 1 122 ? 21.03346  0.99691   0.41568   1.000 26.49000 ? 122 GLN A CD  1 
ATOM   954  O OE1 . GLN A 1 122 ? 20.52779  0.26808   -0.43338  1.000 30.98000 ? 122 GLN A OE1 1 
ATOM   955  N NE2 . GLN A 1 122 ? 21.83613  0.53675   1.36723   1.000 29.36000 ? 122 GLN A NE2 1 
ATOM   956  N N   . GLN A 1 123 ? 20.71374  6.05841   -1.39226  1.000 10.56000 ? 123 GLN A N   1 
ATOM   957  C CA  . GLN A 1 123 ? 21.70167  7.12897   -1.48295  1.000 11.68000 ? 123 GLN A CA  1 
ATOM   958  C C   . GLN A 1 123 ? 21.21404  8.43803   -0.87852  1.000 11.26000 ? 123 GLN A C   1 
ATOM   959  O O   . GLN A 1 123 ? 22.00206  9.38621   -0.76860  1.000 12.98000 ? 123 GLN A O   1 
ATOM   960  C CB  . GLN A 1 123 ? 22.08007  7.37666   -2.94600  1.000 13.61000 ? 123 GLN A CB  1 
ATOM   961  C CG  . GLN A 1 123 ? 22.81794  6.22944   -3.62274  1.000 18.34000 ? 123 GLN A CG  1 
ATOM   962  C CD  . GLN A 1 123 ? 22.94434  6.41972   -5.13362  1.000 24.08000 ? 123 GLN A CD  1 
ATOM   963  O OE1 . GLN A 1 123 ? 22.02320  6.90925   -5.80134  1.000 23.43000 ? 123 GLN A OE1 1 
ATOM   964  N NE2 . GLN A 1 123 ? 24.09365  6.03423   -5.67705  1.000 29.70000 ? 123 GLN A NE2 1 
ATOM   965  N N   . LYS A 1 124 ? 19.93433  8.52091   -0.52069  1.000 9.66000  ? 124 LYS A N   1 
ATOM   966  C CA  . LYS A 1 124 ? 19.32114  9.72331   0.05022   1.000 9.30000  ? 124 LYS A CA  1 
ATOM   967  C C   . LYS A 1 124 ? 19.40407  10.91209  -0.90475  1.000 8.81000  ? 124 LYS A C   1 
ATOM   968  O O   . LYS A 1 124 ? 19.54203  12.06671  -0.48827  1.000 11.58000 ? 124 LYS A O   1 
ATOM   969  C CB  . LYS A 1 124 ? 19.91819  10.03799  1.41974   1.000 9.82000  ? 124 LYS A CB  1 
ATOM   970  C CG  . LYS A 1 124 ? 19.74591  8.86454   2.38151   1.000 9.56000  ? 124 LYS A CG  1 
ATOM   971  C CD  . LYS A 1 124 ? 19.98276  9.29153   3.82866   1.000 11.81000 ? 124 LYS A CD  1 
ATOM   972  C CE  . LYS A 1 124 ? 19.64393  8.20755   4.80388   1.000 13.97000 ? 124 LYS A CE  1 
ATOM   973  N NZ  . LYS A 1 124 ? 18.23046  7.79440   4.81429   1.000 14.80000 ? 124 LYS A NZ  1 
ATOM   974  N N   . ARG A 1 125 ? 19.26282  10.61461  -2.19544  1.000 10.04000 ? 125 ARG A N   1 
ATOM   975  C CA  . ARG A 1 125 ? 19.15092  11.62450  -3.24415  1.000 9.71000  ? 125 ARG A CA  1 
ATOM   976  C C   . ARG A 1 125 ? 17.66034  11.82940  -3.48232  1.000 8.04000  ? 125 ARG A C   1 
ATOM   977  O O   . ARG A 1 125 ? 17.05692  11.28366  -4.41035  1.000 10.64000 ? 125 ARG A O   1 
ATOM   978  C CB  . ARG A 1 125 ? 19.90651  11.17472  -4.48743  1.000 13.67000 ? 125 ARG A CB  1 
ATOM   979  C CG  . ARG A 1 125 ? 21.37919  10.89587  -4.17403  1.000 16.50000 ? 125 ARG A CG  1 
ATOM   980  C CD  . ARG A 1 125 ? 22.33291  11.29303  -5.27352  1.000 29.90000 ? 125 ARG A CD  1 
ATOM   981  N NE  . ARG A 1 125 ? 23.72725  11.17808  -4.83423  1.000 29.51000 ? 125 ARG A NE  1 
ATOM   982  C CZ  . ARG A 1 125 ? 24.49975  12.20422  -4.47334  1.000 30.22000 ? 125 ARG A CZ  1 
ATOM   983  N NH1 . ARG A 1 125 ? 24.02857  13.44597  -4.50074  1.000 29.09000 ? 125 ARG A NH1 1 
ATOM   984  N NH2 . ARG A 1 125 ? 25.75410  11.99052  -4.08843  1.000 31.58000 ? 125 ARG A NH2 1 
ATOM   985  N N   . TRP A 1 126 ? 17.04908  12.61063  -2.58386  1.000 8.49000  ? 126 TRP A N   1 
ATOM   986  C CA  . TRP A 1 126 ? 15.59079  12.58484  -2.46357  1.000 10.33000 ? 126 TRP A CA  1 
ATOM   987  C C   . TRP A 1 126 ? 14.89677  13.19980  -3.67361  1.000 10.30000 ? 126 TRP A C   1 
ATOM   988  O O   . TRP A 1 126 ? 13.85756  12.69026  -4.10868  1.000 10.49000 ? 126 TRP A O   1 
ATOM   989  C CB  . TRP A 1 126 ? 15.14422  13.29963  -1.19632  1.000 9.65000  ? 126 TRP A CB  1 
ATOM   990  C CG  . TRP A 1 126 ? 15.76688  12.80108  0.06699   1.000 8.83000  ? 126 TRP A CG  1 
ATOM   991  C CD1 . TRP A 1 126 ? 16.45421  13.54563  0.97794   1.000 9.00000  ? 126 TRP A CD1 1 
ATOM   992  C CD2 . TRP A 1 126 ? 15.73023  11.45877  0.59403   1.000 7.59000  ? 126 TRP A CD2 1 
ATOM   993  N NE1 . TRP A 1 126 ? 16.86757  12.75838  2.01825   1.000 9.97000  ? 126 TRP A NE1 1 
ATOM   994  C CE2 . TRP A 1 126 ? 16.43417  11.47453  1.81438   1.000 9.42000  ? 126 TRP A CE2 1 
ATOM   995  C CE3 . TRP A 1 126 ? 15.17584  10.24656  0.15046   1.000 9.97000  ? 126 TRP A CE3 1 
ATOM   996  C CZ2 . TRP A 1 126 ? 16.58481  10.33693  2.60694   1.000 10.44000 ? 126 TRP A CZ2 1 
ATOM   997  C CZ3 . TRP A 1 126 ? 15.34789  9.11549   0.92383   1.000 9.03000  ? 126 TRP A CZ3 1 
ATOM   998  C CH2 . TRP A 1 126 ? 16.04549  9.16654   2.14331   1.000 9.50000  ? 126 TRP A CH2 1 
ATOM   999  N N   . ASP A 1 127 ? 15.41428  14.31043  -4.20267  1.000 10.24000 ? 127 ASP A N   1 
ATOM   1000 C CA  . ASP A 1 127 ? 14.76524  14.91602  -5.36296  1.000 10.40000 ? 127 ASP A CA  1 
ATOM   1001 C C   . ASP A 1 127 ? 14.95192  14.05511  -6.60059  1.000 10.13000 ? 127 ASP A C   1 
ATOM   1002 O O   . ASP A 1 127 ? 14.02657  13.91127  -7.40478  1.000 11.18000 ? 127 ASP A O   1 
ATOM   1003 C CB  . ASP A 1 127 ? 15.31131  16.31961  -5.61891  1.000 12.67000 ? 127 ASP A CB  1 
ATOM   1004 C CG  . ASP A 1 127 ? 14.68837  17.37608  -4.72145  1.000 15.40000 ? 127 ASP A CG  1 
ATOM   1005 O OD1 . ASP A 1 127 ? 14.21001  17.05810  -3.61402  1.000 17.94000 ? 127 ASP A OD1 1 
ATOM   1006 O OD2 . ASP A 1 127 ? 14.71581  18.55740  -5.12107  1.000 18.71000 ? 127 ASP A OD2 1 
ATOM   1007 N N   . GLU A 1 128 ? 16.13943  13.47636  -6.77089  1.000 10.12000 ? 128 GLU A N   1 
ATOM   1008 C CA  . GLU A 1 128 ? 16.35776  12.56341  -7.88951  1.000 10.65000 ? 128 GLU A CA  1 
ATOM   1009 C C   . GLU A 1 128 ? 15.46487  11.32876  -7.77066  1.000 10.63000 ? 128 GLU A C   1 
ATOM   1010 O O   . GLU A 1 128 ? 14.85011  10.89781  -8.75620  1.000 11.53000 ? 128 GLU A O   1 
ATOM   1011 C CB  . GLU A 1 128 ? 17.83698  12.18793  -7.95246  1.000 13.90000 ? 128 GLU A CB  1 
ATOM   1012 C CG  . GLU A 1 128 ? 18.72652  13.41857  -8.18692  1.000 16.79000 ? 128 GLU A CG  1 
ATOM   1013 C CD  . GLU A 1 128 ? 20.20925  13.14825  -7.99858  1.000 24.09000 ? 128 GLU A CD  1 
ATOM   1014 O OE1 . GLU A 1 128 ? 20.62516  11.97486  -8.06094  1.000 28.40000 ? 128 GLU A OE1 1 
ATOM   1015 O OE2 . GLU A 1 128 ? 20.96638  14.12432  -7.79529  1.000 32.24000 ? 128 GLU A OE2 1 
ATOM   1016 N N   . ALA A 1 129 ? 15.33740  10.78148  -6.55890  1.000 10.94000 ? 129 ALA A N   1 
ATOM   1017 C CA  . ALA A 1 129 ? 14.43551  9.65388   -6.33926  1.000 9.95000  ? 129 ALA A CA  1 
ATOM   1018 C C   . ALA A 1 129 ? 12.99965  10.03107  -6.66647  1.000 9.63000  ? 129 ALA A C   1 
ATOM   1019 O O   . ALA A 1 129 ? 12.27453  9.25218   -7.29721  1.000 9.05000  ? 129 ALA A O   1 
ATOM   1020 C CB  . ALA A 1 129 ? 14.53487  9.17701   -4.89158  1.000 9.06000  ? 129 ALA A CB  1 
ATOM   1021 N N   . ALA A 1 130 ? 12.56795  11.21272  -6.22597  1.000 8.74000  ? 130 ALA A N   1 
ATOM   1022 C CA  . ALA A 1 130 ? 11.20091  11.65383  -6.48761  1.000 8.73000  ? 130 ALA A CA  1 
ATOM   1023 C C   . ALA A 1 130 ? 10.91138  11.70445  -7.98075  1.000 10.21000 ? 130 ALA A C   1 
ATOM   1024 O O   . ALA A 1 130 ? 9.85094   11.25786  -8.42638  1.000 12.09000 ? 130 ALA A O   1 
ATOM   1025 C CB  . ALA A 1 130 ? 10.96684  13.01820  -5.84015  1.000 10.98000 ? 130 ALA A CB  1 
ATOM   1026 N N   . TYR A 1 131 ? 11.82715  12.28784  -8.76709  1.000 11.25000 ? 131 TYR A N   1 
ATOM   1027 C CA  . TYR A 1 131 ? 11.63411  12.31481  -10.21219 1.000 11.63000 ? 131 TYR A CA  1 
ATOM   1028 C C   . TYR A 1 131 ? 11.57270  10.91257  -10.78502 1.000 11.76000 ? 131 TYR A C   1 
ATOM   1029 O O   . TYR A 1 131 ? 10.71697  10.61304  -11.62647 1.000 11.56000 ? 131 TYR A O   1 
ATOM   1030 C CB  . TYR A 1 131 ? 12.77220  13.06589  -10.87949 1.000 14.55000 ? 131 TYR A CB  1 
ATOM   1031 C CG  . TYR A 1 131 ? 12.68494  13.08376  -12.38971 1.000 18.88000 ? 131 TYR A CG  1 
ATOM   1032 C CD1 . TYR A 1 131 ? 11.60480  13.66364  -13.03358 1.000 26.71000 ? 131 TYR A CD1 1 
ATOM   1033 C CD2 . TYR A 1 131 ? 13.68518  12.51536  -13.17078 1.000 30.20000 ? 131 TYR A CD2 1 
ATOM   1034 C CE1 . TYR A 1 131 ? 11.51682  13.67458  -14.42182 1.000 29.96000 ? 131 TYR A CE1 1 
ATOM   1035 C CE2 . TYR A 1 131 ? 13.60829  12.52303  -14.55958 1.000 30.54000 ? 131 TYR A CE2 1 
ATOM   1036 C CZ  . TYR A 1 131 ? 12.52335  13.10414  -15.17602 1.000 33.80000 ? 131 TYR A CZ  1 
ATOM   1037 O OH  . TYR A 1 131 ? 12.43541  13.11774  -16.55229 1.000 41.07000 ? 131 TYR A OH  1 
ATOM   1038 N N   . ASN A 1 132 ? 12.48623  10.04843  -10.36239 1.000 10.38000 ? 132 ASN A N   1 
ATOM   1039 C CA  . ASN A 1 132 ? 12.52823  8.70361   -10.92396 1.000 9.32000  ? 132 ASN A CA  1 
ATOM   1040 C C   . ASN A 1 132 ? 11.27574  7.91315   -10.56188 1.000 10.46000 ? 132 ASN A C   1 
ATOM   1041 O O   . ASN A 1 132 ? 10.75606  7.15573   -11.39508 1.000 10.78000 ? 132 ASN A O   1 
ATOM   1042 C CB  . ASN A 1 132 ? 13.80067  8.00012   -10.45074 1.000 10.80000 ? 132 ASN A CB  1 
ATOM   1043 C CG  . ASN A 1 132 ? 13.99551  6.65454   -11.08157 1.000 13.25000 ? 132 ASN A CG  1 
ATOM   1044 O OD1 . ASN A 1 132 ? 13.56897  5.63584   -10.53732 1.000 14.78000 ? 132 ASN A OD1 1 
ATOM   1045 N ND2 . ASN A 1 132 ? 14.64965  6.63258   -12.23638 1.000 16.80000 ? 132 ASN A ND2 1 
ATOM   1046 N N   . LEU A 1 133 ? 10.76469  8.08192   -9.33610  1.000 9.53000  ? 133 LEU A N   1 
ATOM   1047 C CA  . LEU A 1 133 ? 9.54969   7.37572   -8.93443  1.000 8.09000  ? 133 LEU A CA  1 
ATOM   1048 C C   . LEU A 1 133 ? 8.35317   7.79416   -9.76831  1.000 10.38000 ? 133 LEU A C   1 
ATOM   1049 O O   . LEU A 1 133 ? 7.43235   6.99665   -9.96399  1.000 10.58000 ? 133 LEU A O   1 
ATOM   1050 C CB  . LEU A 1 133 ? 9.25287   7.62881   -7.45880  1.000 10.38000 ? 133 LEU A CB  1 
ATOM   1051 C CG  . LEU A 1 133 ? 10.13938  6.90565   -6.44961  1.000 8.67000  ? 133 LEU A CG  1 
ATOM   1052 C CD1 . LEU A 1 133 ? 10.06511  7.57923   -5.08311  1.000 11.24000 ? 133 LEU A CD1 1 
ATOM   1053 C CD2 . LEU A 1 133 ? 9.72988   5.43751   -6.36091  1.000 11.67000 ? 133 LEU A CD2 1 
ATOM   1054 N N   . ALA A 1 134 ? 8.33470   9.04047   -10.24402 1.000 9.56000  ? 134 ALA A N   1 
ATOM   1055 C CA  . ALA A 1 134 ? 7.22685   9.53502   -11.05384 1.000 10.75000 ? 134 ALA A CA  1 
ATOM   1056 C C   . ALA A 1 134 ? 7.24229   8.98622   -12.47294 1.000 10.29000 ? 134 ALA A C   1 
ATOM   1057 O O   . ALA A 1 134 ? 6.21537   9.05574   -13.15864 1.000 12.82000 ? 134 ALA A O   1 
ATOM   1058 C CB  . ALA A 1 134 ? 7.25249   11.06312  -11.10254 1.000 12.10000 ? 134 ALA A CB  1 
ATOM   1059 N N   . LYS A 1 135 ? 8.36758   8.43828   -12.92663 1.000 10.33000 ? 135 LYS A N   1 
ATOM   1060 C CA  . LYS A 1 135 ? 8.44155   7.83193   -14.25965 1.000 11.01000 ? 135 LYS A CA  1 
ATOM   1061 C C   . LYS A 1 135 ? 7.99311   6.37350   -14.16501 1.000 10.93000 ? 135 LYS A C   1 
ATOM   1062 O O   . LYS A 1 135 ? 8.76762   5.42027   -14.30094 1.000 11.70000 ? 135 LYS A O   1 
ATOM   1063 C CB  . LYS A 1 135 ? 9.85017   7.96395   -14.82643 1.000 12.23000 ? 135 LYS A CB  1 
ATOM   1064 C CG  . LYS A 1 135 ? 10.28741  9.41110   -15.06371 1.000 17.35000 ? 135 LYS A CG  1 
ATOM   1065 C CD  . LYS A 1 135 ? 9.53079   10.06870  -16.21340 1.000 24.10000 ? 135 LYS A CD  1 
ATOM   1066 C CE  . LYS A 1 135 ? 9.93215   9.48649   -17.57093 1.000 27.27000 ? 135 LYS A CE  1 
ATOM   1067 N NZ  . LYS A 1 135 ? 9.49385   10.35396  -18.71211 1.000 27.71000 ? 135 LYS A NZ  1 
ATOM   1068 N N   . SER A 1 136 ? 6.70190   6.20998   -13.88544 1.000 8.84000  ? 136 SER A N   1 
ATOM   1069 C CA  . SER A 1 136 ? 6.19203   4.88769   -13.54908 1.000 7.96000  ? 136 SER A CA  1 
ATOM   1070 C C   . SER A 1 136 ? 4.72092   4.76745   -13.92224 1.000 7.77000  ? 136 SER A C   1 
ATOM   1071 O O   . SER A 1 136 ? 3.97293   5.75205   -13.89209 1.000 8.34000  ? 136 SER A O   1 
ATOM   1072 C CB  . SER A 1 136 ? 6.36282   4.60341   -12.05013 1.000 8.98000  ? 136 SER A CB  1 
ATOM   1073 O OG  . SER A 1 136 ? 5.59974   5.51341   -11.26628 1.000 9.26000  ? 136 SER A OG  1 
ATOM   1074 N N   . ARG A 1 137 ? 4.30303   3.54173   -14.24489 1.000 7.57000  ? 137 ARG A N   1 
ATOM   1075 C CA  . ARG A 1 137 ? 2.87439   3.27780   -14.38444 1.000 7.80000  ? 137 ARG A CA  1 
ATOM   1076 C C   . ARG A 1 137 ? 2.13446   3.67368   -13.11702 1.000 9.39000  ? 137 ARG A C   1 
ATOM   1077 O O   . ARG A 1 137 ? 1.04701   4.25189   -13.17700 1.000 10.70000 ? 137 ARG A O   1 
ATOM   1078 C CB  . ARG A 1 137 ? 2.61294   1.80271   -14.69374 1.000 9.39000  ? 137 ARG A CB  1 
ATOM   1079 C CG  . ARG A 1 137 ? 1.12578   1.52256   -14.84402 1.000 11.82000 ? 137 ARG A CG  1 
ATOM   1080 C CD  . ARG A 1 137 ? 0.81088   0.06262   -15.11893 1.000 15.90000 ? 137 ARG A CD  1 
ATOM   1081 N NE  . ARG A 1 137 ? -0.59593  -0.08654  -15.48925 1.000 15.37000 ? 137 ARG A NE  1 
ATOM   1082 C CZ  . ARG A 1 137 ? -1.59538  -0.21426  -14.62479 1.000 17.41000 ? 137 ARG A CZ  1 
ATOM   1083 N NH1 . ARG A 1 137 ? -1.35716  -0.21626  -13.32235 1.000 20.54000 ? 137 ARG A NH1 1 
ATOM   1084 N NH2 . ARG A 1 137 ? -2.83955  -0.33525  -15.07260 1.000 18.27000 ? 137 ARG A NH2 1 
ATOM   1085 N N   . TRP A 1 138 ? 2.73496   3.39379   -11.95878 1.000 7.65000  ? 138 TRP A N   1 
ATOM   1086 C CA  . TRP A 1 138 ? 2.14628   3.76547   -10.67661 1.000 8.09000  ? 138 TRP A CA  1 
ATOM   1087 C C   . TRP A 1 138 ? 1.75184   5.23432   -10.62806 1.000 9.05000  ? 138 TRP A C   1 
ATOM   1088 O O   . TRP A 1 138 ? 0.60765   5.57405   -10.29798 1.000 8.44000  ? 138 TRP A O   1 
ATOM   1089 C CB  . TRP A 1 138 ? 3.16251   3.45173   -9.58603  1.000 8.72000  ? 138 TRP A CB  1 
ATOM   1090 C CG  . TRP A 1 138 ? 2.82925   3.93179   -8.22002  1.000 6.43000  ? 138 TRP A CG  1 
ATOM   1091 C CD1 . TRP A 1 138 ? 1.71470   3.62235   -7.48344  1.000 8.76000  ? 138 TRP A CD1 1 
ATOM   1092 C CD2 . TRP A 1 138 ? 3.66652   4.72446   -7.36718  1.000 7.08000  ? 138 TRP A CD2 1 
ATOM   1093 N NE1 . TRP A 1 138 ? 1.80082   4.20199   -6.23652  1.000 8.93000  ? 138 TRP A NE1 1 
ATOM   1094 C CE2 . TRP A 1 138 ? 2.99130   4.87432   -6.13774  1.000 6.55000  ? 138 TRP A CE2 1 
ATOM   1095 C CE3 . TRP A 1 138 ? 4.91290   5.34258   -7.53284  1.000 7.98000  ? 138 TRP A CE3 1 
ATOM   1096 C CZ2 . TRP A 1 138 ? 3.52667   5.59749   -5.06831  1.000 8.09000  ? 138 TRP A CZ2 1 
ATOM   1097 C CZ3 . TRP A 1 138 ? 5.44283   6.06149   -6.46227  1.000 9.07000  ? 138 TRP A CZ3 1 
ATOM   1098 C CH2 . TRP A 1 138 ? 4.74740   6.18750   -5.25623  1.000 9.88000  ? 138 TRP A CH2 1 
ATOM   1099 N N   . TYR A 1 139 ? 2.69572   6.12551   -10.92663 1.000 8.39000  ? 139 TYR A N   1 
ATOM   1100 C CA  . TYR A 1 139 ? 2.39774   7.55263   -10.89368 1.000 7.75000  ? 139 TYR A CA  1 
ATOM   1101 C C   . TYR A 1 139 ? 1.33164   7.92356   -11.91573 1.000 11.08000 ? 139 TYR A C   1 
ATOM   1102 O O   . TYR A 1 139 ? 0.43617   8.72722   -11.63101 1.000 12.30000 ? 139 TYR A O   1 
ATOM   1103 C CB  . TYR A 1 139 ? 3.68754   8.33411   -11.13296 1.000 10.13000 ? 139 TYR A CB  1 
ATOM   1104 C CG  . TYR A 1 139 ? 3.59971   9.83993   -11.16022 1.000 12.96000 ? 139 TYR A CG  1 
ATOM   1105 C CD1 . TYR A 1 139 ? 3.74100   10.58143  -9.99533  1.000 11.76000 ? 139 TYR A CD1 1 
ATOM   1106 C CD2 . TYR A 1 139 ? 3.44881   10.51671  -12.35864 1.000 16.12000 ? 139 TYR A CD2 1 
ATOM   1107 C CE1 . TYR A 1 139 ? 3.69684   11.96539  -10.02009 1.000 15.54000 ? 139 TYR A CE1 1 
ATOM   1108 C CE2 . TYR A 1 139 ? 3.41012   11.90352  -12.39493 1.000 17.53000 ? 139 TYR A CE2 1 
ATOM   1109 C CZ  . TYR A 1 139 ? 3.53111   12.61288  -11.22507 1.000 20.18000 ? 139 TYR A CZ  1 
ATOM   1110 O OH  . TYR A 1 139 ? 3.48856   13.98953  -11.27481 1.000 25.66000 ? 139 TYR A OH  1 
ATOM   1111 N N   . ASN A 1 140 ? 1.39650   7.34078   -13.10708 1.000 8.80000  ? 140 ASN A N   1 
ATOM   1112 C CA  . ASN A 1 140 ? 0.42737   7.71866   -14.12594 1.000 10.30000 ? 140 ASN A CA  1 
ATOM   1113 C C   . ASN A 1 140 ? -0.97798  7.21327   -13.81351 1.000 11.97000 ? 140 ASN A C   1 
ATOM   1114 O O   . ASN A 1 140 ? -1.96145  7.88891   -14.14873 1.000 14.54000 ? 140 ASN A O   1 
ATOM   1115 C CB  . ASN A 1 140 ? 0.91080   7.22543   -15.47696 1.000 11.01000 ? 140 ASN A CB  1 
ATOM   1116 C CG  . ASN A 1 140 ? 1.96547   8.12948   -16.05291 1.000 13.75000 ? 140 ASN A CG  1 
ATOM   1117 O OD1 . ASN A 1 140 ? 1.64854   9.16620   -16.63312 1.000 15.98000 ? 140 ASN A OD1 1 
ATOM   1118 N ND2 . ASN A 1 140 ? 3.22450   7.77986   -15.86967 1.000 12.75000 ? 140 ASN A ND2 1 
ATOM   1119 N N   . GLN A 1 141 ? -1.10620  6.07127   -13.14279 1.000 8.11000  ? 141 GLN A N   1 
ATOM   1120 C CA  . GLN A 1 141 ? -2.43003  5.51703   -12.89576 1.000 10.13000 ? 141 GLN A CA  1 
ATOM   1121 C C   . GLN A 1 141 ? -3.06740  6.06080   -11.62765 1.000 11.24000 ? 141 GLN A C   1 
ATOM   1122 O O   . GLN A 1 141 ? -4.29171  6.22210   -11.57587 1.000 12.48000 ? 141 GLN A O   1 
ATOM   1123 C CB  . GLN A 1 141 ? -2.38474  3.98899   -12.81648 1.000 13.54000 ? 141 GLN A CB  1 
ATOM   1124 C CG  . GLN A 1 141 ? -1.98399  3.30004   -14.10561 1.000 14.53000 ? 141 GLN A CG  1 
ATOM   1125 C CD  . GLN A 1 141 ? -2.88227  3.62960   -15.28824 1.000 12.68000 ? 141 GLN A CD  1 
ATOM   1126 O OE1 . GLN A 1 141 ? -4.12509  3.59776   -15.19679 1.000 17.31000 ? 141 GLN A OE1 1 
ATOM   1127 N NE2 . GLN A 1 141 ? -2.26062  3.95432   -16.39871 1.000 16.23000 ? 141 GLN A NE2 1 
ATOM   1128 N N   . THR A 1 142 ? -2.27795  6.31501   -10.58141 1.000 9.66000  ? 142 THR A N   1 
ATOM   1129 C CA  . THR A 1 142 ? -2.78213  6.90126   -9.33530  1.000 9.65000  ? 142 THR A CA  1 
ATOM   1130 C C   . THR A 1 142 ? -1.91190  8.09819   -8.98656  1.000 9.62000  ? 142 THR A C   1 
ATOM   1131 O O   . THR A 1 142 ? -1.13355  8.07038   -8.02095  1.000 9.00000  ? 142 THR A O   1 
ATOM   1132 C CB  . THR A 1 142 ? -2.82993  5.88829   -8.18192  1.000 8.61000  ? 142 THR A CB  1 
ATOM   1133 O OG1 . THR A 1 142 ? -1.54425  5.26478   -7.99319  1.000 11.05000 ? 142 THR A OG1 1 
ATOM   1134 C CG2 . THR A 1 142 ? -3.84997  4.80974   -8.46949  1.000 10.56000 ? 142 THR A CG2 1 
ATOM   1135 N N   . PRO A 1 143 ? -2.02196  9.18628   -9.74961  1.000 7.76000  ? 143 PRO A N   1 
ATOM   1136 C CA  . PRO A 1 143 ? -1.09502  10.30442  -9.55112  1.000 8.41000  ? 143 PRO A CA  1 
ATOM   1137 C C   . PRO A 1 143 ? -1.26162  11.02526  -8.23249  1.000 7.95000  ? 143 PRO A C   1 
ATOM   1138 O O   . PRO A 1 143 ? -0.25754  11.45624  -7.66256  1.000 9.53000  ? 143 PRO A O   1 
ATOM   1139 C CB  . PRO A 1 143 ? -1.37843  11.22296  -10.75175 1.000 10.23000 ? 143 PRO A CB  1 
ATOM   1140 C CG  . PRO A 1 143 ? -2.72049  10.85943  -11.20574 1.000 9.92000  ? 143 PRO A CG  1 
ATOM   1141 C CD  . PRO A 1 143 ? -2.91101  9.39861   -10.90721 1.000 9.86000  ? 143 PRO A CD  1 
ATOM   1142 N N   . ASN A 1 144 ? -2.47728  11.18963  -7.71661  1.000 8.02000  ? 144 ASN A N   1 
ATOM   1143 C CA  . ASN A 1 144 ? -2.58396  11.94176  -6.47100  1.000 9.24000  ? 144 ASN A CA  1 
ATOM   1144 C C   . ASN A 1 144 ? -2.01391  11.14351  -5.31033  1.000 8.72000  ? 144 ASN A C   1 
ATOM   1145 O O   . ASN A 1 144 ? -1.27480  11.68787  -4.47953  1.000 8.63000  ? 144 ASN A O   1 
ATOM   1146 C CB  . ASN A 1 144 ? -4.03028  12.35130  -6.20028  1.000 10.55000 ? 144 ASN A CB  1 
ATOM   1147 C CG  . ASN A 1 144 ? -4.44363  13.56573  -7.00624  1.000 13.84000 ? 144 ASN A CG  1 
ATOM   1148 O OD1 . ASN A 1 144 ? -3.60599  14.25727  -7.58522  1.000 19.68000 ? 144 ASN A OD1 1 
ATOM   1149 N ND2 . ASN A 1 144 ? -5.73685  13.84111  -7.03123  1.000 18.16000 ? 144 ASN A ND2 1 
ATOM   1150 N N   . ARG A 1 145 ? -2.30677  9.84902   -5.25758  1.000 7.95000  ? 145 ARG A N   1 
ATOM   1151 C CA  . ARG A 1 145 ? -1.69826  9.03842   -4.21459  1.000 8.95000  ? 145 ARG A CA  1 
ATOM   1152 C C   . ARG A 1 145 ? -0.19084  8.96308   -4.39397  1.000 7.34000  ? 145 ARG A C   1 
ATOM   1153 O O   . ARG A 1 145 ? 0.55872   9.07069   -3.41176  1.000 8.25000  ? 145 ARG A O   1 
ATOM   1154 C CB  . ARG A 1 145 ? -2.28307  7.63890   -4.20538  1.000 9.74000  ? 145 ARG A CB  1 
ATOM   1155 C CG  . ARG A 1 145 ? -1.70100  6.85050   -3.05322  1.000 12.02000 ? 145 ARG A CG  1 
ATOM   1156 C CD  . ARG A 1 145 ? -2.22259  5.51036   -3.11910  1.000 17.12000 ? 145 ARG A CD  1 
ATOM   1157 N NE  . ARG A 1 145 ? -1.70700  4.66103   -2.05678  1.000 12.19000 ? 145 ARG A NE  1 
ATOM   1158 C CZ  . ARG A 1 145 ? -2.32460  3.54152   -1.74158  1.000 12.90000 ? 145 ARG A CZ  1 
ATOM   1159 N NH1 . ARG A 1 145 ? -3.44305  3.20892   -2.38480  1.000 16.46000 ? 145 ARG A NH1 1 
ATOM   1160 N NH2 . ARG A 1 145 ? -1.84787  2.76499   -0.80160  1.000 9.96000  ? 145 ARG A NH2 1 
ATOM   1161 N N   . ALA A 1 146 ? 0.28293   8.76019   -5.62506  1.000 8.19000  ? 146 ALA A N   1 
ATOM   1162 C CA  . ALA A 1 146 ? 1.72333   8.66750   -5.82659  1.000 7.88000  ? 146 ALA A CA  1 
ATOM   1163 C C   . ALA A 1 146 ? 2.40201   9.98011   -5.45575  1.000 8.53000  ? 146 ALA A C   1 
ATOM   1164 O O   . ALA A 1 146 ? 3.48755   9.97555   -4.86467  1.000 10.05000 ? 146 ALA A O   1 
ATOM   1165 C CB  . ALA A 1 146 ? 2.03597   8.26563   -7.27163  1.000 9.71000  ? 146 ALA A CB  1 
ATOM   1166 N N   . LYS A 1 147 ? 1.76232   11.11373  -5.75239  1.000 8.35000  ? 147 LYS A N   1 
ATOM   1167 C CA  . LYS A 1 147 ? 2.33475   12.39472  -5.35178  1.000 8.94000  ? 147 LYS A CA  1 
ATOM   1168 C C   . LYS A 1 147 ? 2.44213   12.51670  -3.83759  1.000 8.55000  ? 147 LYS A C   1 
ATOM   1169 O O   . LYS A 1 147 ? 3.42802   13.06252  -3.32867  1.000 9.17000  ? 147 LYS A O   1 
ATOM   1170 C CB  . LYS A 1 147 ? 1.52478   13.55751  -5.92326  1.000 10.42000 ? 147 LYS A CB  1 
ATOM   1171 C CG  . LYS A 1 147 ? 1.74934   13.78119  -7.40346  1.000 12.19000 ? 147 LYS A CG  1 
ATOM   1172 C CD  . LYS A 1 147 ? 0.74240   14.77330  -7.97146  1.000 14.96000 ? 147 LYS A CD  1 
ATOM   1173 C CE  . LYS A 1 147 ? 0.94555   14.90395  -9.47365  1.000 20.73000 ? 147 LYS A CE  1 
ATOM   1174 N NZ  . LYS A 1 147 ? -0.02849  15.83921  -10.09672 1.000 24.99000 ? 147 LYS A NZ  1 
ATOM   1175 N N   . ARG A 1 148 ? 1.44661   12.02832  -3.09306  1.000 7.92000  ? 148 ARG A N   1 
ATOM   1176 C CA  . ARG A 1 148 ? 1.54268   12.08445  -1.63713  1.000 6.51000  ? 148 ARG A CA  1 
ATOM   1177 C C   . ARG A 1 148 ? 2.68111   11.21668  -1.13190  1.000 7.81000  ? 148 ARG A C   1 
ATOM   1178 O O   . ARG A 1 148 ? 3.45410   11.63712  -0.25805  1.000 8.11000  ? 148 ARG A O   1 
ATOM   1179 C CB  . ARG A 1 148 ? 0.23590   11.63497  -0.98570  1.000 8.24000  ? 148 ARG A CB  1 
ATOM   1180 C CG  . ARG A 1 148 ? -0.89732  12.62744  -1.15549  1.000 8.39000  ? 148 ARG A CG  1 
ATOM   1181 C CD  . ARG A 1 148 ? -2.09312  12.31755  -0.25029  1.000 9.38000  ? 148 ARG A CD  1 
ATOM   1182 N NE  . ARG A 1 148 ? -2.78837  11.08371  -0.61257  1.000 9.71000  ? 148 ARG A NE  1 
ATOM   1183 C CZ  . ARG A 1 148 ? -3.72566  10.99694  -1.55110  1.000 11.15000 ? 148 ARG A CZ  1 
ATOM   1184 N NH1 . ARG A 1 148 ? -4.08978  12.07066  -2.24901  1.000 11.70000 ? 148 ARG A NH1 1 
ATOM   1185 N NH2 . ARG A 1 148 ? -4.28937  9.82851   -1.79743  1.000 11.25000 ? 148 ARG A NH2 1 
ATOM   1186 N N   . VAL A 1 149 ? 2.77965   9.99123   -1.64578  1.000 8.55000  ? 149 VAL A N   1 
ATOM   1187 C CA  . VAL A 1 149 ? 3.83730   9.08017   -1.21677  1.000 7.86000  ? 149 VAL A CA  1 
ATOM   1188 C C   . VAL A 1 149 ? 5.20529   9.62983   -1.61485  1.000 7.86000  ? 149 VAL A C   1 
ATOM   1189 O O   . VAL A 1 149 ? 6.15300   9.61438   -0.81556  1.000 7.91000  ? 149 VAL A O   1 
ATOM   1190 C CB  . VAL A 1 149 ? 3.57979   7.67821   -1.80331  1.000 6.80000  ? 149 VAL A CB  1 
ATOM   1191 C CG1 . VAL A 1 149 ? 4.75526   6.74113   -1.52898  1.000 9.30000  ? 149 VAL A CG1 1 
ATOM   1192 C CG2 . VAL A 1 149 ? 2.29797   7.08298   -1.24321  1.000 8.81000  ? 149 VAL A CG2 1 
ATOM   1193 N N   . ILE A 1 150 ? 5.32314   10.15246  -2.84100  1.000 7.77000  ? 150 ILE A N   1 
ATOM   1194 C CA  . ILE A 1 150 ? 6.59641   10.71713  -3.29441  1.000 7.37000  ? 150 ILE A CA  1 
ATOM   1195 C C   . ILE A 1 150 ? 6.98033   11.94118  -2.46957  1.000 9.70000  ? 150 ILE A C   1 
ATOM   1196 O O   . ILE A 1 150 ? 8.15311   12.11470  -2.11338  1.000 9.69000  ? 150 ILE A O   1 
ATOM   1197 C CB  . ILE A 1 150 ? 6.52485   11.03844  -4.79762  1.000 9.54000  ? 150 ILE A CB  1 
ATOM   1198 C CG1 . ILE A 1 150 ? 6.51204   9.74795   -5.60158  1.000 9.64000  ? 150 ILE A CG1 1 
ATOM   1199 C CG2 . ILE A 1 150 ? 7.70457   11.90325  -5.21743  1.000 11.78000 ? 150 ILE A CG2 1 
ATOM   1200 C CD1 . ILE A 1 150 ? 6.17696   9.96319   -7.07869  1.000 10.13000 ? 150 ILE A CD1 1 
ATOM   1201 N N   . THR A 1 151 ? 6.01069   12.80614  -2.14766  1.000 9.02000  ? 151 THR A N   1 
ATOM   1202 C CA  . THR A 1 151 ? 6.31917   13.95557  -1.29123  1.000 8.77000  ? 151 THR A CA  1 
ATOM   1203 C C   . THR A 1 151 ? 6.84044   13.49865  0.06225   1.000 9.29000  ? 151 THR A C   1 
ATOM   1204 O O   . THR A 1 151 ? 7.72664   14.13441  0.65093   1.000 10.85000 ? 151 THR A O   1 
ATOM   1205 C CB  . THR A 1 151 ? 5.08160   14.83470  -1.12318  1.000 10.88000 ? 151 THR A CB  1 
ATOM   1206 O OG1 . THR A 1 151 ? 4.77929   15.44669  -2.38065  1.000 14.51000 ? 151 THR A OG1 1 
ATOM   1207 C CG2 . THR A 1 151 ? 5.30184   15.93355  -0.05910  1.000 15.03000 ? 151 THR A CG2 1 
ATOM   1208 N N   . THR A 1 152 ? 6.29697   12.39677  0.57299   1.000 8.44000  ? 152 THR A N   1 
ATOM   1209 C CA  . THR A 1 152 ? 6.76604   11.84429  1.83398   1.000 8.38000  ? 152 THR A CA  1 
ATOM   1210 C C   . THR A 1 152 ? 8.21208   11.36152  1.71756   1.000 8.99000  ? 152 THR A C   1 
ATOM   1211 O O   . THR A 1 152 ? 9.03327   11.63458  2.59990   1.000 10.25000 ? 152 THR A O   1 
ATOM   1212 C CB  . THR A 1 152 ? 5.82626   10.72327  2.27822   1.000 8.38000  ? 152 THR A CB  1 
ATOM   1213 O OG1 . THR A 1 152 ? 4.47626   11.21874  2.26792   1.000 10.01000 ? 152 THR A OG1 1 
ATOM   1214 C CG2 . THR A 1 152 ? 6.15649   10.27954  3.68805   1.000 10.04000 ? 152 THR A CG2 1 
ATOM   1215 N N   . PHE A 1 153 ? 8.54863   10.66038  0.63103   1.000 9.23000  ? 153 PHE A N   1 
ATOM   1216 C CA  . PHE A 1 153 ? 9.94957   10.31503  0.37441   1.000 9.63000  ? 153 PHE A CA  1 
ATOM   1217 C C   . PHE A 1 153 ? 10.81618  11.55705  0.17949   1.000 11.32000 ? 153 PHE A C   1 
ATOM   1218 O O   . PHE A 1 153 ? 11.97849  11.59014  0.61352   1.000 13.48000 ? 153 PHE A O   1 
ATOM   1219 C CB  . PHE A 1 153 ? 10.06501  9.44237   -0.88192  1.000 9.75000  ? 153 PHE A CB  1 
ATOM   1220 C CG  . PHE A 1 153 ? 9.76954   7.98719   -0.68061  1.000 8.55000  ? 153 PHE A CG  1 
ATOM   1221 C CD1 . PHE A 1 153 ? 10.41995  7.23248   0.28230   1.000 8.58000  ? 153 PHE A CD1 1 
ATOM   1222 C CD2 . PHE A 1 153 ? 8.86632   7.35351   -1.52078  1.000 8.00000  ? 153 PHE A CD2 1 
ATOM   1223 C CE1 . PHE A 1 153 ? 10.14781  5.87041   0.40946   1.000 9.22000  ? 153 PHE A CE1 1 
ATOM   1224 C CE2 . PHE A 1 153 ? 8.58601   6.01195   -1.39798  1.000 9.46000  ? 153 PHE A CE2 1 
ATOM   1225 C CZ  . PHE A 1 153 ? 9.23352   5.25875   -0.44251  1.000 9.62000  ? 153 PHE A CZ  1 
ATOM   1226 N N   . ARG A 1 154 ? 10.30857  12.56305  -0.52950  1.000 9.27000  ? 154 ARG A N   1 
ATOM   1227 C CA  . ARG A 1 154 ? 11.15500  13.70565  -0.85782  1.000 10.05000 ? 154 ARG A CA  1 
ATOM   1228 C C   . ARG A 1 154 ? 11.49490  14.50956  0.38587   1.000 11.60000 ? 154 ARG A C   1 
ATOM   1229 O O   . ARG A 1 154 ? 12.65109  14.91642  0.56997   1.000 13.86000 ? 154 ARG A O   1 
ATOM   1230 C CB  . ARG A 1 154 ? 10.47856  14.58521  -1.90718  1.000 12.63000 ? 154 ARG A CB  1 
ATOM   1231 C CG  . ARG A 1 154 ? 11.39839  15.67395  -2.46152  1.000 14.73000 ? 154 ARG A CG  1 
ATOM   1232 C CD  . ARG A 1 154 ? 10.72029  16.50146  -3.53460  1.000 18.80000 ? 154 ARG A CD  1 
ATOM   1233 N NE  . ARG A 1 154 ? 9.32828   16.80060  -3.20969  1.000 26.21000 ? 154 ARG A NE  1 
ATOM   1234 C CZ  . ARG A 1 154 ? 8.92194   17.82820  -2.46881  1.000 27.04000 ? 154 ARG A CZ  1 
ATOM   1235 N NH1 . ARG A 1 154 ? 9.80397   18.68050  -1.95636  1.000 28.42000 ? 154 ARG A NH1 1 
ATOM   1236 N NH2 . ARG A 1 154 ? 7.62234   17.99905  -2.23877  1.000 30.95000 ? 154 ARG A NH2 1 
ATOM   1237 N N   . THR A 1 155 ? 10.51898  14.70306  1.27603   1.000 11.67000 ? 155 THR A N   1 
ATOM   1238 C CA  . THR A 1 155 ? 10.66708  15.61939  2.39985   1.000 12.23000 ? 155 THR A CA  1 
ATOM   1239 C C   . THR A 1 155 ? 10.93175  14.93163  3.73252   1.000 12.83000 ? 155 THR A C   1 
ATOM   1240 O O   . THR A 1 155 ? 11.46493  15.57702  4.64394   1.000 13.92000 ? 155 THR A O   1 
ATOM   1241 C CB  . THR A 1 155 ? 9.41363   16.48963  2.55538   1.000 12.23000 ? 155 THR A CB  1 
ATOM   1242 O OG1 . THR A 1 155 ? 8.30302   15.67331  2.95964   1.000 11.89000 ? 155 THR A OG1 1 
ATOM   1243 C CG2 . THR A 1 155 ? 9.06963   17.19141  1.24792   1.000 12.96000 ? 155 THR A CG2 1 
ATOM   1244 N N   . GLY A 1 156 ? 10.54411  13.67031  3.90355   1.000 10.57000 ? 156 GLY A N   1 
ATOM   1245 C CA  . GLY A 1 156 ? 10.64485  13.06005  5.21811   1.000 9.68000  ? 156 GLY A CA  1 
ATOM   1246 C C   . GLY A 1 156 ? 9.68118   13.63653  6.22742   1.000 11.16000 ? 156 GLY A C   1 
ATOM   1247 O O   . GLY A 1 156 ? 9.89794   13.49885  7.43565   1.000 12.72000 ? 156 GLY A O   1 
ATOM   1248 N N   . THR A 1 157 ? 8.62096   14.28630  5.75455   1.000 10.02000 ? 157 THR A N   1 
ATOM   1249 C CA  . THR A 1 157 ? 7.57844   14.87924  6.57599   1.000 11.97000 ? 157 THR A CA  1 
ATOM   1250 C C   . THR A 1 157 ? 6.23587   14.31084  6.15976   1.000 10.82000 ? 157 THR A C   1 
ATOM   1251 O O   . THR A 1 157 ? 6.10392   13.65293  5.12355   1.000 11.82000 ? 157 THR A O   1 
ATOM   1252 C CB  . THR A 1 157 ? 7.50366   16.40445  6.42509   1.000 12.49000 ? 157 THR A CB  1 
ATOM   1253 O OG1 . THR A 1 157 ? 6.87581   16.72849  5.17308   1.000 13.58000 ? 157 THR A OG1 1 
ATOM   1254 C CG2 . THR A 1 157 ? 8.88800   17.03680  6.51428   1.000 16.90000 ? 157 THR A CG2 1 
ATOM   1255 N N   . TRP A 1 158 ? 5.23340   14.61437  6.97144   1.000 11.01000 ? 158 TRP A N   1 
ATOM   1256 C CA  . TRP A 1 158 ? 3.85599   14.25363  6.67840   1.000 9.57000  ? 158 TRP A CA  1 
ATOM   1257 C C   . TRP A 1 158 ? 3.09797   15.37140  5.97613   1.000 11.85000 ? 158 TRP A C   1 
ATOM   1258 O O   . TRP A 1 158 ? 1.86435   15.35868  5.97379   1.000 12.50000 ? 158 TRP A O   1 
ATOM   1259 C CB  . TRP A 1 158 ? 3.13588   13.85259  7.96639   1.000 10.78000 ? 158 TRP A CB  1 
ATOM   1260 C CG  . TRP A 1 158 ? 3.65471   12.59356  8.58580   1.000 10.37000 ? 158 TRP A CG  1 
ATOM   1261 C CD1 . TRP A 1 158 ? 4.39827   12.47750  9.72724   1.000 12.19000 ? 158 TRP A CD1 1 
ATOM   1262 C CD2 . TRP A 1 158 ? 3.47261   11.26721  8.09099   1.000 10.58000 ? 158 TRP A CD2 1 
ATOM   1263 N NE1 . TRP A 1 158 ? 4.67356   11.15582  9.97624   1.000 12.98000 ? 158 TRP A NE1 1 
ATOM   1264 C CE2 . TRP A 1 158 ? 4.11798   10.39144  8.98296   1.000 10.40000 ? 158 TRP A CE2 1 
ATOM   1265 C CE3 . TRP A 1 158 ? 2.81146   10.73307  6.98035   1.000 12.40000 ? 158 TRP A CE3 1 
ATOM   1266 C CZ2 . TRP A 1 158 ? 4.11704   9.00201   8.80218   1.000 12.47000 ? 158 TRP A CZ2 1 
ATOM   1267 C CZ3 . TRP A 1 158 ? 2.80725   9.37026   6.80286   1.000 13.07000 ? 158 TRP A CZ3 1 
ATOM   1268 C CH2 . TRP A 1 158 ? 3.45753   8.51375   7.70609   1.000 13.57000 ? 158 TRP A CH2 1 
ATOM   1269 N N   . ASP A 1 159 ? 3.80380   16.31763  5.35517   1.000 12.89000 ? 159 ASP A N   1 
ATOM   1270 C CA  . ASP A 1 159 ? 3.15116   17.49967  4.78910   1.000 13.53000 ? 159 ASP A CA  1 
ATOM   1271 C C   . ASP A 1 159 ? 2.06358   17.15264  3.78077   1.000 13.44000 ? 159 ASP A C   1 
ATOM   1272 O O   . ASP A 1 159 ? 1.05542   17.86767  3.69192   1.000 16.65000 ? 159 ASP A O   1 
ATOM   1273 C CB  . ASP A 1 159 ? 4.18757   18.40334  4.12875   1.000 16.68000 ? 159 ASP A CB  1 
ATOM   1274 C CG  . ASP A 1 159 ? 5.07461   19.11770  5.13716   1.000 22.29000 ? 159 ASP A CG  1 
ATOM   1275 O OD1 . ASP A 1 159 ? 4.82702   19.00128  6.35155   1.000 24.96000 ? 159 ASP A OD1 1 
ATOM   1276 O OD2 . ASP A 1 159 ? 6.02549   19.80010  4.70122   1.000 29.93000 ? 159 ASP A OD2 1 
ATOM   1277 N N   . ALA A 1 160 ? 2.22967   16.07223  3.01717   1.000 10.96000 ? 160 ALA A N   1 
ATOM   1278 C CA  . ALA A 1 160 ? 1.22618   15.73616  2.01211   1.000 12.63000 ? 160 ALA A CA  1 
ATOM   1279 C C   . ALA A 1 160 ? -0.06363  15.21502  2.62369   1.000 14.13000 ? 160 ALA A C   1 
ATOM   1280 O O   . ALA A 1 160 ? -1.07620  15.13480  1.91568   1.000 17.03000 ? 160 ALA A O   1 
ATOM   1281 C CB  . ALA A 1 160 ? 1.77864   14.69470  1.03621   1.000 12.35000 ? 160 ALA A CB  1 
ATOM   1282 N N   . TYR A 1 161 ? -0.05756  14.86393  3.90601   1.000 12.03000 ? 161 TYR A N   1 
ATOM   1283 C CA  . TYR A 1 161 ? -1.23692  14.34181  4.57753   1.000 14.32000 ? 161 TYR A CA  1 
ATOM   1284 C C   . TYR A 1 161 ? -1.81394  15.30428  5.60872   1.000 21.92000 ? 161 TYR A C   1 
ATOM   1285 O O   . TYR A 1 161 ? -2.88674  15.03025  6.14974   1.000 25.84000 ? 161 TYR A O   1 
ATOM   1286 C CB  . TYR A 1 161 ? -0.90346  12.99111  5.23283   1.000 15.07000 ? 161 TYR A CB  1 
ATOM   1287 C CG  . TYR A 1 161 ? -0.62146  11.90852  4.20738   1.000 10.90000 ? 161 TYR A CG  1 
ATOM   1288 C CD1 . TYR A 1 161 ? 0.64057   11.76099  3.64994   1.000 10.60000 ? 161 TYR A CD1 1 
ATOM   1289 C CD2 . TYR A 1 161 ? -1.63230  11.05236  3.77549   1.000 11.56000 ? 161 TYR A CD2 1 
ATOM   1290 C CE1 . TYR A 1 161 ? 0.89340   10.79790  2.70369   1.000 9.20000  ? 161 TYR A CE1 1 
ATOM   1291 C CE2 . TYR A 1 161 ? -1.37830  10.07598  2.83335   1.000 10.13000 ? 161 TYR A CE2 1 
ATOM   1292 C CZ  . TYR A 1 161 ? -0.11238  9.95589   2.29096   1.000 8.93000  ? 161 TYR A CZ  1 
ATOM   1293 O OH  . TYR A 1 161 ? 0.14659   8.98861   1.35665   1.000 8.98000  ? 161 TYR A OH  1 
ATOM   1294 N N   . LYS A 1 162 ? -1.16358  16.44325  5.85709   1.000 24.63000 ? 162 LYS A N   1 
ATOM   1295 C CA  . LYS A 1 162 ? -1.51385  17.26627  7.01494   1.000 30.85000 ? 162 LYS A CA  1 
ATOM   1296 C C   . LYS A 1 162 ? -2.94143  17.79205  6.94257   1.000 37.61000 ? 162 LYS A C   1 
ATOM   1297 O O   . LYS A 1 162 ? -3.64903  17.81037  7.95738   1.000 46.70000 ? 162 LYS A O   1 
ATOM   1298 C CB  . LYS A 1 162 ? -0.53955  18.43374  7.15235   1.000 30.72000 ? 162 LYS A CB  1 
ATOM   1299 C CG  . LYS A 1 162 ? 0.82462   18.04852  7.68312   1.000 35.68000 ? 162 LYS A CG  1 
ATOM   1300 C CD  . LYS A 1 162 ? 1.39475   19.17664  8.52289   1.000 37.66000 ? 162 LYS A CD  1 
ATOM   1301 C CE  . LYS A 1 162 ? 2.88289   19.02078  8.72215   1.000 36.04000 ? 162 LYS A CE  1 
ATOM   1302 N NZ  . LYS A 1 162 ? 3.29201   17.59723  8.62777   1.000 37.02000 ? 162 LYS A NZ  1 
ATOM   1303 N N   . ASN A 1 163 ? -3.38095  18.24563  5.77404   1.000 36.88000 ? 163 ASN A N   1 
ATOM   1304 C CA  . ASN A 1 163 ? -4.70967  18.82687  5.64949   1.000 41.87000 ? 163 ASN A CA  1 
ATOM   1305 C C   . ASN A 1 163 ? -5.79040  17.79506  5.37283   1.000 42.35000 ? 163 ASN A C   1 
ATOM   1306 O O   . ASN A 1 163 ? -6.92570  18.17126  5.06436   1.000 47.42000 ? 163 ASN A O   1 
ATOM   1307 C CB  . ASN A 1 163 ? -4.72410  19.88954  4.54954   1.000 45.22000 ? 163 ASN A CB  1 
ATOM   1308 C CG  . ASN A 1 163 ? -4.05171  21.17338  4.97690   1.000 49.98000 ? 163 ASN A CG  1 
ATOM   1309 O OD1 . ASN A 1 163 ? -4.51570  21.85347  5.89403   1.000 57.04000 ? 163 ASN A OD1 1 
ATOM   1310 N ND2 . ASN A 1 163 ? -2.95702  21.51942  4.31080   1.000 51.65000 ? 163 ASN A ND2 1 
ATOM   1311 N N   . LEU A 1 164 ? -5.47846  16.51179  5.48176   1.000 38.92000 ? 164 LEU A N   1 
ATOM   1312 C CA  . LEU A 1 164 ? -6.42395  15.48670  5.07713   1.000 37.64000 ? 164 LEU A CA  1 
ATOM   1313 C C   . LEU A 1 164 ? -6.97627  14.75148  6.29055   1.000 39.71000 ? 164 LEU A C   1 
ATOM   1314 O O   . LEU A 1 164 ? -6.38939  14.81185  7.37438   1.000 43.39000 ? 164 LEU A O   1 
ATOM   1315 C CB  . LEU A 1 164 ? -5.75099  14.52082  4.10220   1.000 33.58000 ? 164 LEU A CB  1 
ATOM   1316 C CG  . LEU A 1 164 ? -5.08554  15.24811  2.92850   1.000 32.77000 ? 164 LEU A CG  1 
ATOM   1317 C CD1 . LEU A 1 164 ? -4.31408  14.28575  2.05153   1.000 27.43000 ? 164 LEU A CD1 1 
ATOM   1318 C CD2 . LEU A 1 164 ? -6.12479  16.00645  2.11725   1.000 37.03000 ? 164 LEU A CD2 1 
ATOM   1319 O OXT . LEU A 1 164 ? -8.00520  14.07261  6.22004   1.000 40.14000 ? 164 LEU A OXT 1 
HETATM 1320 N N1  A QPM B 2 .   ? -7.21085  10.23669  9.92135   0.620 30.50000 ? 201 QPM A N1  1 
HETATM 1321 N N1  B QPM B 2 .   ? -5.21450  11.54312  9.08048   0.380 28.77000 ? 201 QPM A N1  1 
HETATM 1322 C C4  A QPM B 2 .   ? -6.74064  9.99305   7.13253   0.620 25.87000 ? 201 QPM A C4  1 
HETATM 1323 C C4  B QPM B 2 .   ? -6.83636  10.94726  6.76060   0.380 25.66000 ? 201 QPM A C4  1 
HETATM 1324 C C5  A QPM B 2 .   ? -5.57378  10.39134  8.00737   0.620 22.49000 ? 201 QPM A C5  1 
HETATM 1325 C C5  B QPM B 2 .   ? -5.70510  11.95340  6.77854   0.380 27.28000 ? 201 QPM A C5  1 
HETATM 1326 C C6  A QPM B 2 .   ? -5.85721  10.53205  9.52056   0.620 27.84000 ? 201 QPM A C6  1 
HETATM 1327 C C6  B QPM B 2 .   ? -4.61461  11.61245  7.76130   0.380 27.03000 ? 201 QPM A C6  1 
HETATM 1328 C C21 A QPM B 2 .   ? -8.33789  8.00888   9.96494   0.620 28.24000 ? 201 QPM A C21 1 
HETATM 1329 C C21 B QPM B 2 .   ? -6.39841  9.79471   10.30900  0.380 26.28000 ? 201 QPM A C21 1 
HETATM 1330 C C22 A QPM B 2 .   ? -9.43029  9.96206   8.98188   0.620 27.75000 ? 201 QPM A C22 1 
HETATM 1331 C C22 B QPM B 2 .   ? -7.43349  12.02364  9.97582   0.380 28.31000 ? 201 QPM A C22 1 
HETATM 1332 C C2  A QPM B 2 .   ? -8.06055  9.29684   9.18383   0.620 24.88000 ? 201 QPM A C2  1 
HETATM 1333 C C2  B QPM B 2 .   ? -6.53305  10.96491  9.34118   0.380 28.06000 ? 201 QPM A C2  1 
HETATM 1334 C C3  A QPM B 2 .   ? -7.48943  8.88240   7.82792   0.620 27.63000 ? 201 QPM A C3  1 
HETATM 1335 C C3  B QPM B 2 .   ? -7.27377  10.41550  8.11915   0.380 25.22000 ? 201 QPM A C3  1 
HETATM 1336 C C61 A QPM B 2 .   ? -5.07247  11.74344  10.05954  0.620 29.64000 ? 201 QPM A C61 1 
HETATM 1337 C C61 B QPM B 2 .   ? -3.55122  12.69579  7.76886   0.380 27.36000 ? 201 QPM A C61 1 
HETATM 1338 C C62 A QPM B 2 .   ? -5.32213  9.46608   10.43700  0.620 28.04000 ? 201 QPM A C62 1 
HETATM 1339 C C62 B QPM B 2 .   ? -3.90718  10.32754  7.34045   0.380 24.64000 ? 201 QPM A C62 1 
HETATM 1340 N N2  A QPM B 2 .   ? -6.22026  9.47090   5.92020   0.620 17.18000 ? 201 QPM A N2  1 
HETATM 1341 N N2  B QPM B 2 .   ? -6.29396  9.87812   6.03505   0.380 20.57000 ? 201 QPM A N2  1 
HETATM 1342 O O1  A QPM B 2 .   ? -7.58494  10.59886  10.97790  0.620 33.72000 ? 201 QPM A O1  1 
HETATM 1343 O O1  B QPM B 2 .   ? -4.60814  11.99211  9.98175   0.380 29.36000 ? 201 QPM A O1  1 
HETATM 1344 N N1  . QPM C 2 .   ? 15.31309  17.89504  -11.13660 1.000 47.58000 ? 202 QPM A N1  1 
HETATM 1345 C C4  . QPM C 2 .   ? 13.56053  16.08959  -10.46076 1.000 33.80000 ? 202 QPM A C4  1 
HETATM 1346 C C5  . QPM C 2 .   ? 13.44426  16.52243  -11.91339 1.000 42.41000 ? 202 QPM A C5  1 
HETATM 1347 C C6  . QPM C 2 .   ? 14.47287  17.58019  -12.29681 1.000 45.20000 ? 202 QPM A C6  1 
HETATM 1348 C C21 . QPM C 2 .   ? 17.32088  16.44190  -10.73149 1.000 40.74000 ? 202 QPM A C21 1 
HETATM 1349 C C22 . QPM C 2 .   ? 16.00182  17.40068  -8.86951  1.000 35.62000 ? 202 QPM A C22 1 
HETATM 1350 C C2  . QPM C 2 .   ? 15.91899  16.86190  -10.28988 1.000 39.30000 ? 202 QPM A C2  1 
HETATM 1351 C C3  . QPM C 2 .   ? 15.00149  15.65097  -10.22438 1.000 32.51000 ? 202 QPM A C3  1 
HETATM 1352 C C61 . QPM C 2 .   ? 13.68095  18.82378  -12.69436 1.000 44.35000 ? 202 QPM A C61 1 
HETATM 1353 C C62 . QPM C 2 .   ? 15.27658  17.08878  -13.50577 1.000 43.06000 ? 202 QPM A C62 1 
HETATM 1354 N N2  . QPM C 2 .   ? 12.73581  14.96388  -10.27504 1.000 30.20000 ? 202 QPM A N2  1 
HETATM 1355 O O1  . QPM C 2 .   ? 15.46890  19.02683  -10.84368 1.000 52.36000 ? 202 QPM A O1  1 
HETATM 1356 O O   . HOH D 3 .   ? 5.54587   -10.16496 -0.17431  1.000 27.66000 ? 301 HOH A O   1 
HETATM 1357 O O   . HOH D 3 .   ? -21.00070 -15.96794 -3.86373  1.000 34.84000 ? 302 HOH A O   1 
HETATM 1358 O O   . HOH D 3 .   ? -7.14201  -13.50231 11.41982  1.000 21.67000 ? 303 HOH A O   1 
HETATM 1359 O O   . HOH D 3 .   ? 4.14413   17.13108  10.86338  1.000 41.03000 ? 304 HOH A O   1 
HETATM 1360 O O   . HOH D 3 .   ? -17.21069 -9.25206  -12.40422 1.000 15.63000 ? 305 HOH A O   1 
HETATM 1361 O O   . HOH D 3 .   ? 4.12048   -10.76615 3.16596   1.000 28.22000 ? 306 HOH A O   1 
HETATM 1362 O O   . HOH D 3 .   ? 4.44762   15.56839  -9.56922  1.000 30.16000 ? 307 HOH A O   1 
HETATM 1363 O O   . HOH D 3 .   ? -5.09718  -3.02738  -2.04528  1.000 19.09000 ? 308 HOH A O   1 
HETATM 1364 O O   . HOH D 3 .   ? 20.43557  16.54328  -8.33834  1.000 22.88000 ? 309 HOH A O   1 
HETATM 1365 O O   . HOH D 3 .   ? -15.39824 -11.79917 13.06979  1.000 21.36000 ? 310 HOH A O   1 
HETATM 1366 O O   . HOH D 3 .   ? 5.31887   -7.08294  12.26699  1.000 25.41000 ? 311 HOH A O   1 
HETATM 1367 O O   . HOH D 3 .   ? -6.42527  6.57487   -12.96846 1.000 19.36000 ? 312 HOH A O   1 
HETATM 1368 O O   . HOH D 3 .   ? -13.23218 -0.20401  15.37748  1.000 36.53000 ? 313 HOH A O   1 
HETATM 1369 O O   . HOH D 3 .   ? -4.19981  -0.74379  -2.62726  1.000 23.64000 ? 314 HOH A O   1 
HETATM 1370 O O   . HOH D 3 .   ? -3.17102  6.58246   15.11428  1.000 22.92000 ? 315 HOH A O   1 
HETATM 1371 O O   . HOH D 3 .   ? -1.16644  -3.01230  15.33232  1.000 15.39000 ? 316 HOH A O   1 
HETATM 1372 O O   . HOH D 3 .   ? -1.63366  16.19186  -0.39344  1.000 21.36000 ? 317 HOH A O   1 
HETATM 1373 O O   . HOH D 3 .   ? 15.15984  19.92873  -7.29050  1.000 36.54000 ? 318 HOH A O   1 
HETATM 1374 O O   . HOH D 3 .   ? -17.37440 -20.42648 -1.16911  1.000 26.97000 ? 319 HOH A O   1 
HETATM 1375 O O   . HOH D 3 .   ? -7.13409  -3.54177  -3.77377  1.000 15.73000 ? 320 HOH A O   1 
HETATM 1376 O O   . HOH D 3 .   ? -4.28466  1.87642   -10.21057 1.000 22.73000 ? 321 HOH A O   1 
HETATM 1377 O O   . HOH D 3 .   ? -5.64953  7.26831   -2.52420  1.000 20.05000 ? 322 HOH A O   1 
HETATM 1378 O O   . HOH D 3 .   ? 14.45205  16.72191  1.21951   1.000 15.63000 ? 323 HOH A O   1 
HETATM 1379 O O   . HOH D 3 .   ? 20.31841  -3.72415  5.75599   1.000 33.38000 ? 324 HOH A O   1 
HETATM 1380 O O   . HOH D 3 .   ? -2.35380  14.58492  -9.88950  1.000 20.33000 ? 325 HOH A O   1 
HETATM 1381 O O   . HOH D 3 .   ? -4.79945  -3.55337  -6.85675  1.000 27.96000 ? 326 HOH A O   1 
HETATM 1382 O O   . HOH D 3 .   ? -7.92968  -12.34115 1.57995   1.000 22.28000 ? 327 HOH A O   1 
HETATM 1383 O O   . HOH D 3 .   ? 7.37312   15.66984  -4.58626  1.000 28.32000 ? 328 HOH A O   1 
HETATM 1384 O O   . HOH D 3 .   ? -0.43257  10.27047  14.96287  1.000 30.89000 ? 329 HOH A O   1 
HETATM 1385 O O   . HOH D 3 .   ? -7.47713  -13.24486 -1.04058  1.000 21.63000 ? 330 HOH A O   1 
HETATM 1386 O O   . HOH D 3 .   ? -17.31411 -7.49322  14.38900  1.000 21.62000 ? 331 HOH A O   1 
HETATM 1387 O O   . HOH D 3 .   ? 3.72355   -7.33369  -6.57070  1.000 17.01000 ? 332 HOH A O   1 
HETATM 1388 O O   . HOH D 3 .   ? 24.28215  10.12331  -1.94847  1.000 30.74000 ? 333 HOH A O   1 
HETATM 1389 O O   . HOH D 3 .   ? 20.72228  5.34813   5.93607   1.000 19.64000 ? 334 HOH A O   1 
HETATM 1390 O O   . HOH D 3 .   ? -6.39531  -0.17953  -14.70972 1.000 30.30000 ? 335 HOH A O   1 
HETATM 1391 O O   . HOH D 3 .   ? -11.13342 -8.94701  -9.00879  1.000 13.49000 ? 336 HOH A O   1 
HETATM 1392 O O   . HOH D 3 .   ? 17.95098  6.05635   2.65669   1.000 12.60000 ? 337 HOH A O   1 
HETATM 1393 O O   . HOH D 3 .   ? -19.47153 -6.88658  -9.71152  1.000 25.92000 ? 338 HOH A O   1 
HETATM 1394 O O   . HOH D 3 .   ? 11.87146  11.93873  8.65585   1.000 16.63000 ? 339 HOH A O   1 
HETATM 1395 O O   . HOH D 3 .   ? -12.85346 -7.71157  -11.06691 1.000 20.93000 ? 340 HOH A O   1 
HETATM 1396 O O   . HOH D 3 .   ? 12.21667  18.16976  4.65934   1.000 30.24000 ? 341 HOH A O   1 
HETATM 1397 O O   . HOH D 3 .   ? -19.85109 -2.02078  -3.11417  1.000 18.46000 ? 342 HOH A O   1 
HETATM 1398 O O   . HOH D 3 .   ? -6.76002  -4.05961  4.67981   1.000 10.81000 ? 343 HOH A O   1 
HETATM 1399 O O   . HOH D 3 .   ? 21.71384  5.05395   3.36468   1.000 19.88000 ? 344 HOH A O   1 
HETATM 1400 O O   . HOH D 3 .   ? -8.77553  -14.64520 1.46526   1.000 23.01000 ? 345 HOH A O   1 
HETATM 1401 O O   . HOH D 3 .   ? -7.91669  4.22351   -2.73697  1.000 26.81000 ? 346 HOH A O   1 
HETATM 1402 O O   . HOH D 3 .   ? -10.41765 3.38078   -2.12740  1.000 32.08000 ? 347 HOH A O   1 
HETATM 1403 O O   . HOH D 3 .   ? -21.62503 -10.82449 6.55638   1.000 15.00000 ? 348 HOH A O   1 
HETATM 1404 O O   . HOH D 3 .   ? 3.59627   15.80547  -13.30115 1.000 33.67000 ? 349 HOH A O   1 
HETATM 1405 O O   . HOH D 3 .   ? 19.88625  -0.70463  -12.45138 1.000 30.31000 ? 350 HOH A O   1 
HETATM 1406 O O   . HOH D 3 .   ? 4.08252   13.85684  3.30207   1.000 12.49000 ? 351 HOH A O   1 
HETATM 1407 O O   . HOH D 3 .   ? 10.89698  9.76947   -20.98040 1.000 18.56000 ? 352 HOH A O   1 
HETATM 1408 O O   . HOH D 3 .   ? -10.19565 -5.14248  14.85698  1.000 19.64000 ? 353 HOH A O   1 
HETATM 1409 O O   . HOH D 3 .   ? -6.74615  -2.81477  -14.46394 1.000 32.78000 ? 354 HOH A O   1 
HETATM 1410 O O   . HOH D 3 .   ? -2.47516  -10.14089 5.12055   1.000 24.78000 ? 355 HOH A O   1 
HETATM 1411 O O   . HOH D 3 .   ? -0.78467  9.91502   -17.66303 1.000 19.99000 ? 356 HOH A O   1 
HETATM 1412 O O   . HOH D 3 .   ? -24.73975 -8.32568  0.23381   1.000 26.38000 ? 357 HOH A O   1 
HETATM 1413 O O   . HOH D 3 .   ? -16.78255 -19.53709 -5.21867  1.000 31.22000 ? 358 HOH A O   1 
HETATM 1414 O O   . HOH D 3 .   ? 9.69423   14.33061  10.06646  1.000 22.52000 ? 359 HOH A O   1 
HETATM 1415 O O   . HOH D 3 .   ? -11.50043 -12.85479 11.75916  1.000 20.49000 ? 360 HOH A O   1 
HETATM 1416 O O   . HOH D 3 .   ? 20.91202  -0.61013  4.52703   1.000 21.96000 ? 361 HOH A O   1 
HETATM 1417 O O   . HOH D 3 .   ? 12.59656  18.75357  -2.12403  1.000 24.83000 ? 362 HOH A O   1 
HETATM 1418 O O   . HOH D 3 .   ? 19.94696  -7.71416  0.87749   1.000 28.98000 ? 363 HOH A O   1 
HETATM 1419 O O   . HOH D 3 .   ? 19.66636  4.51795   -9.53495  1.000 21.15000 ? 364 HOH A O   1 
HETATM 1420 O O   . HOH D 3 .   ? 1.76587   3.81603   -2.74012  1.000 9.57000  ? 365 HOH A O   1 
HETATM 1421 O O   . HOH D 3 .   ? -4.68256  1.57345   -5.95670  1.000 26.44000 ? 366 HOH A O   1 
HETATM 1422 O O   . HOH D 3 .   ? 9.40741   -11.02083 -5.06840  1.000 33.74000 ? 367 HOH A O   1 
HETATM 1423 O O   . HOH D 3 .   ? 8.89252   20.60602  -0.15734  1.000 38.78000 ? 368 HOH A O   1 
HETATM 1424 O O   . HOH D 3 .   ? -18.66911 -16.60370 -11.19128 1.000 34.94000 ? 369 HOH A O   1 
HETATM 1425 O O   . HOH D 3 .   ? -9.07486  0.39775   -13.71629 1.000 15.26000 ? 370 HOH A O   1 
HETATM 1426 O O   . HOH D 3 .   ? -2.47817  -6.74334  -12.13590 1.000 32.61000 ? 371 HOH A O   1 
HETATM 1427 O O   . HOH D 3 .   ? -7.46365  -0.85174  -2.70774  1.000 19.71000 ? 372 HOH A O   1 
HETATM 1428 O O   . HOH D 3 .   ? -11.94304 2.11804   -6.12358  1.000 16.88000 ? 373 HOH A O   1 
HETATM 1429 O O   . HOH D 3 .   ? -11.23921 -16.23103 -12.82862 1.000 33.57000 ? 374 HOH A O   1 
HETATM 1430 O O   . HOH D 3 .   ? -9.36521  -4.07028  5.59990   1.000 9.06000  ? 375 HOH A O   1 
HETATM 1431 O O   . HOH D 3 .   ? -21.33068 -4.02624  8.57365   1.000 28.06000 ? 376 HOH A O   1 
HETATM 1432 O O   . HOH D 3 .   ? -10.09685 8.39794   2.62569   1.000 24.21000 ? 377 HOH A O   1 
HETATM 1433 O O   . HOH D 3 .   ? -18.30802 -6.92411  -12.60552 1.000 28.43000 ? 378 HOH A O   1 
HETATM 1434 O O   . HOH D 3 .   ? -9.75578  -5.25838  -13.86945 1.000 31.17000 ? 379 HOH A O   1 
HETATM 1435 O O   . HOH D 3 .   ? -5.50153  -9.94691  5.91504   1.000 18.44000 ? 380 HOH A O   1 
HETATM 1436 O O   . HOH D 3 .   ? -10.39249 -2.64611  15.94832  1.000 27.08000 ? 381 HOH A O   1 
HETATM 1437 O O   . HOH D 3 .   ? 13.90420  1.57934   -11.62750 1.000 20.38000 ? 382 HOH A O   1 
HETATM 1438 O O   . HOH D 3 .   ? -9.25875  -12.60743 10.06550  1.000 18.26000 ? 383 HOH A O   1 
HETATM 1439 O O   . HOH D 3 .   ? -9.79400  -19.07846 7.59885   1.000 10.77000 ? 384 HOH A O   1 
HETATM 1440 O O   . HOH D 3 .   ? -5.25474  -10.65562 13.54499  1.000 18.23000 ? 385 HOH A O   1 
HETATM 1441 O O   . HOH D 3 .   ? 9.76612   -11.22123 6.63773   1.000 26.69000 ? 386 HOH A O   1 
HETATM 1442 O O   . HOH D 3 .   ? 16.15323  11.13314  -11.27510 1.000 23.31000 ? 387 HOH A O   1 
HETATM 1443 O O   . HOH D 3 .   ? -5.89670  -2.05965  12.35805  1.000 19.16000 ? 388 HOH A O   1 
HETATM 1444 O O   . HOH D 3 .   ? -6.26615  2.54589   -13.63324 1.000 27.19000 ? 389 HOH A O   1 
HETATM 1445 O O   . HOH D 3 .   ? 10.80503  -7.68755  -8.64284  1.000 28.41000 ? 390 HOH A O   1 
HETATM 1446 O O   . HOH D 3 .   ? -13.50837 -4.83539  -13.13531 1.000 21.37000 ? 391 HOH A O   1 
HETATM 1447 O O   . HOH D 3 .   ? -6.07958  -13.32937 -7.92636  1.000 26.72000 ? 392 HOH A O   1 
HETATM 1448 O O   . HOH D 3 .   ? 18.16893  -2.25711  -3.25805  1.000 29.75000 ? 393 HOH A O   1 
HETATM 1449 O O   . HOH D 3 .   ? -5.65331  -5.59712  14.82219  1.000 22.87000 ? 394 HOH A O   1 
HETATM 1450 O O   . HOH D 3 .   ? 4.54132   11.15232  13.27073  1.000 21.45000 ? 395 HOH A O   1 
HETATM 1451 O O   . HOH D 3 .   ? 5.53983   11.09118  -15.08107 1.000 31.59000 ? 396 HOH A O   1 
HETATM 1452 O O   . HOH D 3 .   ? -1.67676  10.69456  -14.76964 1.000 25.44000 ? 397 HOH A O   1 
HETATM 1453 O O   . HOH D 3 .   ? -7.11294  -13.22263 7.09483   1.000 13.91000 ? 398 HOH A O   1 
HETATM 1454 O O   . HOH D 3 .   ? 5.51598   9.23037   -16.86715 1.000 29.17000 ? 399 HOH A O   1 
HETATM 1455 O O   . HOH D 3 .   ? 6.86158   3.80929   9.73748   1.000 19.91000 ? 400 HOH A O   1 
HETATM 1456 O O   . HOH D 3 .   ? -1.46203  14.56161  -4.20098  1.000 18.93000 ? 401 HOH A O   1 
HETATM 1457 O O   . HOH D 3 .   ? 0.44613   15.42587  -12.92212 1.000 30.79000 ? 402 HOH A O   1 
HETATM 1458 O O   . HOH D 3 .   ? -9.15421  1.43045   -1.90712  1.000 14.94000 ? 403 HOH A O   1 
HETATM 1459 O O   . HOH D 3 .   ? -18.60442 -0.84511  -0.87825  1.000 23.90000 ? 404 HOH A O   1 
HETATM 1460 O O   . HOH D 3 .   ? -13.29828 0.70919   -9.46906  1.000 13.47000 ? 405 HOH A O   1 
HETATM 1461 O O   . HOH D 3 .   ? -5.34203  -7.73465  13.18291  1.000 14.97000 ? 406 HOH A O   1 
HETATM 1462 O O   . HOH D 3 .   ? -5.07808  4.06633   -4.62385  1.000 23.48000 ? 407 HOH A O   1 
HETATM 1463 O O   . HOH D 3 .   ? 17.58175  -6.64889  -9.56145  1.000 38.87000 ? 408 HOH A O   1 
HETATM 1464 O O   . HOH D 3 .   ? 3.22180   11.40511  -17.63524 1.000 26.14000 ? 409 HOH A O   1 
HETATM 1465 O O   . HOH D 3 .   ? 16.09762  -1.18614  10.66121  1.000 26.78000 ? 410 HOH A O   1 
HETATM 1466 O O   . HOH D 3 .   ? 15.84226  16.96345  -1.19655  1.000 15.61000 ? 411 HOH A O   1 
HETATM 1467 O O   . HOH D 3 .   ? -10.03348 14.77872  4.23962   1.000 39.99000 ? 412 HOH A O   1 
HETATM 1468 O O   . HOH D 3 .   ? -19.22352 -10.30346 12.69536  1.000 28.77000 ? 413 HOH A O   1 
HETATM 1469 O O   . HOH D 3 .   ? 12.39896  15.78675  7.40651   1.000 29.51000 ? 414 HOH A O   1 
HETATM 1470 O O   . HOH D 3 .   ? -17.26829 -1.25608  -6.98251  1.000 17.53000 ? 415 HOH A O   1 
HETATM 1471 O O   . HOH D 3 .   ? -3.31868  14.89280  -2.12433  1.000 18.02000 ? 416 HOH A O   1 
HETATM 1472 O O   . HOH D 3 .   ? 23.18022  12.04572  -1.19072  1.000 30.84000 ? 417 HOH A O   1 
HETATM 1473 O O   . HOH D 3 .   ? -20.12835 -18.85648 9.41319   1.000 18.80000 ? 418 HOH A O   1 
HETATM 1474 O O   . HOH D 3 .   ? 3.73105   -8.42769  -0.88412  1.000 28.86000 ? 419 HOH A O   1 
HETATM 1475 O O   . HOH D 3 .   ? 14.74102  -11.53372 -2.30744  1.000 22.66000 ? 420 HOH A O   1 
HETATM 1476 O O   . HOH D 3 .   ? -19.25202 0.94842   3.61373   1.000 19.08000 ? 421 HOH A O   1 
HETATM 1477 O O   . HOH D 3 .   ? 8.31945   1.85245   10.02898  1.000 28.89000 ? 422 HOH A O   1 
HETATM 1478 O O   . HOH D 3 .   ? 13.16693  -7.41391  -8.46150  1.000 28.93000 ? 423 HOH A O   1 
HETATM 1479 O O   . HOH D 3 .   ? -6.17342  2.22286   -3.81969  1.000 27.70000 ? 424 HOH A O   1 
HETATM 1480 O O   . HOH D 3 .   ? 0.99382   8.17734   15.76766  1.000 20.50000 ? 425 HOH A O   1 
HETATM 1481 O O   . HOH D 3 .   ? -19.61287 -14.70358 -10.03940 1.000 30.84000 ? 426 HOH A O   1 
HETATM 1482 O O   . HOH D 3 .   ? 23.63464  9.94879   1.67315   1.000 26.14000 ? 427 HOH A O   1 
HETATM 1483 O O   . HOH D 3 .   ? -26.14073 -6.33857  1.38390   1.000 32.01000 ? 428 HOH A O   1 
HETATM 1484 O O   . HOH D 3 .   ? -19.39483 -2.04448  12.00536  1.000 20.83000 ? 429 HOH A O   1 
HETATM 1485 O O   . HOH D 3 .   ? -19.08882 -12.41753 -11.34736 1.000 26.57000 ? 430 HOH A O   1 
HETATM 1486 O O   . HOH D 3 .   ? -19.03108 -17.60528 -3.07443  1.000 28.83000 ? 431 HOH A O   1 
HETATM 1487 O O   . HOH D 3 .   ? 8.14792   13.73560  -8.54333  1.000 28.60000 ? 432 HOH A O   1 
HETATM 1488 O O   . HOH D 3 .   ? -16.87935 -19.69655 0.84398   1.000 25.82000 ? 433 HOH A O   1 
HETATM 1489 O O   . HOH D 3 .   ? -3.27204  0.49214   -7.56881  1.000 27.56000 ? 434 HOH A O   1 
HETATM 1490 O O   . HOH D 3 .   ? 21.51398  6.38239   -8.72255  1.000 30.67000 ? 435 HOH A O   1 
HETATM 1491 O O   . HOH D 3 .   ? 5.75516   16.06329  9.56593   1.000 16.68000 ? 436 HOH A O   1 
HETATM 1492 O O   . HOH D 3 .   ? -17.44865 -3.10624  14.22232  1.000 19.79000 ? 437 HOH A O   1 
HETATM 1493 O O   . HOH D 3 .   ? -12.89057 -19.52308 11.52731  1.000 33.31000 ? 438 HOH A O   1 
HETATM 1494 O O   . HOH D 3 .   ? -6.04582  10.02444  -4.26437  1.000 22.97000 ? 439 HOH A O   1 
HETATM 1495 O O   . HOH D 3 .   ? -6.00739  3.72840   -11.27654 1.000 24.18000 ? 440 HOH A O   1 
HETATM 1496 O O   . HOH D 3 .   ? 2.41512   -4.41145  -9.05678  1.000 35.01000 ? 441 HOH A O   1 
HETATM 1497 O O   . HOH D 3 .   ? -1.19792  2.77531   -9.72650  1.000 19.38000 ? 442 HOH A O   1 
HETATM 1498 O O   . HOH D 3 .   ? 15.51073  9.34407   -13.34770 1.000 22.08000 ? 443 HOH A O   1 
HETATM 1499 O O   . HOH D 3 .   ? 4.98089   14.76405  -5.35910  1.000 26.24000 ? 444 HOH A O   1 
HETATM 1500 O O   . HOH D 3 .   ? 18.80416  -6.85071  10.36986  1.000 42.62000 ? 445 HOH A O   1 
HETATM 1501 O O   . HOH D 3 .   ? 17.43858  18.96349  -6.47638  1.000 29.62000 ? 446 HOH A O   1 
HETATM 1502 O O   . HOH D 3 .   ? 4.16317   -9.28742  -4.65425  1.000 20.84000 ? 447 HOH A O   1 
HETATM 1503 O O   . HOH D 3 .   ? 21.40970  9.02880   -8.56056  1.000 32.76000 ? 448 HOH A O   1 
HETATM 1504 O O   . HOH D 3 .   ? -4.21936  -6.02142  -0.22161  1.000 17.96000 ? 449 HOH A O   1 
HETATM 1505 O O   . HOH D 3 .   ? -7.81297  0.96397   -4.75855  1.000 27.47000 ? 450 HOH A O   1 
HETATM 1506 O O   . HOH D 3 .   ? 23.80216  6.85071   1.67154   1.000 31.49000 ? 451 HOH A O   1 
HETATM 1507 O O   . HOH D 3 .   ? -26.02492 -6.27759  4.68627   1.000 15.21000 ? 452 HOH A O   1 
HETATM 1508 O O   . HOH D 3 .   ? -4.71191  8.82423   -7.08391  1.000 7.12000  ? 453 HOH A O   1 
HETATM 1509 O O   . HOH D 3 .   ? 13.10981  -8.92143  -5.84547  1.000 28.76000 ? 454 HOH A O   1 
HETATM 1510 O O   . HOH D 3 .   ? -15.18350 -7.94493  -12.59737 1.000 23.81000 ? 455 HOH A O   1 
HETATM 1511 O O   . HOH D 3 .   ? 16.43373  -9.92596  3.19987   1.000 31.46000 ? 456 HOH A O   1 
HETATM 1512 O O   . HOH D 3 .   ? -11.27830 -10.01703 10.25761  1.000 28.54000 ? 457 HOH A O   1 
HETATM 1513 O O   . HOH D 3 .   ? 18.59167  14.91681  -4.69980  1.000 9.42000  ? 458 HOH A O   1 
HETATM 1514 O O   . HOH D 3 .   ? -21.35566 -7.85202  8.75395   1.000 27.75000 ? 459 HOH A O   1 
HETATM 1515 O O   . HOH D 3 .   ? 12.42690  -12.45375 -2.12772  1.000 33.75000 ? 460 HOH A O   1 
HETATM 1516 O O   . HOH D 3 .   ? -24.19268 -10.40940 7.34524   0.50  22.28000 ? 461 HOH A O   1 
HETATM 1517 O O   . HOH D 3 .   ? -20.66290 -6.32779  -4.35223  1.000 34.93000 ? 462 HOH A O   1 
HETATM 1518 O O   . HOH D 3 .   ? -19.87804 -0.13053  1.65547   1.000 29.20000 ? 463 HOH A O   1 
HETATM 1519 O O   . HOH D 3 .   ? -24.64537 -7.59212  6.97714   1.000 28.66000 ? 464 HOH A O   1 
HETATM 1520 O O   . HOH D 3 .   ? -12.70122 -8.47118  14.36781  1.000 21.59000 ? 465 HOH A O   1 
HETATM 1521 O O   . HOH D 3 .   ? -2.33749  -5.39338  1.12555   1.000 23.29000 ? 466 HOH A O   1 
HETATM 1522 O O   . HOH D 3 .   ? -17.18648 -9.85696  -14.87692 1.000 35.37000 ? 467 HOH A O   1 
HETATM 1523 O O   . HOH D 3 .   ? -0.09526  -6.57308  1.72861   1.000 30.46000 ? 468 HOH A O   1 
HETATM 1524 O O   . HOH D 3 .   ? 14.21337  4.06961   11.96706  1.000 30.38000 ? 469 HOH A O   1 
HETATM 1525 O O   . HOH D 3 .   ? -19.66678 -5.42678  -6.17255  1.000 33.36000 ? 470 HOH A O   1 
HETATM 1526 O O   . HOH D 3 .   ? 16.66765  3.51600   12.41558  1.000 29.52000 ? 471 HOH A O   1 
HETATM 1527 O O   . HOH D 3 .   ? -21.60298 -9.39884  11.19810  1.000 27.58000 ? 472 HOH A O   1 
HETATM 1528 O O   . HOH D 3 .   ? -9.68623  2.32603   -4.48314  1.000 30.79000 ? 473 HOH A O   1 
HETATM 1529 O O   . HOH D 3 .   ? -5.99150  4.85150   11.47161  1.000 28.47000 ? 474 HOH A O   1 
HETATM 1530 O O   . HOH D 3 .   ? -18.41863 -5.50329  15.42834  1.000 31.46000 ? 475 HOH A O   1 
HETATM 1531 O O   . HOH D 3 .   ? 0.32790   -13.49478 3.22841   1.000 39.89000 ? 476 HOH A O   1 
HETATM 1532 O O   . HOH D 3 .   ? 15.21997  -9.67148  -4.58563  1.000 32.66000 ? 477 HOH A O   1 
HETATM 1533 O O   . HOH D 3 .   ? 7.11188   6.83852   -17.58675 1.000 13.34000 ? 478 HOH A O   1 
HETATM 1534 O O   . HOH D 3 .   ? 0.59207   15.71645  -2.47800  1.000 28.00000 ? 479 HOH A O   1 
HETATM 1535 O O   . HOH D 3 .   ? -11.11972 -2.72468  -15.25495 1.000 34.91000 ? 480 HOH A O   1 
HETATM 1536 O O   . HOH D 3 .   ? 9.89672   19.98554  4.16570   1.000 34.48000 ? 481 HOH A O   1 
HETATM 1537 O O   . HOH D 3 .   ? 2.01223   -7.22890  0.71417   1.000 32.63000 ? 482 HOH A O   1 
HETATM 1538 O O   . HOH D 3 .   ? 12.27913  -11.85544 7.51823   1.000 36.14000 ? 483 HOH A O   1 
HETATM 1539 O O   . HOH D 3 .   ? 5.58835   14.06254  -7.76663  1.000 27.87000 ? 484 HOH A O   1 
HETATM 1540 O O   . HOH D 3 .   ? 18.87839  -7.97088  3.03582   1.000 33.12000 ? 485 HOH A O   1 
HETATM 1541 O O   . HOH D 3 .   ? 7.61666   14.80383  -10.69135 1.000 37.95000 ? 486 HOH A O   1 
HETATM 1542 O O   . HOH D 3 .   ? -10.39919 -7.68072  16.18682  1.000 23.21000 ? 487 HOH A O   1 
HETATM 1543 O O   . HOH D 3 .   ? -11.99106 -20.35400 8.48891   1.000 31.03000 ? 488 HOH A O   1 
HETATM 1544 O O   . HOH D 3 .   ? -22.83085 -6.15578  8.81805   1.000 33.63000 ? 489 HOH A O   1 
HETATM 1545 O O   . HOH D 3 .   ? -7.26654  2.70197   10.75477  1.000 31.09000 ? 490 HOH A O   1 
HETATM 1546 O O   . HOH D 3 .   ? -15.83090 -11.33901 15.62273  1.000 33.76000 ? 491 HOH A O   1 
HETATM 1547 O O   . HOH D 3 .   ? -12.69434 -11.10872 13.38017  1.000 20.78000 ? 492 HOH A O   1 
HETATM 1548 O O   . HOH D 3 .   ? 13.51255  -10.71398 9.17054   1.000 40.45000 ? 493 HOH A O   1 
HETATM 1549 O O   . HOH D 3 .   ? -15.06652 -8.65063  15.50115  1.000 30.29000 ? 494 HOH A O   1 
HETATM 1550 O O   . HOH D 3 .   ? -21.43113 -3.27209  11.05328  1.000 36.27000 ? 495 HOH A O   1 
HETATM 1551 O O   . HOH D 3 .   ? 2.99083   -8.71036  -8.80547  1.000 36.80000 ? 496 HOH A O   1 
HETATM 1552 O O   . HOH D 3 .   ? -19.27318 0.87332   11.65473  1.000 34.00000 ? 497 HOH A O   1 
HETATM 1553 O O   . HOH D 3 .   ? 16.96087  -13.36307 -2.26190  1.000 36.64000 ? 498 HOH A O   1 
HETATM 1554 O O   . HOH D 3 .   ? -6.03283  6.61570   -5.41877  1.000 18.92000 ? 499 HOH A O   1 
HETATM 1555 O O   . HOH D 3 .   ? 21.99973  -6.28252  2.16264   1.000 38.82000 ? 500 HOH A O   1 
HETATM 1556 O O   . HOH D 3 .   ? 19.55297  -12.79792 -2.06310  1.000 45.44000 ? 501 HOH A O   1 
# 
loop_
_pdbx_poly_seq_scheme.asym_id 
_pdbx_poly_seq_scheme.entity_id 
_pdbx_poly_seq_scheme.seq_id 
_pdbx_poly_seq_scheme.mon_id 
_pdbx_poly_seq_scheme.ndb_seq_num 
_pdbx_poly_seq_scheme.pdb_seq_num 
_pdbx_poly_seq_scheme.auth_seq_num 
_pdbx_poly_seq_scheme.pdb_mon_id 
_pdbx_poly_seq_scheme.auth_mon_id 
_pdbx_poly_seq_scheme.pdb_strand_id 
_pdbx_poly_seq_scheme.pdb_ins_code 
_pdbx_poly_seq_scheme.hetero 
A 1 1   MET 1   1   1   MET MET A . n 
A 1 2   ASN 2   2   2   ASN ASN A . n 
A 1 3   ILE 3   3   3   ILE ILE A . n 
A 1 4   PHE 4   4   4   PHE PHE A . n 
A 1 5   GLU 5   5   5   GLU GLU A . n 
A 1 6   MET 6   6   6   MET MET A . n 
A 1 7   LEU 7   7   7   LEU LEU A . n 
A 1 8   ARG 8   8   8   ARG ARG A . n 
A 1 9   TYR 9   9   9   TYR TYR A . n 
A 1 10  ASP 10  10  10  ASP ASP A . n 
A 1 11  GLU 11  11  11  GLU GLU A . n 
A 1 12  GLY 12  12  12  GLY GLY A . n 
A 1 13  LEU 13  13  13  LEU LEU A . n 
A 1 14  ARG 14  14  14  ARG ARG A . n 
A 1 15  LEU 15  15  15  LEU LEU A . n 
A 1 16  LYS 16  16  16  LYS LYS A . n 
A 1 17  ILE 17  17  17  ILE ILE A . n 
A 1 18  TYR 18  18  18  TYR TYR A . n 
A 1 19  LYS 19  19  19  LYS LYS A . n 
A 1 20  ASP 20  20  20  ASP ASP A . n 
A 1 21  THR 21  21  21  THR THR A . n 
A 1 22  GLU 22  22  22  GLU GLU A . n 
A 1 23  GLY 23  23  23  GLY GLY A . n 
A 1 24  TYR 24  24  24  TYR TYR A . n 
A 1 25  TYR 25  25  25  TYR TYR A . n 
A 1 26  THR 26  26  26  THR THR A . n 
A 1 27  ILE 27  27  27  ILE ILE A . n 
A 1 28  GLY 28  28  28  GLY GLY A . n 
A 1 29  ILE 29  29  29  ILE ILE A . n 
A 1 30  GLY 30  30  30  GLY GLY A . n 
A 1 31  HIS 31  31  31  HIS HIS A . n 
A 1 32  LEU 32  32  32  LEU LEU A . n 
A 1 33  LEU 33  33  33  LEU LEU A . n 
A 1 34  THR 34  34  34  THR THR A . n 
A 1 35  LYS 35  35  35  LYS LYS A . n 
A 1 36  SER 36  36  36  SER SER A . n 
A 1 37  PRO 37  37  37  PRO PRO A . n 
A 1 38  SER 38  38  38  SER SER A . n 
A 1 39  LEU 39  39  39  LEU LEU A . n 
A 1 40  ASN 40  40  40  ASN ASN A . n 
A 1 41  ALA 41  41  41  ALA ALA A . n 
A 1 42  ALA 42  42  42  ALA ALA A . n 
A 1 43  LYS 43  43  43  LYS LYS A . n 
A 1 44  SER 44  44  44  SER SER A . n 
A 1 45  GLU 45  45  45  GLU GLU A . n 
A 1 46  LEU 46  46  46  LEU LEU A . n 
A 1 47  ASP 47  47  47  ASP ASP A . n 
A 1 48  LYS 48  48  48  LYS LYS A . n 
A 1 49  ALA 49  49  49  ALA ALA A . n 
A 1 50  ILE 50  50  50  ILE ILE A . n 
A 1 51  GLY 51  51  51  GLY GLY A . n 
A 1 52  ARG 52  52  52  ARG ARG A . n 
A 1 53  ASN 53  53  53  ASN ASN A . n 
A 1 54  THR 54  54  54  THR THR A . n 
A 1 55  ASN 55  55  55  ASN ASN A . n 
A 1 56  GLY 56  56  56  GLY GLY A . n 
A 1 57  VAL 57  57  57  VAL VAL A . n 
A 1 58  ILE 58  58  58  ILE ILE A . n 
A 1 59  THR 59  59  59  THR THR A . n 
A 1 60  LYS 60  60  60  LYS LYS A . n 
A 1 61  ASP 61  61  61  ASP ASP A . n 
A 1 62  GLU 62  62  62  GLU GLU A . n 
A 1 63  ALA 63  63  63  ALA ALA A . n 
A 1 64  GLU 64  64  64  GLU GLU A . n 
A 1 65  LYS 65  65  65  LYS LYS A . n 
A 1 66  LEU 66  66  66  LEU LEU A . n 
A 1 67  PHE 67  67  67  PHE PHE A . n 
A 1 68  ASN 68  68  68  ASN ASN A . n 
A 1 69  GLN 69  69  69  GLN GLN A . n 
A 1 70  ASP 70  70  70  ASP ASP A . n 
A 1 71  VAL 71  71  71  VAL VAL A . n 
A 1 72  ASP 72  72  72  ASP ASP A . n 
A 1 73  ALA 73  73  73  ALA ALA A . n 
A 1 74  ALA 74  74  74  ALA ALA A . n 
A 1 75  VAL 75  75  75  VAL VAL A . n 
A 1 76  ARG 76  76  76  ARG ARG A . n 
A 1 77  GLY 77  77  77  GLY GLY A . n 
A 1 78  ILE 78  78  78  ILE ILE A . n 
A 1 79  LEU 79  79  79  LEU LEU A . n 
A 1 80  ARG 80  80  80  ARG ARG A . n 
A 1 81  ASN 81  81  81  ASN ASN A . n 
A 1 82  ALA 82  82  82  ALA ALA A . n 
A 1 83  LYS 83  83  83  LYS LYS A . n 
A 1 84  LEU 84  84  84  LEU LEU A . n 
A 1 85  LYS 85  85  85  LYS LYS A . n 
A 1 86  PRO 86  86  86  PRO PRO A . n 
A 1 87  ILE 87  87  87  ILE ILE A . n 
A 1 88  TYR 88  88  88  TYR TYR A . n 
A 1 89  ASP 89  89  89  ASP ASP A . n 
A 1 90  SER 90  90  90  SER SER A . n 
A 1 91  LEU 91  91  91  LEU LEU A . n 
A 1 92  ASP 92  92  92  ASP ASP A . n 
A 1 93  ALA 93  93  93  ALA ALA A . n 
A 1 94  VAL 94  94  94  VAL VAL A . n 
A 1 95  ARG 95  95  95  ARG ARG A . n 
A 1 96  ARG 96  96  96  ARG ARG A . n 
A 1 97  ALA 97  97  97  ALA ALA A . n 
A 1 98  ALA 98  98  98  ALA ALA A . n 
A 1 99  LEU 99  99  99  LEU LEU A . n 
A 1 100 ILE 100 100 100 ILE ILE A . n 
A 1 101 ASN 101 101 101 ASN ASN A . n 
A 1 102 MET 102 102 102 MET MET A . n 
A 1 103 VAL 103 103 103 VAL VAL A . n 
A 1 104 PHE 104 104 104 PHE PHE A . n 
A 1 105 GLN 105 105 105 GLN GLN A . n 
A 1 106 MET 106 106 106 MET MET A . n 
A 1 107 GLY 107 107 107 GLY GLY A . n 
A 1 108 GLU 108 108 108 GLU GLU A . n 
A 1 109 THR 109 109 109 THR THR A . n 
A 1 110 GLY 110 110 110 GLY GLY A . n 
A 1 111 VAL 111 111 111 VAL VAL A . n 
A 1 112 ALA 112 112 112 ALA ALA A . n 
A 1 113 GLY 113 113 113 GLY GLY A . n 
A 1 114 PHE 114 114 114 PHE PHE A . n 
A 1 115 THR 115 115 115 THR THR A . n 
A 1 116 ASN 116 116 116 ASN ASN A . n 
A 1 117 SER 117 117 117 SER SER A . n 
A 1 118 LEU 118 118 118 LEU LEU A . n 
A 1 119 ARG 119 119 119 ARG ARG A . n 
A 1 120 MET 120 120 120 MET MET A . n 
A 1 121 LEU 121 121 121 LEU LEU A . n 
A 1 122 GLN 122 122 122 GLN GLN A . n 
A 1 123 GLN 123 123 123 GLN GLN A . n 
A 1 124 LYS 124 124 124 LYS LYS A . n 
A 1 125 ARG 125 125 125 ARG ARG A . n 
A 1 126 TRP 126 126 126 TRP TRP A . n 
A 1 127 ASP 127 127 127 ASP ASP A . n 
A 1 128 GLU 128 128 128 GLU GLU A . n 
A 1 129 ALA 129 129 129 ALA ALA A . n 
A 1 130 ALA 130 130 130 ALA ALA A . n 
A 1 131 TYR 131 131 131 TYR TYR A . n 
A 1 132 ASN 132 132 132 ASN ASN A . n 
A 1 133 LEU 133 133 133 LEU LEU A . n 
A 1 134 ALA 134 134 134 ALA ALA A . n 
A 1 135 LYS 135 135 135 LYS LYS A . n 
A 1 136 SER 136 136 136 SER SER A . n 
A 1 137 ARG 137 137 137 ARG ARG A . n 
A 1 138 TRP 138 138 138 TRP TRP A . n 
A 1 139 TYR 139 139 139 TYR TYR A . n 
A 1 140 ASN 140 140 140 ASN ASN A . n 
A 1 141 GLN 141 141 141 GLN GLN A . n 
A 1 142 THR 142 142 142 THR THR A . n 
A 1 143 PRO 143 143 143 PRO PRO A . n 
A 1 144 ASN 144 144 144 ASN ASN A . n 
A 1 145 ARG 145 145 145 ARG ARG A . n 
A 1 146 ALA 146 146 146 ALA ALA A . n 
A 1 147 LYS 147 147 147 LYS LYS A . n 
A 1 148 ARG 148 148 148 ARG ARG A . n 
A 1 149 VAL 149 149 149 VAL VAL A . n 
A 1 150 ILE 150 150 150 ILE ILE A . n 
A 1 151 THR 151 151 151 THR THR A . n 
A 1 152 THR 152 152 152 THR THR A . n 
A 1 153 PHE 153 153 153 PHE PHE A . n 
A 1 154 ARG 154 154 154 ARG ARG A . n 
A 1 155 THR 155 155 155 THR THR A . n 
A 1 156 GLY 156 156 156 GLY GLY A . n 
A 1 157 THR 157 157 157 THR THR A . n 
A 1 158 TRP 158 158 158 TRP TRP A . n 
A 1 159 ASP 159 159 159 ASP ASP A . n 
A 1 160 ALA 160 160 160 ALA ALA A . n 
A 1 161 TYR 161 161 161 TYR TYR A . n 
A 1 162 LYS 162 162 162 LYS LYS A . n 
A 1 163 ASN 163 163 163 ASN ASN A . n 
A 1 164 LEU 164 164 164 LEU LEU A . n 
# 
loop_
_pdbx_nonpoly_scheme.asym_id 
_pdbx_nonpoly_scheme.entity_id 
_pdbx_nonpoly_scheme.mon_id 
_pdbx_nonpoly_scheme.ndb_seq_num 
_pdbx_nonpoly_scheme.pdb_seq_num 
_pdbx_nonpoly_scheme.auth_seq_num 
_pdbx_nonpoly_scheme.pdb_mon_id 
_pdbx_nonpoly_scheme.auth_mon_id 
_pdbx_nonpoly_scheme.pdb_strand_id 
_pdbx_nonpoly_scheme.pdb_ins_code 
B 2 QPM 1   201 201 QPM LIG A . 
C 2 QPM 1   202 202 QPM LIG A . 
D 3 HOH 1   301 102 HOH HOH A . 
D 3 HOH 2   302 207 HOH HOH A . 
D 3 HOH 3   303 69  HOH HOH A . 
D 3 HOH 4   304 220 HOH HOH A . 
D 3 HOH 5   305 16  HOH HOH A . 
D 3 HOH 6   306 70  HOH HOH A . 
D 3 HOH 7   307 162 HOH HOH A . 
D 3 HOH 8   308 36  HOH HOH A . 
D 3 HOH 9   309 98  HOH HOH A . 
D 3 HOH 10  310 89  HOH HOH A . 
D 3 HOH 11  311 48  HOH HOH A . 
D 3 HOH 12  312 18  HOH HOH A . 
D 3 HOH 13  313 218 HOH HOH A . 
D 3 HOH 14  314 106 HOH HOH A . 
D 3 HOH 15  315 99  HOH HOH A . 
D 3 HOH 16  316 15  HOH HOH A . 
D 3 HOH 17  317 52  HOH HOH A . 
D 3 HOH 18  318 201 HOH HOH A . 
D 3 HOH 19  319 71  HOH HOH A . 
D 3 HOH 20  320 24  HOH HOH A . 
D 3 HOH 21  321 103 HOH HOH A . 
D 3 HOH 22  322 38  HOH HOH A . 
D 3 HOH 23  323 27  HOH HOH A . 
D 3 HOH 24  324 168 HOH HOH A . 
D 3 HOH 25  325 87  HOH HOH A . 
D 3 HOH 26  326 76  HOH HOH A . 
D 3 HOH 27  327 116 HOH HOH A . 
D 3 HOH 28  328 125 HOH HOH A . 
D 3 HOH 29  329 120 HOH HOH A . 
D 3 HOH 30  330 59  HOH HOH A . 
D 3 HOH 31  331 41  HOH HOH A . 
D 3 HOH 32  332 19  HOH HOH A . 
D 3 HOH 33  333 157 HOH HOH A . 
D 3 HOH 34  334 92  HOH HOH A . 
D 3 HOH 35  335 166 HOH HOH A . 
D 3 HOH 36  336 9   HOH HOH A . 
D 3 HOH 37  337 14  HOH HOH A . 
D 3 HOH 38  338 67  HOH HOH A . 
D 3 HOH 39  339 12  HOH HOH A . 
D 3 HOH 40  340 63  HOH HOH A . 
D 3 HOH 41  341 124 HOH HOH A . 
D 3 HOH 42  342 30  HOH HOH A . 
D 3 HOH 43  343 4   HOH HOH A . 
D 3 HOH 44  344 79  HOH HOH A . 
D 3 HOH 45  345 95  HOH HOH A . 
D 3 HOH 46  346 77  HOH HOH A . 
D 3 HOH 47  347 175 HOH HOH A . 
D 3 HOH 48  348 8   HOH HOH A . 
D 3 HOH 49  349 136 HOH HOH A . 
D 3 HOH 50  350 126 HOH HOH A . 
D 3 HOH 51  351 13  HOH HOH A . 
D 3 HOH 52  352 35  HOH HOH A . 
D 3 HOH 53  353 43  HOH HOH A . 
D 3 HOH 54  354 148 HOH HOH A . 
D 3 HOH 55  355 171 HOH HOH A . 
D 3 HOH 56  356 85  HOH HOH A . 
D 3 HOH 57  357 122 HOH HOH A . 
D 3 HOH 58  358 192 HOH HOH A . 
D 3 HOH 59  359 46  HOH HOH A . 
D 3 HOH 60  360 75  HOH HOH A . 
D 3 HOH 61  361 42  HOH HOH A . 
D 3 HOH 62  362 66  HOH HOH A . 
D 3 HOH 63  363 107 HOH HOH A . 
D 3 HOH 64  364 80  HOH HOH A . 
D 3 HOH 65  365 2   HOH HOH A . 
D 3 HOH 66  366 112 HOH HOH A . 
D 3 HOH 67  367 153 HOH HOH A . 
D 3 HOH 68  368 179 HOH HOH A . 
D 3 HOH 69  369 165 HOH HOH A . 
D 3 HOH 70  370 23  HOH HOH A . 
D 3 HOH 71  371 164 HOH HOH A . 
D 3 HOH 72  372 39  HOH HOH A . 
D 3 HOH 73  373 22  HOH HOH A . 
D 3 HOH 74  374 155 HOH HOH A . 
D 3 HOH 75  375 3   HOH HOH A . 
D 3 HOH 76  376 127 HOH HOH A . 
D 3 HOH 77  377 90  HOH HOH A . 
D 3 HOH 78  378 123 HOH HOH A . 
D 3 HOH 79  379 167 HOH HOH A . 
D 3 HOH 80  380 37  HOH HOH A . 
D 3 HOH 81  381 72  HOH HOH A . 
D 3 HOH 82  382 58  HOH HOH A . 
D 3 HOH 83  383 31  HOH HOH A . 
D 3 HOH 84  384 5   HOH HOH A . 
D 3 HOH 85  385 40  HOH HOH A . 
D 3 HOH 86  386 119 HOH HOH A . 
D 3 HOH 87  387 81  HOH HOH A . 
D 3 HOH 88  388 93  HOH HOH A . 
D 3 HOH 89  389 150 HOH HOH A . 
D 3 HOH 90  390 105 HOH HOH A . 
D 3 HOH 91  391 96  HOH HOH A . 
D 3 HOH 92  392 50  HOH HOH A . 
D 3 HOH 93  393 191 HOH HOH A . 
D 3 HOH 94  394 108 HOH HOH A . 
D 3 HOH 95  395 73  HOH HOH A . 
D 3 HOH 96  396 138 HOH HOH A . 
D 3 HOH 97  397 118 HOH HOH A . 
D 3 HOH 98  398 7   HOH HOH A . 
D 3 HOH 99  399 183 HOH HOH A . 
D 3 HOH 100 400 49  HOH HOH A . 
D 3 HOH 101 401 21  HOH HOH A . 
D 3 HOH 102 402 145 HOH HOH A . 
D 3 HOH 103 403 10  HOH HOH A . 
D 3 HOH 104 404 65  HOH HOH A . 
D 3 HOH 105 405 11  HOH HOH A . 
D 3 HOH 106 406 28  HOH HOH A . 
D 3 HOH 107 407 55  HOH HOH A . 
D 3 HOH 108 408 206 HOH HOH A . 
D 3 HOH 109 409 154 HOH HOH A . 
D 3 HOH 110 410 111 HOH HOH A . 
D 3 HOH 111 411 17  HOH HOH A . 
D 3 HOH 112 412 208 HOH HOH A . 
D 3 HOH 113 413 156 HOH HOH A . 
D 3 HOH 114 414 146 HOH HOH A . 
D 3 HOH 115 415 29  HOH HOH A . 
D 3 HOH 116 416 34  HOH HOH A . 
D 3 HOH 117 417 186 HOH HOH A . 
D 3 HOH 118 418 32  HOH HOH A . 
D 3 HOH 119 419 104 HOH HOH A . 
D 3 HOH 120 420 86  HOH HOH A . 
D 3 HOH 121 421 25  HOH HOH A . 
D 3 HOH 122 422 152 HOH HOH A . 
D 3 HOH 123 423 78  HOH HOH A . 
D 3 HOH 124 424 147 HOH HOH A . 
D 3 HOH 125 425 20  HOH HOH A . 
D 3 HOH 126 426 158 HOH HOH A . 
D 3 HOH 127 427 100 HOH HOH A . 
D 3 HOH 128 428 151 HOH HOH A . 
D 3 HOH 129 429 56  HOH HOH A . 
D 3 HOH 130 430 68  HOH HOH A . 
D 3 HOH 131 431 142 HOH HOH A . 
D 3 HOH 132 432 130 HOH HOH A . 
D 3 HOH 133 433 47  HOH HOH A . 
D 3 HOH 134 434 181 HOH HOH A . 
D 3 HOH 135 435 135 HOH HOH A . 
D 3 HOH 136 436 26  HOH HOH A . 
D 3 HOH 137 437 33  HOH HOH A . 
D 3 HOH 138 438 177 HOH HOH A . 
D 3 HOH 139 439 51  HOH HOH A . 
D 3 HOH 140 440 121 HOH HOH A . 
D 3 HOH 141 441 184 HOH HOH A . 
D 3 HOH 142 442 44  HOH HOH A . 
D 3 HOH 143 443 45  HOH HOH A . 
D 3 HOH 144 444 170 HOH HOH A . 
D 3 HOH 145 445 221 HOH HOH A . 
D 3 HOH 146 446 169 HOH HOH A . 
D 3 HOH 147 447 53  HOH HOH A . 
D 3 HOH 148 448 197 HOH HOH A . 
D 3 HOH 149 449 84  HOH HOH A . 
D 3 HOH 150 450 188 HOH HOH A . 
D 3 HOH 151 451 176 HOH HOH A . 
D 3 HOH 152 452 83  HOH HOH A . 
D 3 HOH 153 453 1   HOH HOH A . 
D 3 HOH 154 454 114 HOH HOH A . 
D 3 HOH 155 455 64  HOH HOH A . 
D 3 HOH 156 456 137 HOH HOH A . 
D 3 HOH 157 457 216 HOH HOH A . 
D 3 HOH 158 458 82  HOH HOH A . 
D 3 HOH 159 459 91  HOH HOH A . 
D 3 HOH 160 460 214 HOH HOH A . 
D 3 HOH 161 461 97  HOH HOH A . 
D 3 HOH 162 462 211 HOH HOH A . 
D 3 HOH 163 463 113 HOH HOH A . 
D 3 HOH 164 464 143 HOH HOH A . 
D 3 HOH 165 465 61  HOH HOH A . 
D 3 HOH 166 466 94  HOH HOH A . 
D 3 HOH 167 467 180 HOH HOH A . 
D 3 HOH 168 468 101 HOH HOH A . 
D 3 HOH 169 469 196 HOH HOH A . 
D 3 HOH 170 470 193 HOH HOH A . 
D 3 HOH 171 471 187 HOH HOH A . 
D 3 HOH 172 472 115 HOH HOH A . 
D 3 HOH 173 473 128 HOH HOH A . 
D 3 HOH 174 474 189 HOH HOH A . 
D 3 HOH 175 475 129 HOH HOH A . 
D 3 HOH 176 476 209 HOH HOH A . 
D 3 HOH 177 477 199 HOH HOH A . 
D 3 HOH 178 478 6   HOH HOH A . 
D 3 HOH 179 479 139 HOH HOH A . 
D 3 HOH 180 480 174 HOH HOH A . 
D 3 HOH 181 481 173 HOH HOH A . 
D 3 HOH 182 482 163 HOH HOH A . 
D 3 HOH 183 483 204 HOH HOH A . 
D 3 HOH 184 484 88  HOH HOH A . 
D 3 HOH 185 485 149 HOH HOH A . 
D 3 HOH 186 486 213 HOH HOH A . 
D 3 HOH 187 487 62  HOH HOH A . 
D 3 HOH 188 488 194 HOH HOH A . 
D 3 HOH 189 489 161 HOH HOH A . 
D 3 HOH 190 490 131 HOH HOH A . 
D 3 HOH 191 491 159 HOH HOH A . 
D 3 HOH 192 492 57  HOH HOH A . 
D 3 HOH 193 493 210 HOH HOH A . 
D 3 HOH 194 494 74  HOH HOH A . 
D 3 HOH 195 495 205 HOH HOH A . 
D 3 HOH 196 496 215 HOH HOH A . 
D 3 HOH 197 497 178 HOH HOH A . 
D 3 HOH 198 498 212 HOH HOH A . 
D 3 HOH 199 499 54  HOH HOH A . 
D 3 HOH 200 500 182 HOH HOH A . 
D 3 HOH 201 501 219 HOH HOH A . 
# 
_pdbx_struct_assembly.id                   1 
_pdbx_struct_assembly.details              author_and_software_defined_assembly 
_pdbx_struct_assembly.method_details       PISA 
_pdbx_struct_assembly.oligomeric_details   monomeric 
_pdbx_struct_assembly.oligomeric_count     1 
# 
_pdbx_struct_assembly_gen.assembly_id       1 
_pdbx_struct_assembly_gen.oper_expression   1 
_pdbx_struct_assembly_gen.asym_id_list      A,B,C,D 
# 
_pdbx_struct_oper_list.id                   1 
_pdbx_struct_oper_list.type                 'identity operation' 
_pdbx_struct_oper_list.name                 1_555 
_pdbx_struct_oper_list.symmetry_operation   x,y,z 
_pdbx_struct_oper_list.matrix[1][1]         1.0000000000 
_pdbx_struct_oper_list.matrix[1][2]         0.0000000000 
_pdbx_struct_oper_list.matrix[1][3]         0.0000000000 
_pdbx_struct_oper_list.vector[1]            0.0000000000 
_pdbx_struct_oper_list.matrix[2][1]         0.0000000000 
_pdbx_struct_oper_list.matrix[2][2]         1.0000000000 
_pdbx_struct_oper_list.matrix[2][3]         0.0000000000 
_pdbx_struct_oper_list.vector[2]            0.0000000000 
_pdbx_struct_oper_list.matrix[3][1]         0.0000000000 
_pdbx_struct_oper_list.matrix[3][2]         0.0000000000 
_pdbx_struct_oper_list.matrix[3][3]         1.0000000000 
_pdbx_struct_oper_list.vector[3]            0.0000000000 
# 
_pdbx_struct_special_symmetry.id              1 
_pdbx_struct_special_symmetry.PDB_model_num   1 
_pdbx_struct_special_symmetry.auth_asym_id    A 
_pdbx_struct_special_symmetry.auth_comp_id    HOH 
_pdbx_struct_special_symmetry.auth_seq_id     461 
_pdbx_struct_special_symmetry.PDB_ins_code    ? 
_pdbx_struct_special_symmetry.label_asym_id   D 
_pdbx_struct_special_symmetry.label_comp_id   HOH 
_pdbx_struct_special_symmetry.label_seq_id    . 
# 
loop_
_pdbx_audit_revision_history.ordinal 
_pdbx_audit_revision_history.data_content_type 
_pdbx_audit_revision_history.major_revision 
_pdbx_audit_revision_history.minor_revision 
_pdbx_audit_revision_history.revision_date 
1 'Structure model' 1 0 2020-10-07 
2 'Structure model' 1 1 2020-10-21 
3 'Structure model' 1 2 2023-10-11 
# 
_pdbx_audit_revision_details.ordinal             1 
_pdbx_audit_revision_details.revision_ordinal    1 
_pdbx_audit_revision_details.data_content_type   'Structure model' 
_pdbx_audit_revision_details.provider            repository 
_pdbx_audit_revision_details.type                'Initial release' 
_pdbx_audit_revision_details.description         ? 
_pdbx_audit_revision_details.details             ? 
# 
loop_
_pdbx_audit_revision_group.ordinal 
_pdbx_audit_revision_group.revision_ordinal 
_pdbx_audit_revision_group.data_content_type 
_pdbx_audit_revision_group.group 
1 2 'Structure model' 'Database references'    
2 3 'Structure model' 'Data collection'        
3 3 'Structure model' 'Database references'    
4 3 'Structure model' 'Refinement description' 
# 
loop_
_pdbx_audit_revision_category.ordinal 
_pdbx_audit_revision_category.revision_ordinal 
_pdbx_audit_revision_category.data_content_type 
_pdbx_audit_revision_category.category 
1 2 'Structure model' citation                      
2 2 'Structure model' citation_author               
3 3 'Structure model' chem_comp_atom                
4 3 'Structure model' chem_comp_bond                
5 3 'Structure model' database_2                    
6 3 'Structure model' pdbx_initial_refinement_model 
# 
loop_
_pdbx_audit_revision_item.ordinal 
_pdbx_audit_revision_item.revision_ordinal 
_pdbx_audit_revision_item.data_content_type 
_pdbx_audit_revision_item.item 
1 2 'Structure model' '_citation.journal_volume'            
2 2 'Structure model' '_citation.page_first'                
3 2 'Structure model' '_citation.page_last'                 
4 2 'Structure model' '_citation_author.identifier_ORCID'   
5 3 'Structure model' '_database_2.pdbx_DOI'                
6 3 'Structure model' '_database_2.pdbx_database_accession' 
# 
loop_
_space_group_symop.id 
_space_group_symop.operation_xyz 
1 x,y,z          
2 -y,x-y,z+2/3   
3 -x+y,-x,z+1/3  
4 x-y,-y,-z+1/3  
5 -x,-x+y,-z+2/3 
6 y,x,-z         
# 
loop_
_software.citation_id 
_software.classification 
_software.compiler_name 
_software.compiler_version 
_software.contact_author 
_software.contact_author_email 
_software.date 
_software.description 
_software.dependencies 
_software.hardware 
_software.language 
_software.location 
_software.mods 
_software.name 
_software.os 
_software.os_version 
_software.type 
_software.version 
_software.pdbx_ordinal 
? refinement       ? ? ? ? ? ? ? ? ? ? ? PHENIX  ? ? ? v1.13 1 
? 'data reduction' ? ? ? ? ? ? ? ? ? ? ? XDS     ? ? ? .     2 
? 'data scaling'   ? ? ? ? ? ? ? ? ? ? ? Aimless ? ? ? .     3 
? phasing          ? ? ? ? ? ? ? ? ? ? ? PHASER  ? ? ? .     4 
# 
_pdbx_entry_details.entry_id                 6V51 
_pdbx_entry_details.has_ligand_of_interest   Y 
_pdbx_entry_details.compound_details         ? 
_pdbx_entry_details.source_details           ? 
_pdbx_entry_details.nonpolymer_details       ? 
_pdbx_entry_details.sequence_details         ? 
# 
loop_
_pdbx_validate_close_contact.id 
_pdbx_validate_close_contact.PDB_model_num 
_pdbx_validate_close_contact.auth_atom_id_1 
_pdbx_validate_close_contact.auth_asym_id_1 
_pdbx_validate_close_contact.auth_comp_id_1 
_pdbx_validate_close_contact.auth_seq_id_1 
_pdbx_validate_close_contact.PDB_ins_code_1 
_pdbx_validate_close_contact.label_alt_id_1 
_pdbx_validate_close_contact.auth_atom_id_2 
_pdbx_validate_close_contact.auth_asym_id_2 
_pdbx_validate_close_contact.auth_comp_id_2 
_pdbx_validate_close_contact.auth_seq_id_2 
_pdbx_validate_close_contact.PDB_ins_code_2 
_pdbx_validate_close_contact.label_alt_id_2 
_pdbx_validate_close_contact.dist 
1 1 CB A TYR 9   ? ? N2 A QPM 201 ? A 1.74 
2 1 CB A TYR 9   ? ? N2 A QPM 201 ? B 1.99 
3 1 CB A TYR 131 ? ? N2 A QPM 202 ? ? 1.99 
# 
_pdbx_validate_torsion.id              1 
_pdbx_validate_torsion.PDB_model_num   1 
_pdbx_validate_torsion.auth_comp_id    ILE 
_pdbx_validate_torsion.auth_asym_id    A 
_pdbx_validate_torsion.auth_seq_id     29 
_pdbx_validate_torsion.PDB_ins_code    ? 
_pdbx_validate_torsion.label_alt_id    ? 
_pdbx_validate_torsion.phi             -100.93 
_pdbx_validate_torsion.psi             74.26 
# 
loop_
_chem_comp_atom.comp_id 
_chem_comp_atom.atom_id 
_chem_comp_atom.type_symbol 
_chem_comp_atom.pdbx_aromatic_flag 
_chem_comp_atom.pdbx_stereo_config 
_chem_comp_atom.pdbx_ordinal 
ALA N    N N N 1   
ALA CA   C N S 2   
ALA C    C N N 3   
ALA O    O N N 4   
ALA CB   C N N 5   
ALA OXT  O N N 6   
ALA H    H N N 7   
ALA H2   H N N 8   
ALA HA   H N N 9   
ALA HB1  H N N 10  
ALA HB2  H N N 11  
ALA HB3  H N N 12  
ALA HXT  H N N 13  
ARG N    N N N 14  
ARG CA   C N S 15  
ARG C    C N N 16  
ARG O    O N N 17  
ARG CB   C N N 18  
ARG CG   C N N 19  
ARG CD   C N N 20  
ARG NE   N N N 21  
ARG CZ   C N N 22  
ARG NH1  N N N 23  
ARG NH2  N N N 24  
ARG OXT  O N N 25  
ARG H    H N N 26  
ARG H2   H N N 27  
ARG HA   H N N 28  
ARG HB2  H N N 29  
ARG HB3  H N N 30  
ARG HG2  H N N 31  
ARG HG3  H N N 32  
ARG HD2  H N N 33  
ARG HD3  H N N 34  
ARG HE   H N N 35  
ARG HH11 H N N 36  
ARG HH12 H N N 37  
ARG HH21 H N N 38  
ARG HH22 H N N 39  
ARG HXT  H N N 40  
ASN N    N N N 41  
ASN CA   C N S 42  
ASN C    C N N 43  
ASN O    O N N 44  
ASN CB   C N N 45  
ASN CG   C N N 46  
ASN OD1  O N N 47  
ASN ND2  N N N 48  
ASN OXT  O N N 49  
ASN H    H N N 50  
ASN H2   H N N 51  
ASN HA   H N N 52  
ASN HB2  H N N 53  
ASN HB3  H N N 54  
ASN HD21 H N N 55  
ASN HD22 H N N 56  
ASN HXT  H N N 57  
ASP N    N N N 58  
ASP CA   C N S 59  
ASP C    C N N 60  
ASP O    O N N 61  
ASP CB   C N N 62  
ASP CG   C N N 63  
ASP OD1  O N N 64  
ASP OD2  O N N 65  
ASP OXT  O N N 66  
ASP H    H N N 67  
ASP H2   H N N 68  
ASP HA   H N N 69  
ASP HB2  H N N 70  
ASP HB3  H N N 71  
ASP HD2  H N N 72  
ASP HXT  H N N 73  
CYS N    N N N 74  
CYS CA   C N R 75  
CYS C    C N N 76  
CYS O    O N N 77  
CYS CB   C N N 78  
CYS SG   S N N 79  
CYS OXT  O N N 80  
CYS H    H N N 81  
CYS H2   H N N 82  
CYS HA   H N N 83  
CYS HB2  H N N 84  
CYS HB3  H N N 85  
CYS HG   H N N 86  
CYS HXT  H N N 87  
GLN N    N N N 88  
GLN CA   C N S 89  
GLN C    C N N 90  
GLN O    O N N 91  
GLN CB   C N N 92  
GLN CG   C N N 93  
GLN CD   C N N 94  
GLN OE1  O N N 95  
GLN NE2  N N N 96  
GLN OXT  O N N 97  
GLN H    H N N 98  
GLN H2   H N N 99  
GLN HA   H N N 100 
GLN HB2  H N N 101 
GLN HB3  H N N 102 
GLN HG2  H N N 103 
GLN HG3  H N N 104 
GLN HE21 H N N 105 
GLN HE22 H N N 106 
GLN HXT  H N N 107 
GLU N    N N N 108 
GLU CA   C N S 109 
GLU C    C N N 110 
GLU O    O N N 111 
GLU CB   C N N 112 
GLU CG   C N N 113 
GLU CD   C N N 114 
GLU OE1  O N N 115 
GLU OE2  O N N 116 
GLU OXT  O N N 117 
GLU H    H N N 118 
GLU H2   H N N 119 
GLU HA   H N N 120 
GLU HB2  H N N 121 
GLU HB3  H N N 122 
GLU HG2  H N N 123 
GLU HG3  H N N 124 
GLU HE2  H N N 125 
GLU HXT  H N N 126 
GLY N    N N N 127 
GLY CA   C N N 128 
GLY C    C N N 129 
GLY O    O N N 130 
GLY OXT  O N N 131 
GLY H    H N N 132 
GLY H2   H N N 133 
GLY HA2  H N N 134 
GLY HA3  H N N 135 
GLY HXT  H N N 136 
HIS N    N N N 137 
HIS CA   C N S 138 
HIS C    C N N 139 
HIS O    O N N 140 
HIS CB   C N N 141 
HIS CG   C Y N 142 
HIS ND1  N Y N 143 
HIS CD2  C Y N 144 
HIS CE1  C Y N 145 
HIS NE2  N Y N 146 
HIS OXT  O N N 147 
HIS H    H N N 148 
HIS H2   H N N 149 
HIS HA   H N N 150 
HIS HB2  H N N 151 
HIS HB3  H N N 152 
HIS HD1  H N N 153 
HIS HD2  H N N 154 
HIS HE1  H N N 155 
HIS HE2  H N N 156 
HIS HXT  H N N 157 
HOH O    O N N 158 
HOH H1   H N N 159 
HOH H2   H N N 160 
ILE N    N N N 161 
ILE CA   C N S 162 
ILE C    C N N 163 
ILE O    O N N 164 
ILE CB   C N S 165 
ILE CG1  C N N 166 
ILE CG2  C N N 167 
ILE CD1  C N N 168 
ILE OXT  O N N 169 
ILE H    H N N 170 
ILE H2   H N N 171 
ILE HA   H N N 172 
ILE HB   H N N 173 
ILE HG12 H N N 174 
ILE HG13 H N N 175 
ILE HG21 H N N 176 
ILE HG22 H N N 177 
ILE HG23 H N N 178 
ILE HD11 H N N 179 
ILE HD12 H N N 180 
ILE HD13 H N N 181 
ILE HXT  H N N 182 
LEU N    N N N 183 
LEU CA   C N S 184 
LEU C    C N N 185 
LEU O    O N N 186 
LEU CB   C N N 187 
LEU CG   C N N 188 
LEU CD1  C N N 189 
LEU CD2  C N N 190 
LEU OXT  O N N 191 
LEU H    H N N 192 
LEU H2   H N N 193 
LEU HA   H N N 194 
LEU HB2  H N N 195 
LEU HB3  H N N 196 
LEU HG   H N N 197 
LEU HD11 H N N 198 
LEU HD12 H N N 199 
LEU HD13 H N N 200 
LEU HD21 H N N 201 
LEU HD22 H N N 202 
LEU HD23 H N N 203 
LEU HXT  H N N 204 
LYS N    N N N 205 
LYS CA   C N S 206 
LYS C    C N N 207 
LYS O    O N N 208 
LYS CB   C N N 209 
LYS CG   C N N 210 
LYS CD   C N N 211 
LYS CE   C N N 212 
LYS NZ   N N N 213 
LYS OXT  O N N 214 
LYS H    H N N 215 
LYS H2   H N N 216 
LYS HA   H N N 217 
LYS HB2  H N N 218 
LYS HB3  H N N 219 
LYS HG2  H N N 220 
LYS HG3  H N N 221 
LYS HD2  H N N 222 
LYS HD3  H N N 223 
LYS HE2  H N N 224 
LYS HE3  H N N 225 
LYS HZ1  H N N 226 
LYS HZ2  H N N 227 
LYS HZ3  H N N 228 
LYS HXT  H N N 229 
MET N    N N N 230 
MET CA   C N S 231 
MET C    C N N 232 
MET O    O N N 233 
MET CB   C N N 234 
MET CG   C N N 235 
MET SD   S N N 236 
MET CE   C N N 237 
MET OXT  O N N 238 
MET H    H N N 239 
MET H2   H N N 240 
MET HA   H N N 241 
MET HB2  H N N 242 
MET HB3  H N N 243 
MET HG2  H N N 244 
MET HG3  H N N 245 
MET HE1  H N N 246 
MET HE2  H N N 247 
MET HE3  H N N 248 
MET HXT  H N N 249 
PHE N    N N N 250 
PHE CA   C N S 251 
PHE C    C N N 252 
PHE O    O N N 253 
PHE CB   C N N 254 
PHE CG   C Y N 255 
PHE CD1  C Y N 256 
PHE CD2  C Y N 257 
PHE CE1  C Y N 258 
PHE CE2  C Y N 259 
PHE CZ   C Y N 260 
PHE OXT  O N N 261 
PHE H    H N N 262 
PHE H2   H N N 263 
PHE HA   H N N 264 
PHE HB2  H N N 265 
PHE HB3  H N N 266 
PHE HD1  H N N 267 
PHE HD2  H N N 268 
PHE HE1  H N N 269 
PHE HE2  H N N 270 
PHE HZ   H N N 271 
PHE HXT  H N N 272 
PRO N    N N N 273 
PRO CA   C N S 274 
PRO C    C N N 275 
PRO O    O N N 276 
PRO CB   C N N 277 
PRO CG   C N N 278 
PRO CD   C N N 279 
PRO OXT  O N N 280 
PRO H    H N N 281 
PRO HA   H N N 282 
PRO HB2  H N N 283 
PRO HB3  H N N 284 
PRO HG2  H N N 285 
PRO HG3  H N N 286 
PRO HD2  H N N 287 
PRO HD3  H N N 288 
PRO HXT  H N N 289 
QPM N1   N N N 290 
QPM C4   C N N 291 
QPM C5   C N N 292 
QPM C6   C N N 293 
QPM C21  C N N 294 
QPM C22  C N N 295 
QPM C2   C N N 296 
QPM C3   C N N 297 
QPM C61  C N N 298 
QPM C62  C N N 299 
QPM N2   N N N 300 
QPM O1   O N N 301 
QPM H1   H N N 302 
QPM H2   H N N 303 
QPM H3   H N N 304 
QPM H4   H N N 305 
QPM H5   H N N 306 
QPM H6   H N N 307 
QPM H7   H N N 308 
QPM H8   H N N 309 
QPM H9   H N N 310 
QPM H10  H N N 311 
QPM H11  H N N 312 
QPM H12  H N N 313 
QPM H13  H N N 314 
QPM H14  H N N 315 
QPM H15  H N N 316 
QPM H16  H N N 317 
QPM H17  H N N 318 
QPM H18  H N N 319 
QPM H19  H N N 320 
SER N    N N N 321 
SER CA   C N S 322 
SER C    C N N 323 
SER O    O N N 324 
SER CB   C N N 325 
SER OG   O N N 326 
SER OXT  O N N 327 
SER H    H N N 328 
SER H2   H N N 329 
SER HA   H N N 330 
SER HB2  H N N 331 
SER HB3  H N N 332 
SER HG   H N N 333 
SER HXT  H N N 334 
THR N    N N N 335 
THR CA   C N S 336 
THR C    C N N 337 
THR O    O N N 338 
THR CB   C N R 339 
THR OG1  O N N 340 
THR CG2  C N N 341 
THR OXT  O N N 342 
THR H    H N N 343 
THR H2   H N N 344 
THR HA   H N N 345 
THR HB   H N N 346 
THR HG1  H N N 347 
THR HG21 H N N 348 
THR HG22 H N N 349 
THR HG23 H N N 350 
THR HXT  H N N 351 
TRP N    N N N 352 
TRP CA   C N S 353 
TRP C    C N N 354 
TRP O    O N N 355 
TRP CB   C N N 356 
TRP CG   C Y N 357 
TRP CD1  C Y N 358 
TRP CD2  C Y N 359 
TRP NE1  N Y N 360 
TRP CE2  C Y N 361 
TRP CE3  C Y N 362 
TRP CZ2  C Y N 363 
TRP CZ3  C Y N 364 
TRP CH2  C Y N 365 
TRP OXT  O N N 366 
TRP H    H N N 367 
TRP H2   H N N 368 
TRP HA   H N N 369 
TRP HB2  H N N 370 
TRP HB3  H N N 371 
TRP HD1  H N N 372 
TRP HE1  H N N 373 
TRP HE3  H N N 374 
TRP HZ2  H N N 375 
TRP HZ3  H N N 376 
TRP HH2  H N N 377 
TRP HXT  H N N 378 
TYR N    N N N 379 
TYR CA   C N S 380 
TYR C    C N N 381 
TYR O    O N N 382 
TYR CB   C N N 383 
TYR CG   C Y N 384 
TYR CD1  C Y N 385 
TYR CD2  C Y N 386 
TYR CE1  C Y N 387 
TYR CE2  C Y N 388 
TYR CZ   C Y N 389 
TYR OH   O N N 390 
TYR OXT  O N N 391 
TYR H    H N N 392 
TYR H2   H N N 393 
TYR HA   H N N 394 
TYR HB2  H N N 395 
TYR HB3  H N N 396 
TYR HD1  H N N 397 
TYR HD2  H N N 398 
TYR HE1  H N N 399 
TYR HE2  H N N 400 
TYR HH   H N N 401 
TYR HXT  H N N 402 
VAL N    N N N 403 
VAL CA   C N S 404 
VAL C    C N N 405 
VAL O    O N N 406 
VAL CB   C N N 407 
VAL CG1  C N N 408 
VAL CG2  C N N 409 
VAL OXT  O N N 410 
VAL H    H N N 411 
VAL H2   H N N 412 
VAL HA   H N N 413 
VAL HB   H N N 414 
VAL HG11 H N N 415 
VAL HG12 H N N 416 
VAL HG13 H N N 417 
VAL HG21 H N N 418 
VAL HG22 H N N 419 
VAL HG23 H N N 420 
VAL HXT  H N N 421 
# 
loop_
_chem_comp_bond.comp_id 
_chem_comp_bond.atom_id_1 
_chem_comp_bond.atom_id_2 
_chem_comp_bond.value_order 
_chem_comp_bond.pdbx_aromatic_flag 
_chem_comp_bond.pdbx_stereo_config 
_chem_comp_bond.pdbx_ordinal 
ALA N   CA   sing N N 1   
ALA N   H    sing N N 2   
ALA N   H2   sing N N 3   
ALA CA  C    sing N N 4   
ALA CA  CB   sing N N 5   
ALA CA  HA   sing N N 6   
ALA C   O    doub N N 7   
ALA C   OXT  sing N N 8   
ALA CB  HB1  sing N N 9   
ALA CB  HB2  sing N N 10  
ALA CB  HB3  sing N N 11  
ALA OXT HXT  sing N N 12  
ARG N   CA   sing N N 13  
ARG N   H    sing N N 14  
ARG N   H2   sing N N 15  
ARG CA  C    sing N N 16  
ARG CA  CB   sing N N 17  
ARG CA  HA   sing N N 18  
ARG C   O    doub N N 19  
ARG C   OXT  sing N N 20  
ARG CB  CG   sing N N 21  
ARG CB  HB2  sing N N 22  
ARG CB  HB3  sing N N 23  
ARG CG  CD   sing N N 24  
ARG CG  HG2  sing N N 25  
ARG CG  HG3  sing N N 26  
ARG CD  NE   sing N N 27  
ARG CD  HD2  sing N N 28  
ARG CD  HD3  sing N N 29  
ARG NE  CZ   sing N N 30  
ARG NE  HE   sing N N 31  
ARG CZ  NH1  sing N N 32  
ARG CZ  NH2  doub N N 33  
ARG NH1 HH11 sing N N 34  
ARG NH1 HH12 sing N N 35  
ARG NH2 HH21 sing N N 36  
ARG NH2 HH22 sing N N 37  
ARG OXT HXT  sing N N 38  
ASN N   CA   sing N N 39  
ASN N   H    sing N N 40  
ASN N   H2   sing N N 41  
ASN CA  C    sing N N 42  
ASN CA  CB   sing N N 43  
ASN CA  HA   sing N N 44  
ASN C   O    doub N N 45  
ASN C   OXT  sing N N 46  
ASN CB  CG   sing N N 47  
ASN CB  HB2  sing N N 48  
ASN CB  HB3  sing N N 49  
ASN CG  OD1  doub N N 50  
ASN CG  ND2  sing N N 51  
ASN ND2 HD21 sing N N 52  
ASN ND2 HD22 sing N N 53  
ASN OXT HXT  sing N N 54  
ASP N   CA   sing N N 55  
ASP N   H    sing N N 56  
ASP N   H2   sing N N 57  
ASP CA  C    sing N N 58  
ASP CA  CB   sing N N 59  
ASP CA  HA   sing N N 60  
ASP C   O    doub N N 61  
ASP C   OXT  sing N N 62  
ASP CB  CG   sing N N 63  
ASP CB  HB2  sing N N 64  
ASP CB  HB3  sing N N 65  
ASP CG  OD1  doub N N 66  
ASP CG  OD2  sing N N 67  
ASP OD2 HD2  sing N N 68  
ASP OXT HXT  sing N N 69  
CYS N   CA   sing N N 70  
CYS N   H    sing N N 71  
CYS N   H2   sing N N 72  
CYS CA  C    sing N N 73  
CYS CA  CB   sing N N 74  
CYS CA  HA   sing N N 75  
CYS C   O    doub N N 76  
CYS C   OXT  sing N N 77  
CYS CB  SG   sing N N 78  
CYS CB  HB2  sing N N 79  
CYS CB  HB3  sing N N 80  
CYS SG  HG   sing N N 81  
CYS OXT HXT  sing N N 82  
GLN N   CA   sing N N 83  
GLN N   H    sing N N 84  
GLN N   H2   sing N N 85  
GLN CA  C    sing N N 86  
GLN CA  CB   sing N N 87  
GLN CA  HA   sing N N 88  
GLN C   O    doub N N 89  
GLN C   OXT  sing N N 90  
GLN CB  CG   sing N N 91  
GLN CB  HB2  sing N N 92  
GLN CB  HB3  sing N N 93  
GLN CG  CD   sing N N 94  
GLN CG  HG2  sing N N 95  
GLN CG  HG3  sing N N 96  
GLN CD  OE1  doub N N 97  
GLN CD  NE2  sing N N 98  
GLN NE2 HE21 sing N N 99  
GLN NE2 HE22 sing N N 100 
GLN OXT HXT  sing N N 101 
GLU N   CA   sing N N 102 
GLU N   H    sing N N 103 
GLU N   H2   sing N N 104 
GLU CA  C    sing N N 105 
GLU CA  CB   sing N N 106 
GLU CA  HA   sing N N 107 
GLU C   O    doub N N 108 
GLU C   OXT  sing N N 109 
GLU CB  CG   sing N N 110 
GLU CB  HB2  sing N N 111 
GLU CB  HB3  sing N N 112 
GLU CG  CD   sing N N 113 
GLU CG  HG2  sing N N 114 
GLU CG  HG3  sing N N 115 
GLU CD  OE1  doub N N 116 
GLU CD  OE2  sing N N 117 
GLU OE2 HE2  sing N N 118 
GLU OXT HXT  sing N N 119 
GLY N   CA   sing N N 120 
GLY N   H    sing N N 121 
GLY N   H2   sing N N 122 
GLY CA  C    sing N N 123 
GLY CA  HA2  sing N N 124 
GLY CA  HA3  sing N N 125 
GLY C   O    doub N N 126 
GLY C   OXT  sing N N 127 
GLY OXT HXT  sing N N 128 
HIS N   CA   sing N N 129 
HIS N   H    sing N N 130 
HIS N   H2   sing N N 131 
HIS CA  C    sing N N 132 
HIS CA  CB   sing N N 133 
HIS CA  HA   sing N N 134 
HIS C   O    doub N N 135 
HIS C   OXT  sing N N 136 
HIS CB  CG   sing N N 137 
HIS CB  HB2  sing N N 138 
HIS CB  HB3  sing N N 139 
HIS CG  ND1  sing Y N 140 
HIS CG  CD2  doub Y N 141 
HIS ND1 CE1  doub Y N 142 
HIS ND1 HD1  sing N N 143 
HIS CD2 NE2  sing Y N 144 
HIS CD2 HD2  sing N N 145 
HIS CE1 NE2  sing Y N 146 
HIS CE1 HE1  sing N N 147 
HIS NE2 HE2  sing N N 148 
HIS OXT HXT  sing N N 149 
HOH O   H1   sing N N 150 
HOH O   H2   sing N N 151 
ILE N   CA   sing N N 152 
ILE N   H    sing N N 153 
ILE N   H2   sing N N 154 
ILE CA  C    sing N N 155 
ILE CA  CB   sing N N 156 
ILE CA  HA   sing N N 157 
ILE C   O    doub N N 158 
ILE C   OXT  sing N N 159 
ILE CB  CG1  sing N N 160 
ILE CB  CG2  sing N N 161 
ILE CB  HB   sing N N 162 
ILE CG1 CD1  sing N N 163 
ILE CG1 HG12 sing N N 164 
ILE CG1 HG13 sing N N 165 
ILE CG2 HG21 sing N N 166 
ILE CG2 HG22 sing N N 167 
ILE CG2 HG23 sing N N 168 
ILE CD1 HD11 sing N N 169 
ILE CD1 HD12 sing N N 170 
ILE CD1 HD13 sing N N 171 
ILE OXT HXT  sing N N 172 
LEU N   CA   sing N N 173 
LEU N   H    sing N N 174 
LEU N   H2   sing N N 175 
LEU CA  C    sing N N 176 
LEU CA  CB   sing N N 177 
LEU CA  HA   sing N N 178 
LEU C   O    doub N N 179 
LEU C   OXT  sing N N 180 
LEU CB  CG   sing N N 181 
LEU CB  HB2  sing N N 182 
LEU CB  HB3  sing N N 183 
LEU CG  CD1  sing N N 184 
LEU CG  CD2  sing N N 185 
LEU CG  HG   sing N N 186 
LEU CD1 HD11 sing N N 187 
LEU CD1 HD12 sing N N 188 
LEU CD1 HD13 sing N N 189 
LEU CD2 HD21 sing N N 190 
LEU CD2 HD22 sing N N 191 
LEU CD2 HD23 sing N N 192 
LEU OXT HXT  sing N N 193 
LYS N   CA   sing N N 194 
LYS N   H    sing N N 195 
LYS N   H2   sing N N 196 
LYS CA  C    sing N N 197 
LYS CA  CB   sing N N 198 
LYS CA  HA   sing N N 199 
LYS C   O    doub N N 200 
LYS C   OXT  sing N N 201 
LYS CB  CG   sing N N 202 
LYS CB  HB2  sing N N 203 
LYS CB  HB3  sing N N 204 
LYS CG  CD   sing N N 205 
LYS CG  HG2  sing N N 206 
LYS CG  HG3  sing N N 207 
LYS CD  CE   sing N N 208 
LYS CD  HD2  sing N N 209 
LYS CD  HD3  sing N N 210 
LYS CE  NZ   sing N N 211 
LYS CE  HE2  sing N N 212 
LYS CE  HE3  sing N N 213 
LYS NZ  HZ1  sing N N 214 
LYS NZ  HZ2  sing N N 215 
LYS NZ  HZ3  sing N N 216 
LYS OXT HXT  sing N N 217 
MET N   CA   sing N N 218 
MET N   H    sing N N 219 
MET N   H2   sing N N 220 
MET CA  C    sing N N 221 
MET CA  CB   sing N N 222 
MET CA  HA   sing N N 223 
MET C   O    doub N N 224 
MET C   OXT  sing N N 225 
MET CB  CG   sing N N 226 
MET CB  HB2  sing N N 227 
MET CB  HB3  sing N N 228 
MET CG  SD   sing N N 229 
MET CG  HG2  sing N N 230 
MET CG  HG3  sing N N 231 
MET SD  CE   sing N N 232 
MET CE  HE1  sing N N 233 
MET CE  HE2  sing N N 234 
MET CE  HE3  sing N N 235 
MET OXT HXT  sing N N 236 
PHE N   CA   sing N N 237 
PHE N   H    sing N N 238 
PHE N   H2   sing N N 239 
PHE CA  C    sing N N 240 
PHE CA  CB   sing N N 241 
PHE CA  HA   sing N N 242 
PHE C   O    doub N N 243 
PHE C   OXT  sing N N 244 
PHE CB  CG   sing N N 245 
PHE CB  HB2  sing N N 246 
PHE CB  HB3  sing N N 247 
PHE CG  CD1  doub Y N 248 
PHE CG  CD2  sing Y N 249 
PHE CD1 CE1  sing Y N 250 
PHE CD1 HD1  sing N N 251 
PHE CD2 CE2  doub Y N 252 
PHE CD2 HD2  sing N N 253 
PHE CE1 CZ   doub Y N 254 
PHE CE1 HE1  sing N N 255 
PHE CE2 CZ   sing Y N 256 
PHE CE2 HE2  sing N N 257 
PHE CZ  HZ   sing N N 258 
PHE OXT HXT  sing N N 259 
PRO N   CA   sing N N 260 
PRO N   CD   sing N N 261 
PRO N   H    sing N N 262 
PRO CA  C    sing N N 263 
PRO CA  CB   sing N N 264 
PRO CA  HA   sing N N 265 
PRO C   O    doub N N 266 
PRO C   OXT  sing N N 267 
PRO CB  CG   sing N N 268 
PRO CB  HB2  sing N N 269 
PRO CB  HB3  sing N N 270 
PRO CG  CD   sing N N 271 
PRO CG  HG2  sing N N 272 
PRO CG  HG3  sing N N 273 
PRO CD  HD2  sing N N 274 
PRO CD  HD3  sing N N 275 
PRO OXT HXT  sing N N 276 
QPM N2  C4   sing N N 277 
QPM C5  C4   sing N N 278 
QPM C5  C6   sing N N 279 
QPM C61 C6   sing N N 280 
QPM C4  C3   sing N N 281 
QPM C6  C62  sing N N 282 
QPM C6  N1   sing N N 283 
QPM C3  C2   sing N N 284 
QPM N1  O1   sing N N 285 
QPM N1  C2   sing N N 286 
QPM C2  C22  sing N N 287 
QPM C2  C21  sing N N 288 
QPM C4  H1   sing N N 289 
QPM C5  H2   sing N N 290 
QPM C5  H3   sing N N 291 
QPM C21 H4   sing N N 292 
QPM C21 H5   sing N N 293 
QPM C21 H6   sing N N 294 
QPM C22 H7   sing N N 295 
QPM C22 H8   sing N N 296 
QPM C22 H9   sing N N 297 
QPM C3  H10  sing N N 298 
QPM C3  H11  sing N N 299 
QPM C61 H12  sing N N 300 
QPM C61 H13  sing N N 301 
QPM C61 H14  sing N N 302 
QPM C62 H15  sing N N 303 
QPM C62 H16  sing N N 304 
QPM C62 H17  sing N N 305 
QPM N2  H18  sing N N 306 
QPM N2  H19  sing N N 307 
SER N   CA   sing N N 308 
SER N   H    sing N N 309 
SER N   H2   sing N N 310 
SER CA  C    sing N N 311 
SER CA  CB   sing N N 312 
SER CA  HA   sing N N 313 
SER C   O    doub N N 314 
SER C   OXT  sing N N 315 
SER CB  OG   sing N N 316 
SER CB  HB2  sing N N 317 
SER CB  HB3  sing N N 318 
SER OG  HG   sing N N 319 
SER OXT HXT  sing N N 320 
THR N   CA   sing N N 321 
THR N   H    sing N N 322 
THR N   H2   sing N N 323 
THR CA  C    sing N N 324 
THR CA  CB   sing N N 325 
THR CA  HA   sing N N 326 
THR C   O    doub N N 327 
THR C   OXT  sing N N 328 
THR CB  OG1  sing N N 329 
THR CB  CG2  sing N N 330 
THR CB  HB   sing N N 331 
THR OG1 HG1  sing N N 332 
THR CG2 HG21 sing N N 333 
THR CG2 HG22 sing N N 334 
THR CG2 HG23 sing N N 335 
THR OXT HXT  sing N N 336 
TRP N   CA   sing N N 337 
TRP N   H    sing N N 338 
TRP N   H2   sing N N 339 
TRP CA  C    sing N N 340 
TRP CA  CB   sing N N 341 
TRP CA  HA   sing N N 342 
TRP C   O    doub N N 343 
TRP C   OXT  sing N N 344 
TRP CB  CG   sing N N 345 
TRP CB  HB2  sing N N 346 
TRP CB  HB3  sing N N 347 
TRP CG  CD1  doub Y N 348 
TRP CG  CD2  sing Y N 349 
TRP CD1 NE1  sing Y N 350 
TRP CD1 HD1  sing N N 351 
TRP CD2 CE2  doub Y N 352 
TRP CD2 CE3  sing Y N 353 
TRP NE1 CE2  sing Y N 354 
TRP NE1 HE1  sing N N 355 
TRP CE2 CZ2  sing Y N 356 
TRP CE3 CZ3  doub Y N 357 
TRP CE3 HE3  sing N N 358 
TRP CZ2 CH2  doub Y N 359 
TRP CZ2 HZ2  sing N N 360 
TRP CZ3 CH2  sing Y N 361 
TRP CZ3 HZ3  sing N N 362 
TRP CH2 HH2  sing N N 363 
TRP OXT HXT  sing N N 364 
TYR N   CA   sing N N 365 
TYR N   H    sing N N 366 
TYR N   H2   sing N N 367 
TYR CA  C    sing N N 368 
TYR CA  CB   sing N N 369 
TYR CA  HA   sing N N 370 
TYR C   O    doub N N 371 
TYR C   OXT  sing N N 372 
TYR CB  CG   sing N N 373 
TYR CB  HB2  sing N N 374 
TYR CB  HB3  sing N N 375 
TYR CG  CD1  doub Y N 376 
TYR CG  CD2  sing Y N 377 
TYR CD1 CE1  sing Y N 378 
TYR CD1 HD1  sing N N 379 
TYR CD2 CE2  doub Y N 380 
TYR CD2 HD2  sing N N 381 
TYR CE1 CZ   doub Y N 382 
TYR CE1 HE1  sing N N 383 
TYR CE2 CZ   sing Y N 384 
TYR CE2 HE2  sing N N 385 
TYR CZ  OH   sing N N 386 
TYR OH  HH   sing N N 387 
TYR OXT HXT  sing N N 388 
VAL N   CA   sing N N 389 
VAL N   H    sing N N 390 
VAL N   H2   sing N N 391 
VAL CA  C    sing N N 392 
VAL CA  CB   sing N N 393 
VAL CA  HA   sing N N 394 
VAL C   O    doub N N 395 
VAL C   OXT  sing N N 396 
VAL CB  CG1  sing N N 397 
VAL CB  CG2  sing N N 398 
VAL CB  HB   sing N N 399 
VAL CG1 HG11 sing N N 400 
VAL CG1 HG12 sing N N 401 
VAL CG1 HG13 sing N N 402 
VAL CG2 HG21 sing N N 403 
VAL CG2 HG22 sing N N 404 
VAL CG2 HG23 sing N N 405 
VAL OXT HXT  sing N N 406 
# 
loop_
_pdbx_audit_support.funding_organization 
_pdbx_audit_support.country 
_pdbx_audit_support.grant_number 
_pdbx_audit_support.ordinal 
'National Institutes of Health/National Institute of General Medical Sciences (NIH/NIGMS)' 'United States' R01GM118384      1 
'Natural Sciences and Engineering Research Council (NSERC, Canada)'                        Canada          RGPIN-2017-06862 2 
'Canada Excellence Research Chair Award'                                                   Canada          ?                3 
'National Science Foundation (NSF, United States)'                                         'United States' MCB-1616178      4 
# 
_pdbx_entity_instance_feature.ordinal        1 
_pdbx_entity_instance_feature.comp_id        QPM 
_pdbx_entity_instance_feature.asym_id        ? 
_pdbx_entity_instance_feature.seq_num        ? 
_pdbx_entity_instance_feature.auth_comp_id   QPM 
_pdbx_entity_instance_feature.auth_asym_id   ? 
_pdbx_entity_instance_feature.auth_seq_num   ? 
_pdbx_entity_instance_feature.feature_type   'SUBJECT OF INVESTIGATION' 
_pdbx_entity_instance_feature.details        ? 
# 
loop_
_pdbx_entity_nonpoly.entity_id 
_pdbx_entity_nonpoly.name 
_pdbx_entity_nonpoly.comp_id 
2 4-amino-2,2,6,6-tetramethylpiperidin-1-ol QPM 
3 water                                     HOH 
# 
_pdbx_initial_refinement_model.id               1 
_pdbx_initial_refinement_model.entity_id_list   ? 
_pdbx_initial_refinement_model.type             'experimental model' 
_pdbx_initial_refinement_model.source_name      PDB 
_pdbx_initial_refinement_model.accession_code   1P2L 
_pdbx_initial_refinement_model.details          ? 
# 
_pdbx_struct_assembly_auth_evidence.id                     1 
_pdbx_struct_assembly_auth_evidence.assembly_id            1 
_pdbx_struct_assembly_auth_evidence.experimental_support   'mass spectrometry' 
_pdbx_struct_assembly_auth_evidence.details                ? 
# 
_space_group.crystal_system   trigonal 
_space_group.name_H-M_alt     'P 32 2 1' 
_space_group.IT_number        154 
_space_group.name_Hall        
;P 32 2"
;
_space_group.id               1 
# 
